data_2N6F
#
_entry.id   2N6F
#
_entity_poly.entity_id   1
_entity_poly.type   'polypeptide(L)'
_entity_poly.pdbx_seq_one_letter_code
;GKKEKPEKKVKKSDCGEWQWSVCVPTSGDCGLGTREGTRTGAECKQTMKTQRCKIPCNWKKQFGAECKYQFQAWGECDLN
TALKTRTGSLKRALHNAECQKTVTISKPCGKLTKPKPQAESKKKKKEGKKQEKMLD
;
_entity_poly.pdbx_strand_id   A
#
# COMPACT_ATOMS: atom_id res chain seq x y z
N GLY A 1 0.22 13.94 23.32
CA GLY A 1 1.00 13.83 24.57
C GLY A 1 0.95 15.10 25.37
N LYS A 2 1.27 15.02 26.65
CA LYS A 2 1.28 16.19 27.51
C LYS A 2 2.70 16.62 27.82
N LYS A 3 3.65 15.78 27.41
CA LYS A 3 5.06 16.06 27.62
C LYS A 3 5.54 17.10 26.63
N GLU A 4 5.31 16.81 25.35
CA GLU A 4 5.71 17.69 24.24
C GLU A 4 7.22 17.78 24.12
N LYS A 5 7.66 18.52 23.10
CA LYS A 5 9.09 18.72 22.82
C LYS A 5 9.81 17.39 22.64
N PRO A 6 9.73 16.81 21.44
CA PRO A 6 10.39 15.56 21.12
C PRO A 6 11.75 15.81 20.49
N GLU A 7 12.00 15.13 19.38
CA GLU A 7 13.25 15.22 18.63
C GLU A 7 14.41 14.59 19.42
N LYS A 8 14.86 13.44 18.94
CA LYS A 8 15.90 12.69 19.60
C LYS A 8 17.25 13.40 19.49
N LYS A 9 18.19 12.97 20.32
CA LYS A 9 19.50 13.54 20.35
C LYS A 9 20.31 13.11 19.14
N VAL A 10 21.20 13.97 18.69
CA VAL A 10 22.03 13.69 17.55
C VAL A 10 23.49 14.06 17.83
N LYS A 11 24.38 13.31 17.24
CA LYS A 11 25.81 13.53 17.43
C LYS A 11 26.47 13.78 16.10
N LYS A 12 27.45 14.67 16.10
CA LYS A 12 28.22 14.94 14.91
C LYS A 12 29.18 13.80 14.63
N SER A 13 29.77 13.81 13.43
CA SER A 13 30.67 12.74 13.00
C SER A 13 29.89 11.45 12.81
N ASP A 14 28.91 11.52 11.92
CA ASP A 14 28.07 10.38 11.60
C ASP A 14 28.83 9.39 10.72
N CYS A 15 28.29 8.19 10.55
CA CYS A 15 28.99 7.17 9.80
C CYS A 15 28.38 7.08 8.41
N GLY A 16 27.07 6.88 8.36
CA GLY A 16 26.36 6.85 7.11
C GLY A 16 24.88 7.16 7.33
N GLU A 17 24.20 7.57 6.28
CA GLU A 17 22.79 7.90 6.37
C GLU A 17 21.91 6.73 6.03
N TRP A 18 20.63 6.88 6.36
CA TRP A 18 19.61 5.91 6.06
C TRP A 18 19.62 5.48 4.61
N GLN A 19 19.79 4.20 4.41
CA GLN A 19 19.73 3.62 3.10
C GLN A 19 18.50 2.77 3.00
N TRP A 20 17.68 3.05 2.03
CA TRP A 20 16.41 2.36 1.89
C TRP A 20 16.44 1.35 0.77
N SER A 21 15.88 0.20 1.06
CA SER A 21 15.74 -0.87 0.10
C SER A 21 14.36 -0.79 -0.55
N VAL A 22 14.13 -1.58 -1.56
CA VAL A 22 12.85 -1.54 -2.25
C VAL A 22 11.86 -2.51 -1.64
N CYS A 23 10.68 -1.99 -1.37
CA CYS A 23 9.62 -2.73 -0.70
C CYS A 23 9.19 -3.93 -1.49
N VAL A 24 9.05 -5.05 -0.81
CA VAL A 24 8.55 -6.25 -1.40
C VAL A 24 7.06 -6.35 -1.12
N PRO A 25 6.21 -6.14 -2.16
CA PRO A 25 4.74 -6.14 -2.00
C PRO A 25 4.21 -7.46 -1.46
N THR A 26 5.01 -8.50 -1.58
CA THR A 26 4.69 -9.83 -1.07
C THR A 26 3.87 -10.62 -2.08
N SER A 27 2.64 -10.16 -2.34
CA SER A 27 1.73 -10.81 -3.31
C SER A 27 1.29 -12.18 -2.79
N GLY A 28 -0.01 -12.35 -2.67
CA GLY A 28 -0.55 -13.60 -2.19
C GLY A 28 -1.94 -13.44 -1.69
N ASP A 29 -2.85 -13.13 -2.63
CA ASP A 29 -4.27 -12.92 -2.31
C ASP A 29 -4.41 -11.75 -1.35
N CYS A 30 -3.61 -10.71 -1.62
CA CYS A 30 -3.55 -9.50 -0.82
C CYS A 30 -2.74 -9.76 0.46
N GLY A 31 -1.44 -9.55 0.37
CA GLY A 31 -0.56 -9.77 1.49
C GLY A 31 0.23 -8.53 1.81
N LEU A 32 0.57 -8.36 3.08
CA LEU A 32 1.24 -7.14 3.51
C LEU A 32 2.73 -7.18 3.19
N GLY A 33 3.15 -6.25 2.33
CA GLY A 33 4.54 -6.15 1.97
C GLY A 33 5.32 -5.29 2.95
N THR A 34 6.64 -5.41 2.93
CA THR A 34 7.47 -4.68 3.85
C THR A 34 8.70 -4.07 3.17
N ARG A 35 9.20 -3.00 3.77
CA ARG A 35 10.39 -2.30 3.31
C ARG A 35 11.39 -2.23 4.46
N GLU A 36 12.65 -2.46 4.18
CA GLU A 36 13.65 -2.41 5.22
C GLU A 36 14.69 -1.32 4.93
N GLY A 37 14.94 -0.48 5.91
CA GLY A 37 15.93 0.54 5.76
C GLY A 37 16.93 0.43 6.87
N THR A 38 18.18 0.69 6.59
CA THR A 38 19.23 0.56 7.58
C THR A 38 20.13 1.78 7.58
N ARG A 39 20.83 2.00 8.68
CA ARG A 39 21.74 3.12 8.82
C ARG A 39 22.78 2.77 9.86
N THR A 40 23.89 3.46 9.85
CA THR A 40 24.88 3.28 10.86
C THR A 40 24.87 4.45 11.81
N GLY A 41 25.14 4.19 13.09
CA GLY A 41 25.19 5.26 14.06
C GLY A 41 26.43 6.10 13.88
N ALA A 42 26.64 7.08 14.74
CA ALA A 42 27.77 7.97 14.60
C ALA A 42 29.06 7.24 14.92
N GLU A 43 28.95 6.21 15.72
CA GLU A 43 30.07 5.39 16.09
C GLU A 43 30.11 4.13 15.22
N CYS A 44 29.36 4.19 14.12
CA CYS A 44 29.27 3.10 13.14
C CYS A 44 28.70 1.82 13.75
N LYS A 45 27.38 1.78 13.88
CA LYS A 45 26.68 0.61 14.40
C LYS A 45 25.55 0.26 13.46
N GLN A 46 25.24 -1.01 13.31
CA GLN A 46 24.20 -1.45 12.39
C GLN A 46 22.82 -1.16 12.95
N THR A 47 22.17 -0.20 12.37
CA THR A 47 20.83 0.19 12.79
C THR A 47 19.86 -0.10 11.67
N MET A 48 18.71 -0.65 12.00
CA MET A 48 17.73 -1.01 10.97
C MET A 48 16.30 -0.81 11.45
N LYS A 49 15.42 -0.60 10.49
CA LYS A 49 13.99 -0.42 10.76
C LYS A 49 13.18 -0.97 9.59
N THR A 50 12.06 -1.58 9.88
CA THR A 50 11.21 -2.15 8.87
C THR A 50 9.85 -1.45 8.82
N GLN A 51 9.36 -1.21 7.63
CA GLN A 51 8.08 -0.53 7.44
C GLN A 51 7.15 -1.45 6.66
N ARG A 52 5.84 -1.27 6.86
CA ARG A 52 4.86 -2.07 6.16
C ARG A 52 4.22 -1.23 5.07
N CYS A 53 4.22 -1.74 3.86
CA CYS A 53 3.72 -0.98 2.73
C CYS A 53 2.21 -1.27 2.54
N LYS A 54 1.66 -0.90 1.40
CA LYS A 54 0.27 -1.18 1.10
C LYS A 54 0.14 -2.08 -0.10
N ILE A 55 -0.78 -2.99 -0.02
CA ILE A 55 -0.98 -3.96 -1.08
C ILE A 55 -2.30 -3.68 -1.83
N PRO A 56 -2.23 -3.42 -3.14
CA PRO A 56 -3.42 -3.20 -3.96
C PRO A 56 -4.30 -4.44 -4.00
N CYS A 57 -5.38 -4.40 -3.26
CA CYS A 57 -6.30 -5.51 -3.19
C CYS A 57 -7.53 -5.21 -4.04
N ASN A 58 -8.22 -6.24 -4.49
CA ASN A 58 -9.41 -6.06 -5.30
C ASN A 58 -10.57 -5.55 -4.46
N TRP A 59 -11.41 -4.70 -5.06
CA TRP A 59 -12.53 -4.06 -4.37
C TRP A 59 -12.04 -3.10 -3.30
N LYS A 60 -11.85 -1.86 -3.72
CA LYS A 60 -11.33 -0.82 -2.84
C LYS A 60 -12.48 0.07 -2.37
N LYS A 61 -12.12 1.17 -1.72
CA LYS A 61 -13.11 2.13 -1.21
C LYS A 61 -13.66 3.01 -2.34
N GLN A 62 -14.13 2.39 -3.39
CA GLN A 62 -14.69 3.07 -4.53
C GLN A 62 -15.95 2.37 -4.93
N PHE A 63 -17.05 2.76 -4.33
CA PHE A 63 -18.32 2.11 -4.58
C PHE A 63 -19.01 2.67 -5.81
N GLY A 64 -18.27 3.39 -6.61
CA GLY A 64 -18.83 3.98 -7.79
C GLY A 64 -17.80 4.73 -8.62
N ALA A 65 -18.18 5.01 -9.87
CA ALA A 65 -17.34 5.75 -10.79
C ALA A 65 -18.22 6.39 -11.85
N GLU A 66 -18.66 5.61 -12.84
CA GLU A 66 -19.61 6.08 -13.82
C GLU A 66 -21.02 5.79 -13.31
N CYS A 67 -21.07 4.85 -12.39
CA CYS A 67 -22.29 4.47 -11.71
C CYS A 67 -22.62 5.54 -10.67
N LYS A 68 -23.72 5.40 -9.96
CA LYS A 68 -24.11 6.41 -8.99
C LYS A 68 -24.48 5.78 -7.67
N TYR A 69 -23.84 6.21 -6.61
CA TYR A 69 -24.05 5.67 -5.30
C TYR A 69 -24.03 6.77 -4.26
N GLN A 70 -24.90 6.68 -3.27
CA GLN A 70 -24.95 7.68 -2.22
C GLN A 70 -24.77 7.05 -0.87
N PHE A 71 -23.93 7.64 -0.04
CA PHE A 71 -23.74 7.17 1.31
C PHE A 71 -24.60 7.98 2.26
N GLN A 72 -25.31 7.32 3.12
CA GLN A 72 -26.17 8.00 4.07
C GLN A 72 -25.67 7.72 5.48
N ALA A 73 -26.09 8.53 6.40
CA ALA A 73 -25.67 8.40 7.77
C ALA A 73 -26.83 8.56 8.73
N TRP A 74 -27.26 7.43 9.30
CA TRP A 74 -28.31 7.43 10.30
C TRP A 74 -27.73 7.86 11.64
N GLY A 75 -26.43 7.70 11.77
CA GLY A 75 -25.74 8.09 12.96
C GLY A 75 -24.27 8.29 12.73
N GLU A 76 -23.64 9.05 13.60
CA GLU A 76 -22.22 9.31 13.56
C GLU A 76 -21.51 8.32 14.45
N CYS A 77 -20.30 7.94 14.05
CA CYS A 77 -19.41 7.03 14.82
C CYS A 77 -19.77 6.99 16.31
N ASP A 78 -19.99 5.79 16.82
CA ASP A 78 -20.39 5.62 18.21
C ASP A 78 -19.18 5.28 19.03
N LEU A 79 -18.75 6.19 19.85
CA LEU A 79 -17.55 5.99 20.65
C LEU A 79 -17.79 5.07 21.82
N ASN A 80 -19.05 4.93 22.21
CA ASN A 80 -19.39 4.17 23.38
C ASN A 80 -19.07 2.74 23.14
N THR A 81 -19.31 2.34 21.92
CA THR A 81 -19.05 0.98 21.50
C THR A 81 -17.79 0.94 20.65
N ALA A 82 -17.30 2.14 20.34
CA ALA A 82 -16.12 2.33 19.50
C ALA A 82 -16.38 1.77 18.11
N LEU A 83 -17.61 1.95 17.63
CA LEU A 83 -18.02 1.41 16.34
C LEU A 83 -18.63 2.45 15.46
N LYS A 84 -18.52 2.24 14.18
CA LYS A 84 -19.05 3.15 13.22
C LYS A 84 -19.76 2.39 12.12
N THR A 85 -20.91 2.87 11.73
CA THR A 85 -21.67 2.21 10.67
C THR A 85 -22.21 3.20 9.65
N ARG A 86 -22.25 2.79 8.41
CA ARG A 86 -22.72 3.64 7.31
C ARG A 86 -23.51 2.85 6.27
N THR A 87 -24.54 3.47 5.74
CA THR A 87 -25.38 2.81 4.75
C THR A 87 -25.22 3.48 3.37
N GLY A 88 -25.33 2.70 2.32
CA GLY A 88 -25.23 3.23 0.97
C GLY A 88 -26.32 2.69 0.08
N SER A 89 -26.64 3.42 -0.99
CA SER A 89 -27.69 3.01 -1.90
C SER A 89 -27.39 3.42 -3.34
N LEU A 90 -27.72 2.53 -4.28
CA LEU A 90 -27.57 2.78 -5.69
C LEU A 90 -28.55 3.87 -6.15
N LYS A 91 -28.02 4.89 -6.80
CA LYS A 91 -28.85 5.96 -7.32
C LYS A 91 -29.19 5.75 -8.79
N ARG A 92 -28.27 5.14 -9.53
CA ARG A 92 -28.50 4.85 -10.93
C ARG A 92 -27.62 3.70 -11.40
N ALA A 93 -28.19 2.84 -12.22
CA ALA A 93 -27.48 1.73 -12.79
C ALA A 93 -27.35 1.92 -14.29
N LEU A 94 -26.15 1.74 -14.80
CA LEU A 94 -25.90 1.94 -16.22
C LEU A 94 -26.03 0.63 -16.97
N HIS A 95 -25.91 0.67 -18.27
CA HIS A 95 -26.02 -0.53 -19.08
C HIS A 95 -24.75 -1.38 -19.00
N ASN A 96 -23.60 -0.75 -18.76
CA ASN A 96 -22.35 -1.51 -18.64
C ASN A 96 -21.64 -1.18 -17.34
N ALA A 97 -22.37 -0.56 -16.46
CA ALA A 97 -21.88 -0.23 -15.14
C ALA A 97 -23.01 -0.37 -14.15
N GLU A 98 -23.10 -1.55 -13.59
CA GLU A 98 -24.18 -1.88 -12.68
C GLU A 98 -23.68 -1.87 -11.24
N CYS A 99 -24.58 -1.60 -10.33
CA CYS A 99 -24.23 -1.52 -8.94
C CYS A 99 -25.22 -2.26 -8.06
N GLN A 100 -24.74 -2.63 -6.90
CA GLN A 100 -25.60 -3.14 -5.86
C GLN A 100 -26.54 -2.03 -5.42
N LYS A 101 -27.73 -2.39 -4.98
CA LYS A 101 -28.74 -1.41 -4.68
C LYS A 101 -28.53 -0.80 -3.30
N THR A 102 -28.01 -1.58 -2.38
CA THR A 102 -27.73 -1.04 -1.07
C THR A 102 -26.64 -1.80 -0.34
N VAL A 103 -25.92 -1.06 0.48
CA VAL A 103 -24.86 -1.61 1.30
C VAL A 103 -24.92 -1.12 2.71
N THR A 104 -24.60 -2.00 3.60
CA THR A 104 -24.51 -1.69 4.98
C THR A 104 -23.17 -2.16 5.48
N ILE A 105 -22.46 -1.30 6.13
CA ILE A 105 -21.15 -1.64 6.62
C ILE A 105 -20.90 -1.05 7.97
N SER A 106 -20.26 -1.84 8.81
CA SER A 106 -19.92 -1.42 10.14
C SER A 106 -18.46 -1.71 10.38
N LYS A 107 -17.73 -0.72 10.81
CA LYS A 107 -16.32 -0.86 11.05
C LYS A 107 -15.97 -0.25 12.38
N PRO A 108 -15.21 -0.98 13.21
CA PRO A 108 -14.77 -0.47 14.51
C PRO A 108 -14.15 0.92 14.36
N CYS A 109 -14.77 1.88 14.99
CA CYS A 109 -14.35 3.28 14.91
C CYS A 109 -13.12 3.51 15.79
N GLY A 110 -13.04 2.74 16.87
CA GLY A 110 -11.92 2.84 17.74
C GLY A 110 -10.79 1.94 17.30
N LYS A 111 -9.81 1.76 18.14
CA LYS A 111 -8.69 0.91 17.81
C LYS A 111 -8.03 0.40 19.07
N LEU A 112 -7.21 -0.62 18.91
CA LEU A 112 -6.47 -1.17 20.02
C LEU A 112 -5.21 -0.35 20.22
N THR A 113 -4.64 -0.40 21.41
CA THR A 113 -3.46 0.37 21.68
C THR A 113 -2.26 -0.17 20.91
N LYS A 114 -1.76 0.66 20.00
CA LYS A 114 -0.63 0.32 19.17
C LYS A 114 0.50 1.32 19.39
N PRO A 115 1.46 0.98 20.27
CA PRO A 115 2.59 1.85 20.56
C PRO A 115 3.40 2.22 19.33
N LYS A 116 3.84 3.44 19.31
CA LYS A 116 4.65 3.95 18.22
C LYS A 116 6.15 3.68 18.42
N PRO A 117 6.71 3.86 19.66
CA PRO A 117 8.11 3.62 19.92
C PRO A 117 8.36 2.16 20.30
N GLN A 118 8.89 1.39 19.38
CA GLN A 118 9.17 -0.01 19.62
C GLN A 118 10.44 -0.18 20.42
N ALA A 119 10.41 -1.14 21.34
CA ALA A 119 11.55 -1.45 22.17
C ALA A 119 12.65 -2.14 21.36
N GLU A 120 13.80 -2.40 22.00
CA GLU A 120 14.92 -3.05 21.33
C GLU A 120 14.50 -4.40 20.74
N SER A 121 13.63 -5.12 21.46
CA SER A 121 13.09 -6.40 21.00
C SER A 121 14.19 -7.44 20.82
N LYS A 122 13.86 -8.55 20.15
CA LYS A 122 14.82 -9.59 19.90
C LYS A 122 15.62 -9.28 18.65
N LYS A 123 16.91 -9.00 18.82
CA LYS A 123 17.79 -8.67 17.69
C LYS A 123 18.11 -9.92 16.86
N LYS A 124 17.64 -11.07 17.32
CA LYS A 124 17.86 -12.32 16.62
C LYS A 124 16.60 -12.73 15.88
N LYS A 125 15.78 -11.75 15.54
CA LYS A 125 14.53 -12.00 14.80
C LYS A 125 14.83 -12.65 13.45
N LYS A 126 15.93 -12.24 12.85
CA LYS A 126 16.37 -12.80 11.59
C LYS A 126 17.78 -13.33 11.73
N GLU A 127 18.04 -14.46 11.13
CA GLU A 127 19.35 -15.09 11.21
C GLU A 127 20.35 -14.36 10.31
N GLY A 128 21.42 -13.89 10.91
CA GLY A 128 22.44 -13.21 10.16
C GLY A 128 23.81 -13.73 10.47
N LYS A 129 24.74 -13.49 9.58
CA LYS A 129 26.10 -13.94 9.77
C LYS A 129 26.95 -12.82 10.31
N LYS A 130 27.18 -12.82 11.61
CA LYS A 130 28.02 -11.84 12.21
C LYS A 130 29.47 -12.16 11.93
N GLN A 131 30.11 -11.30 11.16
CA GLN A 131 31.48 -11.50 10.73
C GLN A 131 32.47 -11.42 11.88
N GLU A 132 33.47 -12.32 11.84
CA GLU A 132 34.57 -12.40 12.83
C GLU A 132 34.08 -12.30 14.28
N LYS A 133 32.91 -12.90 14.53
CA LYS A 133 32.30 -12.93 15.85
C LYS A 133 31.95 -11.53 16.34
N MET A 134 32.89 -10.92 16.99
CA MET A 134 32.74 -9.56 17.50
C MET A 134 34.08 -8.84 17.48
N LEU A 135 34.98 -9.36 16.63
CA LEU A 135 36.34 -8.83 16.51
C LEU A 135 37.13 -9.07 17.78
N ASP A 136 37.73 -10.24 17.84
CA ASP A 136 38.55 -10.65 18.97
C ASP A 136 39.37 -11.86 18.57
N GLY A 1 14.58 39.97 12.24
CA GLY A 1 15.78 39.73 11.41
C GLY A 1 16.31 38.33 11.58
N LYS A 2 17.43 38.04 10.96
CA LYS A 2 18.02 36.71 11.05
C LYS A 2 19.23 36.72 11.98
N LYS A 3 19.75 37.89 12.28
CA LYS A 3 20.90 38.00 13.16
C LYS A 3 20.55 38.68 14.46
N GLU A 4 20.18 37.91 15.46
CA GLU A 4 19.93 38.44 16.78
C GLU A 4 21.01 37.92 17.72
N LYS A 5 21.11 36.60 17.77
CA LYS A 5 22.14 35.94 18.55
C LYS A 5 22.53 34.60 17.88
N PRO A 6 23.24 34.67 16.76
CA PRO A 6 23.65 33.50 16.01
C PRO A 6 24.95 32.91 16.53
N GLU A 7 25.81 32.53 15.61
CA GLU A 7 27.09 31.91 15.94
C GLU A 7 26.89 30.60 16.68
N LYS A 8 26.56 29.56 15.93
CA LYS A 8 26.33 28.24 16.48
C LYS A 8 26.36 27.20 15.36
N LYS A 9 25.28 27.16 14.58
CA LYS A 9 25.13 26.22 13.44
C LYS A 9 25.02 24.77 13.89
N VAL A 10 24.11 24.06 13.30
CA VAL A 10 23.88 22.66 13.63
C VAL A 10 24.48 21.75 12.56
N LYS A 11 25.00 20.63 12.99
CA LYS A 11 25.61 19.67 12.09
C LYS A 11 25.41 18.23 12.60
N LYS A 12 24.39 17.57 12.10
CA LYS A 12 24.10 16.20 12.51
C LYS A 12 23.88 15.30 11.30
N SER A 13 24.94 15.07 10.56
CA SER A 13 24.90 14.19 9.41
C SER A 13 26.02 13.16 9.55
N ASP A 14 26.37 12.95 10.80
CA ASP A 14 27.46 12.07 11.19
C ASP A 14 27.08 10.60 11.08
N CYS A 15 28.08 9.78 10.73
CA CYS A 15 28.01 8.33 10.73
C CYS A 15 27.59 7.82 9.36
N GLY A 16 26.33 7.93 9.06
CA GLY A 16 25.83 7.53 7.78
C GLY A 16 24.35 7.79 7.69
N GLU A 17 23.78 7.59 6.53
CA GLU A 17 22.38 7.79 6.33
C GLU A 17 21.65 6.50 6.15
N TRP A 18 20.36 6.58 6.26
CA TRP A 18 19.49 5.49 6.01
C TRP A 18 19.55 5.06 4.54
N GLN A 19 19.75 3.77 4.34
CA GLN A 19 19.75 3.18 3.02
C GLN A 19 18.32 2.82 2.67
N TRP A 20 17.91 3.08 1.47
CA TRP A 20 16.54 2.86 1.09
C TRP A 20 16.37 1.70 0.15
N SER A 21 15.54 0.77 0.55
CA SER A 21 15.24 -0.40 -0.26
C SER A 21 13.83 -0.28 -0.82
N VAL A 22 13.48 -1.13 -1.77
CA VAL A 22 12.15 -1.07 -2.35
C VAL A 22 11.23 -2.06 -1.68
N CYS A 23 9.95 -1.76 -1.70
CA CYS A 23 8.94 -2.58 -1.05
C CYS A 23 8.80 -3.93 -1.75
N VAL A 24 8.84 -4.98 -0.97
CA VAL A 24 8.64 -6.31 -1.47
C VAL A 24 7.29 -6.86 -1.01
N PRO A 25 6.32 -7.02 -1.92
CA PRO A 25 5.00 -7.53 -1.59
C PRO A 25 5.05 -9.00 -1.21
N THR A 26 4.07 -9.44 -0.46
CA THR A 26 3.99 -10.81 -0.03
C THR A 26 3.19 -11.63 -1.04
N SER A 27 2.31 -10.95 -1.75
CA SER A 27 1.49 -11.60 -2.75
C SER A 27 0.94 -10.57 -3.75
N GLY A 28 0.97 -10.93 -5.02
CA GLY A 28 0.43 -10.08 -6.06
C GLY A 28 -1.07 -10.04 -5.98
N ASP A 29 -1.66 -11.10 -5.44
CA ASP A 29 -3.10 -11.19 -5.25
C ASP A 29 -3.50 -10.44 -3.99
N CYS A 30 -3.08 -9.19 -3.94
CA CYS A 30 -3.33 -8.30 -2.79
C CYS A 30 -2.73 -8.87 -1.52
N GLY A 31 -1.48 -8.54 -1.27
CA GLY A 31 -0.80 -9.06 -0.11
C GLY A 31 0.14 -8.03 0.47
N LEU A 32 0.22 -8.00 1.79
CA LEU A 32 1.05 -7.03 2.50
C LEU A 32 2.51 -7.13 2.08
N GLY A 33 3.24 -6.06 2.16
CA GLY A 33 4.62 -6.08 1.77
C GLY A 33 5.48 -5.38 2.79
N THR A 34 6.78 -5.47 2.65
CA THR A 34 7.66 -4.84 3.62
C THR A 34 8.81 -4.11 2.93
N ARG A 35 9.34 -3.11 3.63
CA ARG A 35 10.49 -2.35 3.17
C ARG A 35 11.40 -2.14 4.36
N GLU A 36 12.70 -2.21 4.15
CA GLU A 36 13.65 -2.08 5.24
C GLU A 36 14.74 -1.06 4.93
N GLY A 37 14.97 -0.16 5.85
CA GLY A 37 16.01 0.82 5.69
C GLY A 37 17.00 0.68 6.82
N THR A 38 18.27 0.93 6.55
CA THR A 38 19.29 0.77 7.57
C THR A 38 20.25 1.93 7.58
N ARG A 39 20.87 2.18 8.70
CA ARG A 39 21.84 3.25 8.82
C ARG A 39 23.16 2.60 9.18
N THR A 40 24.26 3.24 8.87
CA THR A 40 25.56 2.64 9.11
C THR A 40 26.60 3.70 9.34
N GLY A 41 27.70 3.30 9.92
CA GLY A 41 28.77 4.22 10.20
C GLY A 41 29.75 3.58 11.15
N ALA A 42 30.73 4.32 11.62
CA ALA A 42 31.72 3.77 12.51
C ALA A 42 31.15 3.54 13.91
N GLU A 43 30.22 4.40 14.33
CA GLU A 43 29.62 4.28 15.65
C GLU A 43 28.20 3.73 15.57
N CYS A 44 27.75 3.44 14.39
CA CYS A 44 26.38 2.97 14.19
C CYS A 44 26.32 1.45 14.06
N LYS A 45 25.65 0.82 15.01
CA LYS A 45 25.41 -0.61 14.97
C LYS A 45 23.98 -0.90 15.38
N GLN A 46 23.37 -1.87 14.69
CA GLN A 46 21.98 -2.25 14.93
C GLN A 46 21.03 -1.10 14.64
N THR A 47 21.50 -0.14 13.86
CA THR A 47 20.70 0.98 13.46
C THR A 47 19.89 0.59 12.24
N MET A 48 18.83 -0.14 12.49
CA MET A 48 18.00 -0.67 11.42
C MET A 48 16.53 -0.46 11.73
N LYS A 49 15.73 -0.37 10.67
CA LYS A 49 14.30 -0.22 10.82
C LYS A 49 13.57 -0.88 9.67
N THR A 50 12.58 -1.67 9.98
CA THR A 50 11.79 -2.35 8.98
C THR A 50 10.35 -1.86 9.07
N GLN A 51 9.73 -1.62 7.94
CA GLN A 51 8.38 -1.09 7.90
C GLN A 51 7.51 -1.90 6.96
N ARG A 52 6.22 -1.91 7.23
CA ARG A 52 5.27 -2.58 6.36
C ARG A 52 4.87 -1.62 5.26
N CYS A 53 4.94 -2.06 4.04
CA CYS A 53 4.66 -1.19 2.92
C CYS A 53 3.21 -1.37 2.48
N LYS A 54 2.80 -0.60 1.48
CA LYS A 54 1.42 -0.61 1.02
C LYS A 54 1.31 -1.18 -0.38
N ILE A 55 0.27 -1.94 -0.59
CA ILE A 55 0.00 -2.55 -1.88
C ILE A 55 -1.39 -2.16 -2.38
N PRO A 56 -1.47 -1.51 -3.55
CA PRO A 56 -2.74 -1.11 -4.14
C PRO A 56 -3.52 -2.32 -4.65
N CYS A 57 -4.47 -2.78 -3.86
CA CYS A 57 -5.30 -3.90 -4.23
C CYS A 57 -6.42 -3.43 -5.14
N ASN A 58 -6.39 -3.89 -6.38
CA ASN A 58 -7.40 -3.50 -7.35
C ASN A 58 -8.63 -4.36 -7.24
N TRP A 59 -9.77 -3.71 -7.15
CA TRP A 59 -11.08 -4.34 -7.09
C TRP A 59 -11.17 -5.39 -5.99
N LYS A 60 -11.13 -4.93 -4.75
CA LYS A 60 -11.26 -5.80 -3.60
C LYS A 60 -12.73 -5.89 -3.19
N LYS A 61 -13.51 -5.00 -3.76
CA LYS A 61 -14.94 -4.92 -3.50
C LYS A 61 -15.65 -6.17 -4.01
N GLN A 62 -16.18 -6.94 -3.08
CA GLN A 62 -16.84 -8.19 -3.40
C GLN A 62 -18.05 -8.38 -2.52
N PHE A 63 -18.59 -7.28 -2.02
CA PHE A 63 -19.77 -7.26 -1.15
C PHE A 63 -19.45 -7.70 0.28
N GLY A 64 -18.57 -8.64 0.38
CA GLY A 64 -18.17 -9.15 1.67
C GLY A 64 -16.83 -9.84 1.60
N ALA A 65 -15.93 -9.50 2.51
CA ALA A 65 -14.61 -10.09 2.54
C ALA A 65 -14.42 -10.94 3.78
N GLU A 66 -14.22 -10.28 4.92
CA GLU A 66 -14.04 -10.99 6.19
C GLU A 66 -15.36 -11.11 6.92
N CYS A 67 -16.30 -10.25 6.57
CA CYS A 67 -17.61 -10.29 7.16
C CYS A 67 -18.45 -11.30 6.44
N LYS A 68 -19.50 -11.73 7.08
CA LYS A 68 -20.37 -12.71 6.50
C LYS A 68 -21.80 -12.25 6.61
N TYR A 69 -22.50 -12.25 5.51
CA TYR A 69 -23.86 -11.80 5.48
C TYR A 69 -24.80 -12.97 5.29
N GLN A 70 -25.77 -13.08 6.14
CA GLN A 70 -26.77 -14.10 6.03
C GLN A 70 -28.00 -13.47 5.41
N PHE A 71 -28.38 -13.95 4.25
CA PHE A 71 -29.49 -13.38 3.53
C PHE A 71 -30.75 -14.20 3.74
N GLN A 72 -31.87 -13.52 3.79
CA GLN A 72 -33.13 -14.17 3.89
C GLN A 72 -33.64 -14.43 2.48
N ALA A 73 -34.60 -15.34 2.37
CA ALA A 73 -35.13 -15.78 1.08
C ALA A 73 -34.12 -16.65 0.35
N TRP A 74 -34.49 -17.90 0.12
CA TRP A 74 -33.60 -18.86 -0.52
C TRP A 74 -33.79 -18.81 -2.04
N GLY A 75 -34.73 -17.99 -2.46
CA GLY A 75 -35.06 -17.88 -3.86
C GLY A 75 -35.12 -16.44 -4.31
N GLU A 76 -34.62 -16.19 -5.50
CA GLU A 76 -34.64 -14.87 -6.05
C GLU A 76 -35.65 -14.83 -7.18
N CYS A 77 -36.38 -13.73 -7.28
CA CYS A 77 -37.42 -13.53 -8.29
C CYS A 77 -38.69 -14.23 -7.90
N ASP A 78 -39.62 -13.46 -7.41
CA ASP A 78 -40.91 -13.96 -7.02
C ASP A 78 -41.78 -14.05 -8.24
N LEU A 79 -42.08 -15.25 -8.61
CA LEU A 79 -42.79 -15.52 -9.84
C LEU A 79 -44.19 -14.96 -9.86
N ASN A 80 -44.80 -14.91 -8.71
CA ASN A 80 -46.15 -14.38 -8.64
C ASN A 80 -46.16 -12.88 -8.74
N THR A 81 -45.08 -12.24 -8.32
CA THR A 81 -45.06 -10.78 -8.31
C THR A 81 -44.21 -10.20 -9.44
N ALA A 82 -43.50 -11.07 -10.12
CA ALA A 82 -42.55 -10.69 -11.17
C ALA A 82 -41.48 -9.76 -10.60
N LEU A 83 -41.26 -9.87 -9.31
CA LEU A 83 -40.29 -9.02 -8.60
C LEU A 83 -39.34 -9.85 -7.77
N LYS A 84 -38.13 -9.38 -7.60
CA LYS A 84 -37.16 -10.09 -6.77
C LYS A 84 -36.69 -9.21 -5.64
N THR A 85 -36.63 -9.76 -4.46
CA THR A 85 -36.25 -9.02 -3.29
C THR A 85 -35.31 -9.87 -2.44
N ARG A 86 -34.27 -9.26 -1.92
CA ARG A 86 -33.31 -9.97 -1.09
C ARG A 86 -32.88 -9.08 0.08
N THR A 87 -32.82 -9.67 1.25
CA THR A 87 -32.39 -8.95 2.43
C THR A 87 -31.29 -9.74 3.13
N GLY A 88 -30.23 -9.06 3.53
CA GLY A 88 -29.15 -9.73 4.19
C GLY A 88 -28.67 -8.96 5.38
N SER A 89 -28.12 -9.66 6.35
CA SER A 89 -27.65 -9.02 7.55
C SER A 89 -26.35 -9.63 8.05
N LEU A 90 -25.52 -8.78 8.63
CA LEU A 90 -24.28 -9.20 9.20
C LEU A 90 -24.55 -9.52 10.67
N LYS A 91 -24.26 -10.74 11.07
CA LYS A 91 -24.58 -11.19 12.42
C LYS A 91 -23.40 -11.09 13.37
N ARG A 92 -22.21 -10.89 12.82
CA ARG A 92 -21.02 -10.73 13.63
C ARG A 92 -19.92 -10.06 12.84
N ALA A 93 -19.28 -9.09 13.44
CA ALA A 93 -18.21 -8.38 12.79
C ALA A 93 -16.91 -8.66 13.50
N LEU A 94 -15.83 -8.66 12.77
CA LEU A 94 -14.53 -8.94 13.34
C LEU A 94 -13.93 -7.68 13.91
N HIS A 95 -12.82 -7.82 14.62
CA HIS A 95 -12.16 -6.67 15.22
C HIS A 95 -11.37 -5.92 14.17
N ASN A 96 -11.10 -6.58 13.06
CA ASN A 96 -10.36 -5.97 11.97
C ASN A 96 -11.23 -5.96 10.69
N ALA A 97 -12.51 -5.72 10.89
CA ALA A 97 -13.47 -5.70 9.79
C ALA A 97 -14.71 -4.90 10.14
N GLU A 98 -15.02 -3.90 9.33
CA GLU A 98 -16.20 -3.06 9.54
C GLU A 98 -17.25 -3.32 8.47
N CYS A 99 -18.44 -3.69 8.90
CA CYS A 99 -19.51 -3.99 7.98
C CYS A 99 -20.87 -3.59 8.53
N GLN A 100 -21.76 -3.21 7.61
CA GLN A 100 -23.11 -2.81 7.94
C GLN A 100 -23.93 -3.99 8.43
N LYS A 101 -24.93 -3.71 9.25
CA LYS A 101 -25.72 -4.73 9.88
C LYS A 101 -26.66 -5.36 8.89
N THR A 102 -27.19 -4.59 7.95
CA THR A 102 -28.08 -5.16 6.98
C THR A 102 -28.16 -4.38 5.68
N VAL A 103 -28.39 -5.13 4.62
CA VAL A 103 -28.59 -4.60 3.28
C VAL A 103 -29.82 -5.19 2.64
N THR A 104 -30.55 -4.36 1.96
CA THR A 104 -31.75 -4.77 1.30
C THR A 104 -31.73 -4.29 -0.16
N ILE A 105 -32.07 -5.17 -1.07
CA ILE A 105 -32.13 -4.84 -2.49
C ILE A 105 -33.39 -5.43 -3.11
N SER A 106 -34.11 -4.61 -3.86
CA SER A 106 -35.34 -5.05 -4.51
C SER A 106 -35.32 -4.63 -5.97
N LYS A 107 -35.52 -5.57 -6.87
CA LYS A 107 -35.50 -5.28 -8.29
C LYS A 107 -36.66 -5.94 -9.03
N PRO A 108 -37.28 -5.23 -9.96
CA PRO A 108 -38.32 -5.80 -10.81
C PRO A 108 -37.74 -6.93 -11.67
N CYS A 109 -38.31 -8.10 -11.55
CA CYS A 109 -37.81 -9.27 -12.25
C CYS A 109 -38.34 -9.30 -13.69
N GLY A 110 -37.92 -10.30 -14.45
CA GLY A 110 -38.33 -10.39 -15.83
C GLY A 110 -37.33 -9.71 -16.74
N LYS A 111 -36.94 -8.51 -16.36
CA LYS A 111 -35.97 -7.75 -17.10
C LYS A 111 -34.56 -8.14 -16.70
N LEU A 112 -33.86 -8.76 -17.64
CA LEU A 112 -32.47 -9.19 -17.44
C LEU A 112 -32.34 -10.17 -16.27
N THR A 113 -32.53 -11.44 -16.54
CA THR A 113 -32.40 -12.46 -15.54
C THR A 113 -30.97 -13.00 -15.54
N LYS A 114 -30.30 -12.92 -14.41
CA LYS A 114 -28.93 -13.40 -14.31
C LYS A 114 -28.60 -13.83 -12.88
N PRO A 115 -28.84 -15.10 -12.55
CA PRO A 115 -28.52 -15.65 -11.24
C PRO A 115 -27.03 -15.72 -11.01
N LYS A 116 -26.62 -15.52 -9.78
CA LYS A 116 -25.24 -15.68 -9.41
C LYS A 116 -25.11 -16.14 -7.96
N PRO A 117 -25.69 -17.34 -7.62
CA PRO A 117 -25.55 -17.93 -6.28
C PRO A 117 -24.08 -18.23 -5.95
N GLN A 118 -23.42 -17.26 -5.36
CA GLN A 118 -22.02 -17.40 -5.01
C GLN A 118 -21.89 -17.86 -3.56
N ALA A 119 -22.86 -17.48 -2.75
CA ALA A 119 -22.90 -17.88 -1.36
C ALA A 119 -23.19 -19.37 -1.23
N GLU A 120 -22.15 -20.13 -1.00
CA GLU A 120 -22.27 -21.57 -0.90
C GLU A 120 -22.36 -22.03 0.55
N SER A 121 -23.34 -22.86 0.83
CA SER A 121 -23.54 -23.41 2.15
C SER A 121 -23.63 -24.94 2.05
N LYS A 122 -24.13 -25.57 3.12
CA LYS A 122 -24.33 -27.04 3.16
C LYS A 122 -23.03 -27.83 3.33
N LYS A 123 -21.90 -27.14 3.38
CA LYS A 123 -20.62 -27.83 3.57
C LYS A 123 -20.35 -28.08 5.06
N LYS A 124 -21.28 -27.64 5.89
CA LYS A 124 -21.20 -27.89 7.32
C LYS A 124 -22.32 -28.83 7.72
N LYS A 125 -22.00 -29.80 8.55
CA LYS A 125 -22.99 -30.77 9.02
C LYS A 125 -23.89 -30.10 10.04
N LYS A 126 -23.38 -29.07 10.68
CA LYS A 126 -24.13 -28.31 11.64
C LYS A 126 -24.58 -27.01 11.00
N GLU A 127 -25.83 -26.66 11.22
CA GLU A 127 -26.37 -25.44 10.71
C GLU A 127 -27.34 -24.84 11.71
N GLY A 128 -27.35 -23.53 11.78
CA GLY A 128 -28.17 -22.84 12.73
C GLY A 128 -27.52 -21.56 13.17
N LYS A 129 -27.77 -20.51 12.43
CA LYS A 129 -27.21 -19.20 12.72
C LYS A 129 -28.21 -18.39 13.53
N LYS A 130 -29.06 -19.09 14.26
CA LYS A 130 -30.10 -18.48 15.02
C LYS A 130 -29.58 -17.96 16.36
N GLN A 131 -29.45 -16.66 16.46
CA GLN A 131 -29.05 -16.02 17.69
C GLN A 131 -30.03 -14.91 18.00
N GLU A 132 -31.01 -15.21 18.82
CA GLU A 132 -32.06 -14.26 19.15
C GLU A 132 -31.92 -13.71 20.56
N LYS A 133 -32.84 -12.85 20.93
CA LYS A 133 -32.86 -12.23 22.24
C LYS A 133 -33.19 -13.26 23.33
N MET A 134 -32.42 -13.23 24.41
CA MET A 134 -32.67 -14.10 25.54
C MET A 134 -33.53 -13.38 26.56
N LEU A 135 -34.82 -13.73 26.57
CA LEU A 135 -35.82 -13.11 27.45
C LEU A 135 -36.13 -11.67 27.03
N ASP A 136 -37.39 -11.34 27.01
CA ASP A 136 -37.83 -10.01 26.61
C ASP A 136 -38.75 -9.43 27.66
N GLY A 1 41.74 3.45 -15.97
CA GLY A 1 42.27 2.14 -16.42
C GLY A 1 41.53 0.99 -15.79
N LYS A 2 42.14 0.37 -14.79
CA LYS A 2 41.52 -0.73 -14.09
C LYS A 2 40.49 -0.20 -13.12
N LYS A 3 39.23 -0.46 -13.41
CA LYS A 3 38.13 0.01 -12.58
C LYS A 3 38.19 -0.63 -11.19
N GLU A 4 38.54 0.18 -10.22
CA GLU A 4 38.67 -0.28 -8.85
C GLU A 4 37.36 -0.04 -8.08
N LYS A 5 36.24 -0.20 -8.79
CA LYS A 5 34.90 0.02 -8.25
C LYS A 5 34.71 1.49 -7.86
N PRO A 6 34.49 2.36 -8.86
CA PRO A 6 34.30 3.77 -8.63
C PRO A 6 32.84 4.14 -8.46
N GLU A 7 32.21 4.36 -9.55
CA GLU A 7 30.81 4.76 -9.59
C GLU A 7 29.87 3.55 -9.62
N LYS A 8 28.64 3.80 -9.16
CA LYS A 8 27.56 2.80 -9.12
C LYS A 8 27.77 1.76 -8.02
N LYS A 9 28.97 1.20 -7.95
CA LYS A 9 29.28 0.25 -6.94
C LYS A 9 30.26 0.82 -5.96
N VAL A 10 29.76 1.17 -4.80
CA VAL A 10 30.57 1.80 -3.79
C VAL A 10 31.22 0.76 -2.88
N LYS A 11 32.35 1.13 -2.32
CA LYS A 11 33.09 0.28 -1.42
C LYS A 11 32.49 0.31 -0.02
N LYS A 12 32.39 -0.86 0.60
CA LYS A 12 31.82 -1.00 1.93
C LYS A 12 30.39 -0.46 2.03
N SER A 13 29.42 -1.35 1.84
CA SER A 13 28.02 -0.97 1.92
C SER A 13 27.60 -0.83 3.37
N ASP A 14 28.47 -1.26 4.22
CA ASP A 14 28.29 -1.21 5.63
C ASP A 14 28.78 0.13 6.17
N CYS A 15 28.15 0.60 7.26
CA CYS A 15 28.46 1.90 7.86
C CYS A 15 28.00 3.03 6.95
N GLY A 16 26.73 3.36 7.02
CA GLY A 16 26.20 4.42 6.20
C GLY A 16 24.85 4.89 6.68
N GLU A 17 24.35 5.94 6.06
CA GLU A 17 23.06 6.50 6.40
C GLU A 17 21.95 5.65 5.86
N TRP A 18 20.73 5.97 6.26
CA TRP A 18 19.57 5.21 5.89
C TRP A 18 19.54 4.87 4.41
N GLN A 19 19.53 3.59 4.14
CA GLN A 19 19.41 3.06 2.81
C GLN A 19 18.08 2.35 2.73
N TRP A 20 17.20 2.84 1.91
CA TRP A 20 15.88 2.27 1.82
C TRP A 20 15.75 1.37 0.61
N SER A 21 15.09 0.26 0.80
CA SER A 21 14.85 -0.69 -0.25
C SER A 21 13.41 -0.51 -0.74
N VAL A 22 13.07 -1.19 -1.81
CA VAL A 22 11.75 -1.06 -2.38
C VAL A 22 10.83 -2.11 -1.78
N CYS A 23 9.58 -1.77 -1.67
CA CYS A 23 8.59 -2.63 -1.05
C CYS A 23 8.41 -3.93 -1.81
N VAL A 24 8.51 -5.03 -1.10
CA VAL A 24 8.30 -6.34 -1.68
C VAL A 24 6.95 -6.87 -1.21
N PRO A 25 6.00 -7.04 -2.14
CA PRO A 25 4.63 -7.47 -1.80
C PRO A 25 4.59 -8.85 -1.15
N THR A 26 3.63 -9.04 -0.27
CA THR A 26 3.46 -10.31 0.40
C THR A 26 2.56 -11.20 -0.45
N SER A 27 1.70 -10.57 -1.22
CA SER A 27 0.77 -11.26 -2.06
C SER A 27 0.48 -10.39 -3.29
N GLY A 28 0.50 -11.00 -4.46
CA GLY A 28 0.22 -10.26 -5.68
C GLY A 28 -1.22 -9.87 -5.77
N ASP A 29 -2.08 -10.69 -5.17
CA ASP A 29 -3.50 -10.42 -5.13
C ASP A 29 -3.77 -9.22 -4.24
N CYS A 30 -3.04 -9.18 -3.10
CA CYS A 30 -3.11 -8.09 -2.09
C CYS A 30 -2.45 -8.51 -0.80
N GLY A 31 -1.17 -8.20 -0.67
CA GLY A 31 -0.45 -8.55 0.54
C GLY A 31 0.51 -7.47 0.93
N LEU A 32 0.33 -6.91 2.12
CA LEU A 32 1.14 -5.81 2.61
C LEU A 32 2.63 -6.13 2.56
N GLY A 33 3.33 -5.40 1.71
CA GLY A 33 4.75 -5.63 1.54
C GLY A 33 5.58 -4.96 2.60
N THR A 34 6.87 -5.20 2.55
CA THR A 34 7.79 -4.64 3.53
C THR A 34 9.06 -4.09 2.89
N ARG A 35 9.67 -3.13 3.58
CA ARG A 35 10.93 -2.54 3.17
C ARG A 35 11.87 -2.48 4.37
N GLU A 36 13.16 -2.65 4.13
CA GLU A 36 14.15 -2.63 5.20
C GLU A 36 15.18 -1.53 4.98
N GLY A 37 15.45 -0.75 6.01
CA GLY A 37 16.42 0.31 5.92
C GLY A 37 17.44 0.21 7.06
N THR A 38 18.65 0.67 6.83
CA THR A 38 19.70 0.60 7.85
C THR A 38 20.39 1.96 8.04
N ARG A 39 20.86 2.23 9.26
CA ARG A 39 21.53 3.48 9.60
C ARG A 39 22.81 3.19 10.36
N THR A 40 23.72 4.15 10.42
CA THR A 40 24.95 3.96 11.14
C THR A 40 25.02 4.87 12.34
N GLY A 41 25.92 4.52 13.22
CA GLY A 41 26.17 5.31 14.41
C GLY A 41 27.53 5.92 14.33
N ALA A 42 27.97 6.58 15.39
CA ALA A 42 29.29 7.20 15.40
C ALA A 42 30.37 6.14 15.38
N GLU A 43 30.06 4.98 15.97
CA GLU A 43 30.97 3.84 16.01
C GLU A 43 30.56 2.84 14.96
N CYS A 44 29.55 3.20 14.16
CA CYS A 44 28.96 2.30 13.19
C CYS A 44 28.38 1.08 13.88
N LYS A 45 27.28 1.29 14.60
CA LYS A 45 26.65 0.22 15.33
C LYS A 45 25.59 -0.47 14.48
N GLN A 46 25.17 0.22 13.43
CA GLN A 46 24.18 -0.29 12.49
C GLN A 46 22.81 -0.47 13.11
N THR A 47 21.96 0.49 12.83
CA THR A 47 20.60 0.48 13.30
C THR A 47 19.71 0.05 12.14
N MET A 48 18.67 -0.71 12.42
CA MET A 48 17.80 -1.18 11.37
C MET A 48 16.38 -0.71 11.58
N LYS A 49 15.66 -0.58 10.49
CA LYS A 49 14.27 -0.19 10.52
C LYS A 49 13.53 -0.97 9.45
N THR A 50 12.37 -1.48 9.77
CA THR A 50 11.58 -2.22 8.81
C THR A 50 10.17 -1.68 8.81
N GLN A 51 9.61 -1.50 7.64
CA GLN A 51 8.29 -0.93 7.53
C GLN A 51 7.43 -1.72 6.58
N ARG A 52 6.14 -1.68 6.84
CA ARG A 52 5.17 -2.36 6.02
C ARG A 52 4.52 -1.35 5.13
N CYS A 53 4.51 -1.62 3.86
CA CYS A 53 4.01 -0.67 2.89
C CYS A 53 2.53 -0.95 2.65
N LYS A 54 1.85 -0.07 1.94
CA LYS A 54 0.42 -0.23 1.72
C LYS A 54 0.10 -0.47 0.27
N ILE A 55 -0.82 -1.37 0.05
CA ILE A 55 -1.26 -1.73 -1.29
C ILE A 55 -2.70 -1.25 -1.52
N PRO A 56 -2.95 -0.57 -2.65
CA PRO A 56 -4.28 -0.02 -2.98
C PRO A 56 -5.41 -1.05 -2.89
N CYS A 57 -5.25 -2.17 -3.61
CA CYS A 57 -6.25 -3.25 -3.65
C CYS A 57 -7.47 -2.88 -4.48
N ASN A 58 -8.05 -1.72 -4.20
CA ASN A 58 -9.23 -1.26 -4.91
C ASN A 58 -8.87 -0.75 -6.29
N TRP A 59 -9.64 -1.19 -7.29
CA TRP A 59 -9.47 -0.78 -8.68
C TRP A 59 -8.04 -1.00 -9.19
N LYS A 60 -7.47 -2.15 -8.86
CA LYS A 60 -6.14 -2.49 -9.31
C LYS A 60 -6.17 -3.16 -10.69
N LYS A 61 -7.35 -3.20 -11.28
CA LYS A 61 -7.50 -3.74 -12.62
C LYS A 61 -7.13 -2.69 -13.66
N GLN A 62 -6.30 -3.09 -14.60
CA GLN A 62 -5.81 -2.21 -15.64
C GLN A 62 -5.24 -3.05 -16.75
N PHE A 63 -5.74 -2.88 -17.94
CA PHE A 63 -5.26 -3.66 -19.04
C PHE A 63 -3.87 -3.21 -19.45
N GLY A 64 -2.95 -4.15 -19.57
CA GLY A 64 -1.59 -3.84 -19.94
C GLY A 64 -1.07 -4.80 -20.97
N ALA A 65 0.12 -4.52 -21.49
CA ALA A 65 0.71 -5.37 -22.51
C ALA A 65 2.17 -5.70 -22.21
N GLU A 66 2.69 -5.20 -21.09
CA GLU A 66 4.07 -5.49 -20.71
C GLU A 66 4.17 -6.84 -20.03
N CYS A 67 3.06 -7.30 -19.51
CA CYS A 67 2.97 -8.61 -18.92
C CYS A 67 2.34 -9.56 -19.95
N LYS A 68 2.11 -10.80 -19.59
CA LYS A 68 1.52 -11.72 -20.53
C LYS A 68 0.33 -12.44 -19.90
N TYR A 69 -0.68 -12.66 -20.72
CA TYR A 69 -1.89 -13.29 -20.25
C TYR A 69 -2.15 -14.59 -20.94
N GLN A 70 -2.84 -15.46 -20.24
CA GLN A 70 -3.24 -16.74 -20.77
C GLN A 70 -4.74 -16.86 -20.63
N PHE A 71 -5.43 -17.01 -21.75
CA PHE A 71 -6.88 -17.10 -21.72
C PHE A 71 -7.33 -18.56 -21.73
N GLN A 72 -8.29 -18.85 -20.89
CA GLN A 72 -8.81 -20.19 -20.75
C GLN A 72 -10.23 -20.28 -21.30
N ALA A 73 -10.65 -21.48 -21.56
CA ALA A 73 -11.97 -21.73 -22.08
C ALA A 73 -12.71 -22.70 -21.18
N TRP A 74 -13.37 -22.17 -20.18
CA TRP A 74 -14.13 -23.01 -19.26
C TRP A 74 -15.54 -23.21 -19.80
N GLY A 75 -15.97 -22.28 -20.64
CA GLY A 75 -17.26 -22.35 -21.27
C GLY A 75 -17.32 -21.45 -22.47
N GLU A 76 -17.53 -22.03 -23.64
CA GLU A 76 -17.60 -21.27 -24.85
C GLU A 76 -19.05 -20.97 -25.20
N CYS A 77 -19.39 -19.69 -25.18
CA CYS A 77 -20.77 -19.24 -25.42
C CYS A 77 -21.75 -19.80 -24.39
N ASP A 78 -22.11 -18.97 -23.44
CA ASP A 78 -23.08 -19.34 -22.43
C ASP A 78 -24.42 -19.44 -23.09
N LEU A 79 -24.92 -20.64 -23.16
CA LEU A 79 -26.17 -20.92 -23.85
C LEU A 79 -27.35 -20.35 -23.12
N ASN A 80 -27.21 -20.24 -21.83
CA ASN A 80 -28.27 -19.73 -21.01
C ASN A 80 -28.53 -18.28 -21.35
N THR A 81 -27.47 -17.54 -21.60
CA THR A 81 -27.65 -16.11 -21.88
C THR A 81 -27.43 -15.79 -23.36
N ALA A 82 -26.84 -16.75 -24.05
CA ALA A 82 -26.55 -16.64 -25.48
C ALA A 82 -25.45 -15.60 -25.69
N LEU A 83 -24.48 -15.63 -24.78
CA LEU A 83 -23.37 -14.71 -24.78
C LEU A 83 -22.07 -15.46 -24.79
N LYS A 84 -20.99 -14.79 -25.02
CA LYS A 84 -19.70 -15.43 -25.09
C LYS A 84 -18.78 -14.83 -24.04
N THR A 85 -18.04 -15.67 -23.37
CA THR A 85 -17.17 -15.20 -22.32
C THR A 85 -15.82 -15.89 -22.40
N ARG A 86 -14.82 -15.18 -22.04
CA ARG A 86 -13.48 -15.68 -22.03
C ARG A 86 -12.76 -15.24 -20.76
N THR A 87 -12.06 -16.16 -20.13
CA THR A 87 -11.36 -15.84 -18.92
C THR A 87 -9.86 -15.76 -19.19
N GLY A 88 -9.20 -14.83 -18.55
CA GLY A 88 -7.77 -14.70 -18.72
C GLY A 88 -7.11 -14.47 -17.39
N SER A 89 -5.88 -14.87 -17.28
CA SER A 89 -5.16 -14.69 -16.03
C SER A 89 -3.74 -14.30 -16.28
N LEU A 90 -3.20 -13.52 -15.37
CA LEU A 90 -1.86 -13.09 -15.43
C LEU A 90 -0.98 -14.27 -15.09
N LYS A 91 -0.13 -14.67 -16.01
CA LYS A 91 0.75 -15.79 -15.78
C LYS A 91 2.17 -15.33 -15.52
N ARG A 92 2.50 -14.16 -16.05
CA ARG A 92 3.82 -13.59 -15.82
C ARG A 92 3.78 -12.08 -15.99
N ALA A 93 4.38 -11.39 -15.05
CA ALA A 93 4.48 -9.96 -15.07
C ALA A 93 5.87 -9.52 -14.70
N LEU A 94 6.30 -8.41 -15.23
CA LEU A 94 7.60 -7.87 -14.90
C LEU A 94 7.50 -7.07 -13.61
N HIS A 95 8.63 -6.87 -12.94
CA HIS A 95 8.60 -6.18 -11.65
C HIS A 95 8.24 -4.71 -11.84
N ASN A 96 8.55 -4.18 -13.02
CA ASN A 96 8.21 -2.80 -13.34
C ASN A 96 6.96 -2.79 -14.21
N ALA A 97 6.04 -3.68 -13.87
CA ALA A 97 4.81 -3.84 -14.62
C ALA A 97 3.73 -4.53 -13.78
N GLU A 98 2.84 -3.74 -13.24
CA GLU A 98 1.76 -4.27 -12.44
C GLU A 98 0.59 -4.71 -13.30
N CYS A 99 0.10 -5.89 -13.02
CA CYS A 99 -1.00 -6.48 -13.78
C CYS A 99 -1.89 -7.32 -12.87
N GLN A 100 -3.20 -7.23 -13.11
CA GLN A 100 -4.19 -7.99 -12.35
C GLN A 100 -4.07 -9.47 -12.64
N LYS A 101 -4.49 -10.28 -11.69
CA LYS A 101 -4.33 -11.72 -11.76
C LYS A 101 -5.32 -12.32 -12.75
N THR A 102 -6.44 -11.67 -12.98
CA THR A 102 -7.39 -12.20 -13.93
C THR A 102 -8.20 -11.12 -14.64
N VAL A 103 -8.57 -11.43 -15.86
CA VAL A 103 -9.41 -10.58 -16.69
C VAL A 103 -10.57 -11.37 -17.26
N THR A 104 -11.68 -10.70 -17.36
CA THR A 104 -12.89 -11.30 -17.87
C THR A 104 -13.48 -10.42 -18.97
N ILE A 105 -13.84 -11.01 -20.09
CA ILE A 105 -14.42 -10.27 -21.20
C ILE A 105 -15.60 -11.03 -21.81
N SER A 106 -16.67 -10.32 -22.08
CA SER A 106 -17.87 -10.92 -22.62
C SER A 106 -18.28 -10.28 -23.95
N LYS A 107 -18.66 -11.12 -24.90
CA LYS A 107 -19.09 -10.68 -26.21
C LYS A 107 -20.37 -11.42 -26.61
N PRO A 108 -21.41 -10.70 -27.03
CA PRO A 108 -22.69 -11.33 -27.45
C PRO A 108 -22.46 -12.46 -28.48
N CYS A 109 -22.99 -13.64 -28.17
CA CYS A 109 -22.81 -14.82 -29.03
C CYS A 109 -24.02 -15.02 -29.93
N GLY A 110 -23.83 -14.73 -31.21
CA GLY A 110 -24.90 -14.89 -32.16
C GLY A 110 -24.42 -15.40 -33.49
N LYS A 111 -23.83 -14.52 -34.28
CA LYS A 111 -23.31 -14.89 -35.58
C LYS A 111 -21.86 -14.51 -35.71
N LEU A 112 -21.22 -15.02 -36.77
CA LEU A 112 -19.80 -14.77 -37.04
C LEU A 112 -18.94 -15.29 -35.90
N THR A 113 -18.80 -16.58 -35.84
CA THR A 113 -18.03 -17.23 -34.81
C THR A 113 -16.69 -17.71 -35.34
N LYS A 114 -15.66 -17.61 -34.51
CA LYS A 114 -14.34 -18.05 -34.90
C LYS A 114 -13.82 -19.05 -33.85
N PRO A 115 -14.05 -20.35 -34.08
CA PRO A 115 -13.57 -21.41 -33.21
C PRO A 115 -12.08 -21.71 -33.37
N LYS A 116 -11.68 -22.88 -32.89
CA LYS A 116 -10.30 -23.32 -32.95
C LYS A 116 -10.20 -24.86 -32.80
N PRO A 117 -11.00 -25.52 -31.90
CA PRO A 117 -10.95 -26.98 -31.73
C PRO A 117 -11.54 -27.68 -32.94
N GLN A 118 -10.80 -28.62 -33.49
CA GLN A 118 -11.23 -29.33 -34.69
C GLN A 118 -12.26 -30.41 -34.35
N ALA A 119 -12.27 -30.84 -33.10
CA ALA A 119 -13.22 -31.84 -32.67
C ALA A 119 -14.36 -31.19 -31.90
N GLU A 120 -15.51 -31.84 -31.89
CA GLU A 120 -16.66 -31.32 -31.17
C GLU A 120 -16.43 -31.43 -29.67
N SER A 121 -16.16 -30.29 -29.06
CA SER A 121 -15.86 -30.24 -27.65
C SER A 121 -17.08 -29.80 -26.85
N LYS A 122 -18.26 -30.21 -27.31
CA LYS A 122 -19.50 -29.89 -26.63
C LYS A 122 -19.63 -30.70 -25.35
N LYS A 123 -19.24 -30.09 -24.24
CA LYS A 123 -19.31 -30.75 -22.94
C LYS A 123 -20.75 -30.86 -22.47
N LYS A 124 -21.26 -32.07 -22.46
CA LYS A 124 -22.62 -32.32 -22.03
C LYS A 124 -22.68 -32.47 -20.52
N LYS A 125 -23.70 -31.90 -19.92
CA LYS A 125 -23.89 -32.02 -18.48
C LYS A 125 -24.58 -33.33 -18.17
N LYS A 126 -23.80 -34.29 -17.74
CA LYS A 126 -24.28 -35.62 -17.46
C LYS A 126 -23.92 -36.02 -16.03
N GLU A 127 -24.52 -37.08 -15.56
CA GLU A 127 -24.25 -37.56 -14.22
C GLU A 127 -22.97 -38.38 -14.20
N GLY A 128 -21.87 -37.73 -13.87
CA GLY A 128 -20.60 -38.39 -13.81
C GLY A 128 -19.80 -37.93 -12.62
N LYS A 129 -20.34 -38.17 -11.44
CA LYS A 129 -19.70 -37.77 -10.20
C LYS A 129 -19.98 -38.78 -9.10
N LYS A 130 -18.93 -39.37 -8.58
CA LYS A 130 -19.04 -40.29 -7.49
C LYS A 130 -19.41 -39.52 -6.22
N GLN A 131 -20.37 -40.03 -5.49
CA GLN A 131 -20.77 -39.41 -4.24
C GLN A 131 -19.70 -39.64 -3.19
N GLU A 132 -19.14 -38.56 -2.69
CA GLU A 132 -18.06 -38.65 -1.72
C GLU A 132 -18.54 -39.16 -0.38
N LYS A 133 -18.36 -40.45 -0.15
CA LYS A 133 -18.72 -41.07 1.10
C LYS A 133 -17.51 -41.08 2.02
N MET A 134 -17.74 -40.87 3.31
CA MET A 134 -16.66 -40.85 4.29
C MET A 134 -16.05 -42.23 4.49
N LEU A 135 -14.83 -42.26 4.98
CA LEU A 135 -14.13 -43.51 5.26
C LEU A 135 -14.58 -44.08 6.61
N ASP A 136 -14.17 -45.29 6.90
CA ASP A 136 -14.50 -45.93 8.17
C ASP A 136 -13.37 -45.78 9.16
N GLY A 1 37.67 2.29 -4.76
CA GLY A 1 37.43 0.95 -5.31
C GLY A 1 36.47 1.01 -6.48
N LYS A 2 35.99 -0.15 -6.90
CA LYS A 2 35.08 -0.25 -8.02
C LYS A 2 33.68 0.17 -7.58
N LYS A 3 33.35 1.44 -7.79
CA LYS A 3 32.04 1.96 -7.45
C LYS A 3 31.89 3.37 -8.00
N GLU A 4 30.68 3.88 -7.93
CA GLU A 4 30.40 5.23 -8.35
C GLU A 4 30.45 6.17 -7.15
N LYS A 5 30.23 7.45 -7.41
CA LYS A 5 30.22 8.48 -6.37
C LYS A 5 31.50 8.50 -5.55
N PRO A 6 32.53 9.25 -5.99
CA PRO A 6 33.78 9.38 -5.26
C PRO A 6 33.60 10.16 -3.98
N GLU A 7 33.80 11.45 -4.09
CA GLU A 7 33.64 12.39 -2.98
C GLU A 7 34.70 12.19 -1.89
N LYS A 8 34.84 13.18 -1.05
CA LYS A 8 35.77 13.15 0.04
C LYS A 8 35.10 13.78 1.27
N LYS A 9 35.89 14.07 2.31
CA LYS A 9 35.37 14.67 3.54
C LYS A 9 34.49 13.69 4.32
N VAL A 10 33.93 14.16 5.41
CA VAL A 10 33.03 13.35 6.21
C VAL A 10 31.89 14.21 6.72
N LYS A 11 30.75 13.58 6.90
CA LYS A 11 29.56 14.25 7.40
C LYS A 11 29.46 14.11 8.90
N LYS A 12 28.43 14.69 9.48
CA LYS A 12 28.18 14.53 10.91
C LYS A 12 27.60 13.15 11.14
N SER A 13 26.90 12.69 10.13
CA SER A 13 26.37 11.35 10.12
C SER A 13 27.29 10.47 9.30
N ASP A 14 28.16 9.75 9.97
CA ASP A 14 29.16 8.95 9.30
C ASP A 14 28.95 7.47 9.53
N CYS A 15 29.64 6.67 8.70
CA CYS A 15 29.67 5.20 8.78
C CYS A 15 28.64 4.57 7.86
N GLY A 16 27.46 5.15 7.78
CA GLY A 16 26.44 4.60 6.93
C GLY A 16 25.16 5.41 7.02
N GLU A 17 24.62 5.81 5.90
CA GLU A 17 23.41 6.57 5.90
C GLU A 17 22.25 5.71 5.51
N TRP A 18 21.05 6.20 5.77
CA TRP A 18 19.86 5.50 5.44
C TRP A 18 19.80 5.08 3.99
N GLN A 19 19.74 3.79 3.79
CA GLN A 19 19.53 3.23 2.48
C GLN A 19 18.26 2.44 2.52
N TRP A 20 17.27 2.91 1.81
CA TRP A 20 15.97 2.29 1.80
C TRP A 20 15.79 1.37 0.61
N SER A 21 15.08 0.30 0.84
CA SER A 21 14.76 -0.67 -0.17
C SER A 21 13.40 -0.31 -0.77
N VAL A 22 13.02 -0.97 -1.84
CA VAL A 22 11.77 -0.65 -2.51
C VAL A 22 10.65 -1.52 -1.99
N CYS A 23 9.42 -1.02 -2.13
CA CYS A 23 8.26 -1.73 -1.59
C CYS A 23 8.03 -3.00 -2.39
N VAL A 24 8.47 -4.10 -1.84
CA VAL A 24 8.34 -5.38 -2.49
C VAL A 24 7.08 -6.11 -2.02
N PRO A 25 6.29 -6.64 -2.98
CA PRO A 25 5.08 -7.39 -2.67
C PRO A 25 5.36 -8.58 -1.79
N THR A 26 4.90 -8.50 -0.56
CA THR A 26 5.06 -9.57 0.40
C THR A 26 4.27 -10.80 -0.04
N SER A 27 3.27 -10.56 -0.86
CA SER A 27 2.45 -11.61 -1.36
C SER A 27 2.27 -11.45 -2.85
N GLY A 28 1.57 -12.41 -3.46
CA GLY A 28 1.31 -12.41 -4.90
C GLY A 28 0.59 -11.17 -5.38
N ASP A 29 1.37 -10.09 -5.55
CA ASP A 29 0.90 -8.80 -6.11
C ASP A 29 0.11 -7.99 -5.08
N CYS A 30 -0.69 -8.68 -4.30
CA CYS A 30 -1.48 -8.04 -3.28
C CYS A 30 -1.18 -8.66 -1.92
N GLY A 31 -0.52 -7.91 -1.09
CA GLY A 31 -0.13 -8.36 0.22
C GLY A 31 0.46 -7.23 1.00
N LEU A 32 0.41 -7.28 2.32
CA LEU A 32 1.00 -6.21 3.10
C LEU A 32 2.50 -6.20 2.86
N GLY A 33 2.95 -5.18 2.16
CA GLY A 33 4.32 -5.09 1.71
C GLY A 33 5.33 -4.91 2.82
N THR A 34 6.57 -4.91 2.42
CA THR A 34 7.67 -4.75 3.34
C THR A 34 8.73 -3.81 2.76
N ARG A 35 9.47 -3.15 3.64
CA ARG A 35 10.53 -2.24 3.25
C ARG A 35 11.69 -2.35 4.25
N GLU A 36 12.91 -2.35 3.76
CA GLU A 36 14.09 -2.45 4.63
C GLU A 36 14.94 -1.19 4.55
N GLY A 37 15.32 -0.66 5.71
CA GLY A 37 16.17 0.49 5.74
C GLY A 37 17.34 0.30 6.69
N THR A 38 18.52 0.69 6.27
CA THR A 38 19.71 0.52 7.08
C THR A 38 20.41 1.85 7.31
N ARG A 39 21.06 1.99 8.46
CA ARG A 39 21.75 3.22 8.84
C ARG A 39 22.81 2.87 9.88
N THR A 40 23.80 3.73 10.05
CA THR A 40 24.80 3.53 11.09
C THR A 40 25.35 4.86 11.61
N GLY A 41 25.68 4.91 12.90
CA GLY A 41 26.26 6.11 13.50
C GLY A 41 27.76 6.02 13.60
N ALA A 42 28.36 6.67 14.58
CA ALA A 42 29.81 6.64 14.69
C ALA A 42 30.26 5.31 15.29
N GLU A 43 29.46 4.81 16.23
CA GLU A 43 29.67 3.50 16.82
C GLU A 43 29.01 2.44 15.97
N CYS A 44 28.39 2.88 14.88
CA CYS A 44 27.68 2.02 13.94
C CYS A 44 26.88 0.91 14.65
N LYS A 45 25.94 1.29 15.50
CA LYS A 45 25.17 0.32 16.26
C LYS A 45 23.69 0.38 15.94
N GLN A 46 23.08 -0.79 15.88
CA GLN A 46 21.68 -0.95 15.51
C GLN A 46 21.33 -0.12 14.26
N THR A 47 20.55 0.97 14.46
CA THR A 47 20.15 1.91 13.40
C THR A 47 19.60 1.23 12.14
N MET A 48 19.03 0.06 12.32
CA MET A 48 18.42 -0.68 11.24
C MET A 48 16.93 -0.77 11.47
N LYS A 49 16.16 -0.76 10.42
CA LYS A 49 14.71 -0.81 10.56
C LYS A 49 14.06 -1.55 9.40
N THR A 50 13.12 -2.37 9.74
CA THR A 50 12.31 -3.06 8.78
C THR A 50 10.89 -2.56 8.93
N GLN A 51 10.20 -2.32 7.83
CA GLN A 51 8.90 -1.72 7.90
C GLN A 51 7.89 -2.44 7.02
N ARG A 52 6.67 -2.35 7.45
CA ARG A 52 5.57 -2.84 6.66
C ARG A 52 5.13 -1.75 5.70
N CYS A 53 4.82 -2.14 4.48
CA CYS A 53 4.52 -1.18 3.42
C CYS A 53 3.07 -1.43 2.97
N LYS A 54 2.47 -0.45 2.33
CA LYS A 54 1.07 -0.58 1.96
C LYS A 54 0.88 -0.61 0.44
N ILE A 55 0.22 -1.66 -0.02
CA ILE A 55 -0.16 -1.79 -1.43
C ILE A 55 -1.64 -1.44 -1.58
N PRO A 56 -1.97 -0.54 -2.52
CA PRO A 56 -3.36 -0.10 -2.76
C PRO A 56 -4.20 -1.13 -3.52
N CYS A 57 -4.16 -2.37 -3.08
CA CYS A 57 -4.93 -3.43 -3.71
C CYS A 57 -6.16 -3.77 -2.85
N ASN A 58 -6.98 -4.70 -3.34
CA ASN A 58 -8.20 -5.13 -2.66
C ASN A 58 -7.88 -6.08 -1.51
N TRP A 59 -8.68 -6.01 -0.45
CA TRP A 59 -8.50 -6.83 0.77
C TRP A 59 -7.16 -6.55 1.42
N LYS A 60 -7.18 -5.75 2.47
CA LYS A 60 -5.97 -5.37 3.17
C LYS A 60 -6.08 -5.61 4.66
N LYS A 61 -4.96 -5.90 5.28
CA LYS A 61 -4.88 -6.10 6.72
C LYS A 61 -3.78 -5.26 7.29
N GLN A 62 -3.73 -5.17 8.61
CA GLN A 62 -2.74 -4.35 9.27
C GLN A 62 -2.57 -4.81 10.70
N PHE A 63 -2.59 -6.11 10.91
CA PHE A 63 -2.46 -6.66 12.23
C PHE A 63 -1.02 -7.04 12.53
N GLY A 64 -0.79 -7.55 13.72
CA GLY A 64 0.55 -7.95 14.12
C GLY A 64 0.61 -9.39 14.54
N ALA A 65 1.68 -9.76 15.23
CA ALA A 65 1.86 -11.12 15.69
C ALA A 65 1.70 -11.21 17.20
N GLU A 66 2.58 -10.52 17.93
CA GLU A 66 2.55 -10.51 19.38
C GLU A 66 1.60 -9.43 19.89
N CYS A 67 1.09 -8.65 18.96
CA CYS A 67 0.15 -7.59 19.28
C CYS A 67 -1.15 -8.16 19.81
N LYS A 68 -1.70 -7.50 20.80
CA LYS A 68 -2.95 -7.93 21.39
C LYS A 68 -4.00 -6.88 21.16
N TYR A 69 -5.12 -7.28 20.57
CA TYR A 69 -6.14 -6.35 20.19
C TYR A 69 -7.51 -6.69 20.72
N GLN A 70 -8.26 -5.66 20.99
CA GLN A 70 -9.64 -5.76 21.35
C GLN A 70 -10.39 -4.84 20.39
N PHE A 71 -11.24 -5.40 19.56
CA PHE A 71 -11.89 -4.63 18.52
C PHE A 71 -13.32 -4.26 18.86
N GLN A 72 -13.80 -3.20 18.26
CA GLN A 72 -15.14 -2.81 18.32
C GLN A 72 -15.92 -3.71 17.36
N ALA A 73 -17.15 -4.06 17.73
CA ALA A 73 -17.96 -5.03 16.97
C ALA A 73 -19.16 -5.47 17.77
N TRP A 74 -20.34 -5.25 17.25
CA TRP A 74 -21.54 -5.71 17.90
C TRP A 74 -21.93 -7.08 17.39
N GLY A 75 -21.23 -7.53 16.35
CA GLY A 75 -21.42 -8.87 15.82
C GLY A 75 -22.14 -8.87 14.50
N GLU A 76 -23.10 -8.01 14.40
CA GLU A 76 -23.90 -7.88 13.22
C GLU A 76 -23.37 -6.78 12.34
N CYS A 77 -23.41 -6.99 11.03
CA CYS A 77 -22.98 -5.96 10.11
C CYS A 77 -24.07 -4.91 9.98
N ASP A 78 -23.76 -3.82 9.32
CA ASP A 78 -24.73 -2.75 9.18
C ASP A 78 -25.50 -2.88 7.90
N LEU A 79 -26.79 -2.98 8.02
CA LEU A 79 -27.67 -3.17 6.87
C LEU A 79 -27.81 -1.90 6.04
N ASN A 80 -27.69 -0.77 6.71
CA ASN A 80 -27.84 0.51 6.04
C ASN A 80 -26.70 0.74 5.09
N THR A 81 -25.56 0.24 5.44
CA THR A 81 -24.38 0.37 4.62
C THR A 81 -24.07 -0.93 3.92
N ALA A 82 -24.79 -1.97 4.32
CA ALA A 82 -24.61 -3.33 3.82
C ALA A 82 -23.19 -3.83 4.05
N LEU A 83 -22.51 -3.27 5.05
CA LEU A 83 -21.10 -3.56 5.24
C LEU A 83 -20.84 -3.91 6.66
N LYS A 84 -19.69 -4.47 6.90
CA LYS A 84 -19.29 -4.78 8.23
C LYS A 84 -18.01 -4.02 8.51
N THR A 85 -17.97 -3.37 9.63
CA THR A 85 -16.83 -2.57 9.99
C THR A 85 -16.42 -2.81 11.42
N ARG A 86 -15.12 -2.82 11.67
CA ARG A 86 -14.60 -3.03 13.00
C ARG A 86 -13.42 -2.11 13.24
N THR A 87 -13.46 -1.38 14.31
CA THR A 87 -12.36 -0.55 14.70
C THR A 87 -11.56 -1.28 15.76
N GLY A 88 -10.26 -1.12 15.78
CA GLY A 88 -9.49 -1.80 16.81
C GLY A 88 -8.31 -1.00 17.27
N SER A 89 -7.97 -1.19 18.51
CA SER A 89 -6.83 -0.51 19.09
C SER A 89 -5.96 -1.47 19.84
N LEU A 90 -4.67 -1.18 19.87
CA LEU A 90 -3.72 -1.99 20.56
C LEU A 90 -3.87 -1.71 22.05
N LYS A 91 -4.15 -2.75 22.82
CA LYS A 91 -4.36 -2.56 24.24
C LYS A 91 -3.14 -2.96 25.07
N ARG A 92 -2.20 -3.68 24.47
CA ARG A 92 -1.00 -4.09 25.17
C ARG A 92 0.08 -4.52 24.18
N ALA A 93 1.27 -3.99 24.35
CA ALA A 93 2.41 -4.35 23.52
C ALA A 93 3.64 -4.49 24.40
N LEU A 94 4.51 -5.44 24.09
CA LEU A 94 5.73 -5.60 24.85
C LEU A 94 6.86 -4.76 24.24
N HIS A 95 7.99 -4.67 24.95
CA HIS A 95 9.14 -3.92 24.47
C HIS A 95 9.81 -4.61 23.27
N ASN A 96 9.43 -5.86 23.05
CA ASN A 96 9.96 -6.63 21.93
C ASN A 96 8.91 -6.78 20.86
N ALA A 97 8.04 -5.81 20.76
CA ALA A 97 6.95 -5.86 19.80
C ALA A 97 6.44 -4.48 19.43
N GLU A 98 6.59 -4.12 18.17
CA GLU A 98 6.06 -2.87 17.66
C GLU A 98 4.64 -3.10 17.21
N CYS A 99 3.70 -2.35 17.73
CA CYS A 99 2.32 -2.54 17.38
C CYS A 99 1.63 -1.21 17.11
N GLN A 100 0.79 -1.20 16.09
CA GLN A 100 0.00 -0.03 15.75
C GLN A 100 -1.07 0.20 16.81
N LYS A 101 -1.36 1.45 17.07
CA LYS A 101 -2.30 1.87 18.08
C LYS A 101 -3.72 1.58 17.66
N THR A 102 -4.05 1.84 16.42
CA THR A 102 -5.40 1.54 15.97
C THR A 102 -5.50 1.24 14.50
N VAL A 103 -6.43 0.38 14.16
CA VAL A 103 -6.74 0.04 12.78
C VAL A 103 -8.23 0.09 12.49
N THR A 104 -8.53 0.42 11.27
CA THR A 104 -9.89 0.47 10.79
C THR A 104 -10.09 -0.60 9.74
N ILE A 105 -11.23 -1.26 9.79
CA ILE A 105 -11.47 -2.38 8.93
C ILE A 105 -12.82 -2.26 8.23
N SER A 106 -12.83 -2.61 6.97
CA SER A 106 -14.04 -2.56 6.18
C SER A 106 -14.25 -3.88 5.44
N LYS A 107 -15.43 -4.45 5.57
CA LYS A 107 -15.75 -5.71 4.92
C LYS A 107 -17.15 -5.68 4.28
N PRO A 108 -17.24 -6.06 3.02
CA PRO A 108 -18.55 -6.16 2.35
C PRO A 108 -19.38 -7.30 2.95
N CYS A 109 -20.48 -6.94 3.62
CA CYS A 109 -21.31 -7.94 4.32
C CYS A 109 -22.26 -8.66 3.37
N GLY A 110 -21.69 -9.45 2.47
CA GLY A 110 -22.46 -10.25 1.54
C GLY A 110 -23.42 -9.41 0.72
N LYS A 111 -24.68 -9.83 0.70
CA LYS A 111 -25.73 -9.13 -0.03
C LYS A 111 -25.37 -9.00 -1.48
N LEU A 112 -24.92 -10.11 -2.01
CA LEU A 112 -24.50 -10.23 -3.41
C LEU A 112 -23.39 -9.24 -3.74
N THR A 113 -22.17 -9.62 -3.49
CA THR A 113 -21.04 -8.78 -3.76
C THR A 113 -20.71 -8.76 -5.23
N LYS A 114 -20.86 -7.61 -5.85
CA LYS A 114 -20.61 -7.47 -7.27
C LYS A 114 -19.90 -6.16 -7.59
N PRO A 115 -18.57 -6.15 -7.44
CA PRO A 115 -17.74 -4.99 -7.73
C PRO A 115 -17.64 -4.71 -9.24
N LYS A 116 -16.81 -5.54 -9.91
CA LYS A 116 -16.47 -5.38 -11.34
C LYS A 116 -16.46 -3.91 -11.81
N PRO A 117 -15.55 -3.08 -11.22
CA PRO A 117 -15.40 -1.65 -11.59
C PRO A 117 -14.92 -1.44 -13.04
N GLN A 118 -15.78 -1.77 -14.01
CA GLN A 118 -15.54 -1.53 -15.44
C GLN A 118 -14.48 -2.47 -16.05
N ALA A 119 -13.44 -2.77 -15.28
CA ALA A 119 -12.34 -3.62 -15.72
C ALA A 119 -11.57 -2.98 -16.87
N GLU A 120 -10.89 -1.88 -16.56
CA GLU A 120 -10.12 -1.16 -17.55
C GLU A 120 -8.75 -1.80 -17.69
N SER A 121 -8.07 -1.90 -16.57
CA SER A 121 -6.76 -2.50 -16.52
C SER A 121 -6.48 -2.98 -15.10
N LYS A 122 -5.60 -3.95 -14.97
CA LYS A 122 -5.25 -4.46 -13.66
C LYS A 122 -4.40 -3.44 -12.92
N LYS A 123 -5.07 -2.69 -12.03
CA LYS A 123 -4.47 -1.60 -11.24
C LYS A 123 -3.99 -0.45 -12.13
N LYS A 124 -3.64 0.65 -11.51
CA LYS A 124 -3.18 1.82 -12.24
C LYS A 124 -1.66 1.80 -12.38
N LYS A 125 -1.13 2.59 -13.30
CA LYS A 125 0.30 2.67 -13.51
C LYS A 125 0.93 3.69 -12.58
N LYS A 126 0.10 4.26 -11.73
CA LYS A 126 0.55 5.23 -10.75
C LYS A 126 0.97 4.52 -9.46
N GLU A 127 1.23 5.31 -8.42
CA GLU A 127 1.64 4.79 -7.10
C GLU A 127 3.04 4.18 -7.14
N GLY A 128 3.72 4.38 -8.24
CA GLY A 128 5.06 3.87 -8.38
C GLY A 128 6.09 4.83 -7.83
N LYS A 129 6.09 4.99 -6.52
CA LYS A 129 7.04 5.87 -5.86
C LYS A 129 8.42 5.23 -5.86
N LYS A 130 9.32 5.78 -6.66
CA LYS A 130 10.67 5.28 -6.77
C LYS A 130 11.54 5.72 -5.59
N GLN A 131 10.97 5.67 -4.39
CA GLN A 131 11.68 6.03 -3.15
C GLN A 131 12.08 7.50 -3.16
N GLU A 132 12.92 7.88 -2.22
CA GLU A 132 13.40 9.24 -2.15
C GLU A 132 14.64 9.39 -3.01
N LYS A 133 14.57 10.30 -3.96
CA LYS A 133 15.66 10.55 -4.87
C LYS A 133 16.85 11.16 -4.15
N MET A 134 17.89 10.37 -3.95
CA MET A 134 19.10 10.84 -3.30
C MET A 134 19.89 11.71 -4.25
N LEU A 135 20.15 12.95 -3.82
CA LEU A 135 20.89 13.94 -4.61
C LEU A 135 20.09 14.39 -5.83
N ASP A 136 20.47 15.54 -6.37
CA ASP A 136 19.80 16.11 -7.51
C ASP A 136 20.70 17.13 -8.18
N GLY A 1 15.99 -18.72 24.38
CA GLY A 1 15.12 -17.99 23.45
C GLY A 1 14.76 -16.63 23.97
N LYS A 2 13.79 -15.98 23.33
CA LYS A 2 13.32 -14.64 23.71
C LYS A 2 14.41 -13.60 23.50
N LYS A 3 14.34 -12.88 22.40
CA LYS A 3 15.28 -11.82 22.14
C LYS A 3 14.82 -10.55 22.85
N GLU A 4 15.74 -9.88 23.51
CA GLU A 4 15.45 -8.66 24.25
C GLU A 4 14.94 -7.58 23.30
N LYS A 5 15.58 -7.49 22.13
CA LYS A 5 15.23 -6.52 21.10
C LYS A 5 15.43 -5.07 21.58
N PRO A 6 16.61 -4.49 21.27
CA PRO A 6 16.95 -3.13 21.69
C PRO A 6 16.18 -2.08 20.90
N GLU A 7 16.81 -1.60 19.87
CA GLU A 7 16.23 -0.59 18.97
C GLU A 7 15.83 0.68 19.70
N LYS A 8 16.80 1.56 19.86
CA LYS A 8 16.60 2.82 20.52
C LYS A 8 16.77 3.95 19.52
N LYS A 9 15.98 5.01 19.66
CA LYS A 9 16.04 6.14 18.77
C LYS A 9 17.40 6.82 18.83
N VAL A 10 18.05 6.86 17.68
CA VAL A 10 19.36 7.49 17.58
C VAL A 10 19.24 8.80 16.82
N LYS A 11 20.20 9.67 17.03
CA LYS A 11 20.24 10.95 16.37
C LYS A 11 21.07 10.86 15.11
N LYS A 12 21.43 12.00 14.55
CA LYS A 12 22.27 12.02 13.36
C LYS A 12 23.65 11.50 13.68
N SER A 13 23.86 10.23 13.40
CA SER A 13 25.10 9.56 13.65
C SER A 13 26.06 9.74 12.48
N ASP A 14 27.35 9.90 12.79
CA ASP A 14 28.33 10.08 11.73
C ASP A 14 28.92 8.75 11.28
N CYS A 15 28.66 8.43 10.03
CA CYS A 15 29.14 7.22 9.36
C CYS A 15 28.47 7.10 8.02
N GLY A 16 27.18 6.84 8.02
CA GLY A 16 26.43 6.77 6.79
C GLY A 16 24.97 7.06 7.03
N GLU A 17 24.28 7.53 6.02
CA GLU A 17 22.88 7.87 6.11
C GLU A 17 21.98 6.68 5.87
N TRP A 18 20.70 6.85 6.21
CA TRP A 18 19.68 5.87 5.98
C TRP A 18 19.68 5.37 4.55
N GLN A 19 19.83 4.07 4.40
CA GLN A 19 19.78 3.42 3.12
C GLN A 19 18.45 2.73 2.99
N TRP A 20 17.84 2.86 1.86
CA TRP A 20 16.52 2.31 1.66
C TRP A 20 16.47 1.30 0.55
N SER A 21 15.87 0.19 0.87
CA SER A 21 15.67 -0.89 -0.07
C SER A 21 14.29 -0.73 -0.67
N VAL A 22 13.97 -1.50 -1.67
CA VAL A 22 12.67 -1.38 -2.30
C VAL A 22 11.69 -2.31 -1.66
N CYS A 23 10.46 -1.84 -1.53
CA CYS A 23 9.42 -2.57 -0.87
C CYS A 23 9.06 -3.84 -1.65
N VAL A 24 8.97 -4.93 -0.94
CA VAL A 24 8.60 -6.19 -1.52
C VAL A 24 7.10 -6.35 -1.37
N PRO A 25 6.37 -6.41 -2.50
CA PRO A 25 4.89 -6.47 -2.51
C PRO A 25 4.35 -7.67 -1.74
N THR A 26 5.17 -8.71 -1.62
CA THR A 26 4.82 -9.91 -0.87
C THR A 26 4.01 -10.87 -1.73
N SER A 27 3.06 -10.31 -2.48
CA SER A 27 2.27 -11.06 -3.43
C SER A 27 1.28 -12.00 -2.71
N GLY A 28 1.02 -13.15 -3.32
CA GLY A 28 0.05 -14.08 -2.81
C GLY A 28 -1.33 -13.50 -2.84
N ASP A 29 -1.69 -12.98 -4.02
CA ASP A 29 -3.00 -12.32 -4.24
C ASP A 29 -3.04 -10.95 -3.58
N CYS A 30 -2.82 -10.94 -2.27
CA CYS A 30 -2.83 -9.73 -1.47
C CYS A 30 -1.98 -9.96 -0.23
N GLY A 31 -0.75 -9.53 -0.29
CA GLY A 31 0.15 -9.71 0.82
C GLY A 31 0.67 -8.42 1.34
N LEU A 32 0.87 -8.34 2.63
CA LEU A 32 1.39 -7.13 3.22
C LEU A 32 2.85 -6.96 2.86
N GLY A 33 3.12 -6.00 2.01
CA GLY A 33 4.48 -5.73 1.60
C GLY A 33 5.31 -5.14 2.70
N THR A 34 6.61 -5.33 2.63
CA THR A 34 7.48 -4.80 3.65
C THR A 34 8.71 -4.14 3.03
N ARG A 35 9.25 -3.18 3.75
CA ARG A 35 10.41 -2.45 3.33
C ARG A 35 11.37 -2.38 4.51
N GLU A 36 12.66 -2.33 4.23
CA GLU A 36 13.65 -2.31 5.28
C GLU A 36 14.66 -1.20 5.03
N GLY A 37 14.92 -0.40 6.05
CA GLY A 37 15.87 0.66 5.93
C GLY A 37 16.95 0.50 6.98
N THR A 38 18.17 0.85 6.63
CA THR A 38 19.29 0.69 7.56
C THR A 38 20.17 1.92 7.58
N ARG A 39 20.85 2.12 8.70
CA ARG A 39 21.78 3.21 8.86
C ARG A 39 22.87 2.77 9.82
N THR A 40 23.97 3.45 9.81
CA THR A 40 25.04 3.13 10.71
C THR A 40 25.10 4.17 11.83
N GLY A 41 25.63 3.79 12.97
CA GLY A 41 25.73 4.72 14.09
C GLY A 41 27.00 5.51 14.00
N ALA A 42 27.40 6.22 15.06
CA ALA A 42 28.63 6.98 15.04
C ALA A 42 29.80 6.03 15.13
N GLU A 43 29.51 4.88 15.70
CA GLU A 43 30.47 3.82 15.82
C GLU A 43 30.32 2.85 14.65
N CYS A 44 29.49 3.25 13.68
CA CYS A 44 29.26 2.50 12.44
C CYS A 44 28.60 1.14 12.68
N LYS A 45 27.80 1.07 13.73
CA LYS A 45 27.05 -0.16 14.05
C LYS A 45 25.80 -0.27 13.17
N GLN A 46 25.03 -1.32 13.37
CA GLN A 46 23.88 -1.59 12.54
C GLN A 46 22.59 -1.05 13.15
N THR A 47 22.06 -0.02 12.55
CA THR A 47 20.79 0.54 12.96
C THR A 47 19.77 0.22 11.88
N MET A 48 18.66 -0.41 12.25
CA MET A 48 17.70 -0.85 11.25
C MET A 48 16.25 -0.57 11.65
N LYS A 49 15.41 -0.43 10.64
CA LYS A 49 14.00 -0.20 10.82
C LYS A 49 13.23 -0.91 9.71
N THR A 50 12.17 -1.60 10.05
CA THR A 50 11.36 -2.29 9.09
C THR A 50 9.95 -1.70 9.06
N GLN A 51 9.39 -1.56 7.88
CA GLN A 51 8.08 -0.96 7.72
C GLN A 51 7.24 -1.77 6.76
N ARG A 52 5.95 -1.72 6.93
CA ARG A 52 5.02 -2.43 6.08
C ARG A 52 4.33 -1.47 5.15
N CYS A 53 4.32 -1.82 3.88
CA CYS A 53 3.71 -0.97 2.88
C CYS A 53 2.23 -1.32 2.76
N LYS A 54 1.56 -0.82 1.74
CA LYS A 54 0.15 -1.09 1.55
C LYS A 54 -0.07 -1.70 0.17
N ILE A 55 -0.82 -2.80 0.10
CA ILE A 55 -1.08 -3.44 -1.18
C ILE A 55 -2.52 -3.20 -1.63
N PRO A 56 -2.70 -2.53 -2.79
CA PRO A 56 -4.02 -2.20 -3.31
C PRO A 56 -4.70 -3.39 -4.02
N CYS A 57 -3.88 -4.28 -4.59
CA CYS A 57 -4.37 -5.48 -5.29
C CYS A 57 -5.15 -5.12 -6.57
N ASN A 58 -5.04 -3.87 -7.00
CA ASN A 58 -5.72 -3.43 -8.21
C ASN A 58 -4.88 -3.75 -9.43
N TRP A 59 -5.54 -4.08 -10.53
CA TRP A 59 -4.85 -4.42 -11.76
C TRP A 59 -4.34 -3.16 -12.46
N LYS A 60 -3.07 -2.89 -12.29
CA LYS A 60 -2.45 -1.73 -12.87
C LYS A 60 -1.87 -2.08 -14.24
N LYS A 61 -2.56 -1.70 -15.28
CA LYS A 61 -2.11 -1.97 -16.64
C LYS A 61 -1.24 -0.87 -17.15
N GLN A 62 -1.82 0.03 -17.87
CA GLN A 62 -1.11 1.11 -18.45
C GLN A 62 -2.10 2.06 -19.07
N PHE A 63 -2.04 3.30 -18.68
CA PHE A 63 -2.98 4.26 -19.21
C PHE A 63 -2.37 4.98 -20.39
N GLY A 64 -2.79 4.60 -21.57
CA GLY A 64 -2.28 5.22 -22.78
C GLY A 64 -1.34 4.30 -23.53
N ALA A 65 -1.90 3.26 -24.14
CA ALA A 65 -1.11 2.31 -24.91
C ALA A 65 -1.74 2.10 -26.30
N GLU A 66 -2.97 1.59 -26.30
CA GLU A 66 -3.71 1.38 -27.54
C GLU A 66 -4.39 2.68 -27.97
N CYS A 67 -4.45 3.60 -27.02
CA CYS A 67 -5.11 4.87 -27.21
C CYS A 67 -4.47 5.87 -26.26
N LYS A 68 -5.10 7.02 -26.07
CA LYS A 68 -4.57 8.02 -25.16
C LYS A 68 -5.66 8.51 -24.24
N TYR A 69 -5.28 8.86 -23.02
CA TYR A 69 -6.23 9.29 -22.03
C TYR A 69 -5.97 10.70 -21.59
N GLN A 70 -7.03 11.36 -21.17
CA GLN A 70 -6.94 12.71 -20.66
C GLN A 70 -7.34 12.69 -19.20
N PHE A 71 -6.42 13.05 -18.34
CA PHE A 71 -6.69 13.07 -16.92
C PHE A 71 -7.07 14.45 -16.47
N GLN A 72 -8.01 14.54 -15.58
CA GLN A 72 -8.45 15.81 -15.07
C GLN A 72 -8.22 15.87 -13.57
N ALA A 73 -8.24 17.06 -13.06
CA ALA A 73 -8.03 17.30 -11.64
C ALA A 73 -8.92 18.45 -11.20
N TRP A 74 -9.22 18.51 -9.93
CA TRP A 74 -10.06 19.57 -9.42
C TRP A 74 -9.20 20.57 -8.69
N GLY A 75 -7.96 20.18 -8.48
CA GLY A 75 -7.02 20.99 -7.78
C GLY A 75 -5.83 20.16 -7.37
N GLU A 76 -5.24 20.48 -6.26
CA GLU A 76 -4.12 19.73 -5.79
C GLU A 76 -4.43 19.09 -4.45
N CYS A 77 -4.48 17.75 -4.45
CA CYS A 77 -4.74 16.96 -3.24
C CYS A 77 -6.11 17.28 -2.63
N ASP A 78 -6.98 16.29 -2.57
CA ASP A 78 -8.29 16.49 -1.99
C ASP A 78 -8.11 16.68 -0.51
N LEU A 79 -8.36 17.89 -0.09
CA LEU A 79 -8.13 18.29 1.30
C LEU A 79 -9.10 17.64 2.23
N ASN A 80 -10.21 17.23 1.68
CA ASN A 80 -11.21 16.59 2.47
C ASN A 80 -10.69 15.26 2.95
N THR A 81 -9.97 14.56 2.09
CA THR A 81 -9.45 13.24 2.46
C THR A 81 -7.94 13.23 2.70
N ALA A 82 -7.28 14.29 2.26
CA ALA A 82 -5.83 14.43 2.38
C ALA A 82 -5.15 13.44 1.44
N LEU A 83 -5.87 13.10 0.38
CA LEU A 83 -5.46 12.14 -0.64
C LEU A 83 -5.59 12.80 -1.97
N LYS A 84 -5.05 12.23 -3.00
CA LYS A 84 -5.13 12.85 -4.29
C LYS A 84 -5.80 11.93 -5.29
N THR A 85 -6.67 12.50 -6.07
CA THR A 85 -7.45 11.75 -7.01
C THR A 85 -7.21 12.23 -8.45
N ARG A 86 -7.26 11.29 -9.38
CA ARG A 86 -7.12 11.60 -10.79
C ARG A 86 -8.24 10.92 -11.54
N THR A 87 -8.94 11.67 -12.35
CA THR A 87 -9.99 11.10 -13.16
C THR A 87 -9.59 11.13 -14.62
N GLY A 88 -9.87 10.07 -15.34
CA GLY A 88 -9.50 10.00 -16.73
C GLY A 88 -10.57 9.35 -17.56
N SER A 89 -10.61 9.72 -18.81
CA SER A 89 -11.60 9.17 -19.70
C SER A 89 -11.04 9.02 -21.09
N LEU A 90 -11.49 7.99 -21.76
CA LEU A 90 -11.12 7.74 -23.09
C LEU A 90 -11.73 8.84 -23.98
N LYS A 91 -10.88 9.54 -24.71
CA LYS A 91 -11.34 10.62 -25.57
C LYS A 91 -11.77 10.09 -26.91
N ARG A 92 -10.94 9.26 -27.51
CA ARG A 92 -11.23 8.66 -28.78
C ARG A 92 -10.35 7.46 -29.01
N ALA A 93 -10.91 6.48 -29.64
CA ALA A 93 -10.21 5.25 -29.93
C ALA A 93 -10.44 4.89 -31.38
N LEU A 94 -9.51 4.19 -31.97
CA LEU A 94 -9.63 3.80 -33.34
C LEU A 94 -10.47 2.52 -33.41
N HIS A 95 -10.87 2.11 -34.60
CA HIS A 95 -11.69 0.91 -34.73
C HIS A 95 -10.90 -0.32 -34.31
N ASN A 96 -9.59 -0.26 -34.45
CA ASN A 96 -8.71 -1.35 -34.03
C ASN A 96 -8.01 -0.97 -32.73
N ALA A 97 -8.77 -0.44 -31.80
CA ALA A 97 -8.25 -0.05 -30.50
C ALA A 97 -9.34 -0.17 -29.45
N GLU A 98 -9.14 -1.07 -28.51
CA GLU A 98 -10.11 -1.29 -27.45
C GLU A 98 -9.64 -0.65 -26.16
N CYS A 99 -10.41 0.31 -25.67
CA CYS A 99 -10.05 1.03 -24.47
C CYS A 99 -11.27 1.32 -23.60
N GLN A 100 -11.06 1.29 -22.30
CA GLN A 100 -12.10 1.63 -21.34
C GLN A 100 -12.46 3.11 -21.45
N LYS A 101 -13.71 3.41 -21.13
CA LYS A 101 -14.25 4.73 -21.30
C LYS A 101 -13.78 5.67 -20.20
N THR A 102 -13.64 5.15 -19.00
CA THR A 102 -13.19 6.00 -17.92
C THR A 102 -12.45 5.24 -16.81
N VAL A 103 -11.53 5.95 -16.19
CA VAL A 103 -10.72 5.45 -15.09
C VAL A 103 -10.59 6.46 -13.97
N THR A 104 -10.66 5.97 -12.76
CA THR A 104 -10.51 6.79 -11.59
C THR A 104 -9.46 6.17 -10.67
N ILE A 105 -8.59 7.00 -10.13
CA ILE A 105 -7.53 6.49 -9.28
C ILE A 105 -7.30 7.42 -8.09
N SER A 106 -7.06 6.83 -6.95
CA SER A 106 -6.83 7.58 -5.73
C SER A 106 -5.45 7.24 -5.17
N LYS A 107 -4.67 8.26 -4.89
CA LYS A 107 -3.33 8.09 -4.37
C LYS A 107 -3.12 8.98 -3.15
N PRO A 108 -2.90 8.37 -1.98
CA PRO A 108 -2.63 9.11 -0.74
C PRO A 108 -1.52 10.15 -0.91
N CYS A 109 -1.81 11.39 -0.54
CA CYS A 109 -0.84 12.48 -0.65
C CYS A 109 0.35 12.24 0.27
N GLY A 110 0.06 11.96 1.52
CA GLY A 110 1.10 11.70 2.48
C GLY A 110 0.53 11.30 3.82
N LYS A 111 1.05 10.23 4.38
CA LYS A 111 0.60 9.76 5.67
C LYS A 111 1.29 10.56 6.77
N LEU A 112 0.59 10.80 7.86
CA LEU A 112 1.11 11.58 8.99
C LEU A 112 2.44 11.02 9.49
N THR A 113 3.43 11.90 9.56
CA THR A 113 4.75 11.52 10.03
C THR A 113 4.78 11.47 11.55
N LYS A 114 5.86 10.94 12.10
CA LYS A 114 6.01 10.79 13.56
C LYS A 114 4.92 9.86 14.10
N PRO A 115 5.02 8.55 13.80
CA PRO A 115 4.02 7.56 14.22
C PRO A 115 3.82 7.52 15.74
N LYS A 116 4.76 6.90 16.44
CA LYS A 116 4.70 6.70 17.89
C LYS A 116 3.28 6.32 18.36
N PRO A 117 2.77 5.14 17.91
CA PRO A 117 1.46 4.62 18.34
C PRO A 117 1.36 4.59 19.86
N GLN A 118 0.20 4.93 20.39
CA GLN A 118 0.01 4.96 21.83
C GLN A 118 0.18 3.58 22.43
N ALA A 119 1.16 3.46 23.29
CA ALA A 119 1.47 2.22 23.94
C ALA A 119 2.26 2.46 25.19
N GLU A 120 1.97 1.70 26.22
CA GLU A 120 2.69 1.80 27.46
C GLU A 120 4.15 1.48 27.22
N SER A 121 5.03 2.43 27.56
CA SER A 121 6.46 2.29 27.31
C SER A 121 7.13 1.36 28.34
N LYS A 122 6.40 0.36 28.76
CA LYS A 122 6.90 -0.61 29.72
C LYS A 122 6.77 -2.00 29.13
N LYS A 123 7.49 -2.96 29.70
CA LYS A 123 7.46 -4.31 29.20
C LYS A 123 6.19 -5.04 29.65
N LYS A 124 5.17 -4.95 28.84
CA LYS A 124 3.90 -5.60 29.12
C LYS A 124 3.88 -6.98 28.51
N LYS A 125 3.08 -7.89 29.09
CA LYS A 125 2.95 -9.26 28.60
C LYS A 125 4.25 -10.03 28.79
N LYS A 126 4.30 -10.83 29.85
CA LYS A 126 5.47 -11.63 30.13
C LYS A 126 5.43 -12.93 29.33
N GLU A 127 6.45 -13.75 29.49
CA GLU A 127 6.52 -15.00 28.75
C GLU A 127 5.50 -16.02 29.24
N GLY A 128 4.36 -16.08 28.56
CA GLY A 128 3.34 -17.04 28.89
C GLY A 128 3.61 -18.36 28.20
N LYS A 129 4.87 -18.79 28.27
CA LYS A 129 5.32 -20.01 27.63
C LYS A 129 6.33 -20.69 28.53
N LYS A 130 6.49 -21.99 28.37
CA LYS A 130 7.45 -22.73 29.11
C LYS A 130 7.80 -24.00 28.39
N GLN A 131 8.83 -23.94 27.57
CA GLN A 131 9.25 -25.10 26.82
C GLN A 131 10.05 -26.03 27.71
N GLU A 132 9.41 -27.12 28.10
CA GLU A 132 10.00 -28.11 28.99
C GLU A 132 11.27 -28.71 28.39
N LYS A 133 11.25 -28.90 27.07
CA LYS A 133 12.40 -29.44 26.38
C LYS A 133 12.49 -28.82 24.99
N MET A 134 13.66 -28.89 24.40
CA MET A 134 13.88 -28.38 23.06
C MET A 134 13.27 -29.34 22.05
N LEU A 135 12.42 -28.79 21.16
CA LEU A 135 11.70 -29.56 20.15
C LEU A 135 10.56 -30.38 20.77
N ASP A 136 9.37 -30.26 20.17
CA ASP A 136 8.16 -30.95 20.63
C ASP A 136 7.63 -30.35 21.93
N GLY A 1 51.25 17.40 9.67
CA GLY A 1 51.08 16.30 8.72
C GLY A 1 50.81 16.81 7.32
N LYS A 2 51.61 16.38 6.37
CA LYS A 2 51.44 16.81 4.99
C LYS A 2 51.71 15.66 4.02
N LYS A 3 51.69 14.45 4.51
CA LYS A 3 51.96 13.28 3.67
C LYS A 3 50.71 12.88 2.89
N GLU A 4 50.91 12.20 1.77
CA GLU A 4 49.81 11.79 0.90
C GLU A 4 49.09 10.57 1.47
N LYS A 5 48.07 10.82 2.25
CA LYS A 5 47.28 9.74 2.82
C LYS A 5 45.83 10.18 3.03
N PRO A 6 44.98 9.91 2.03
CA PRO A 6 43.58 10.23 2.08
C PRO A 6 42.75 9.01 2.47
N GLU A 7 41.66 8.83 1.79
CA GLU A 7 40.78 7.71 2.01
C GLU A 7 40.87 6.75 0.84
N LYS A 8 41.48 5.61 1.05
CA LYS A 8 41.60 4.61 0.01
C LYS A 8 40.26 3.88 -0.14
N LYS A 9 39.47 3.95 0.93
CA LYS A 9 38.12 3.38 0.99
C LYS A 9 38.11 1.87 0.88
N VAL A 10 37.58 1.25 1.89
CA VAL A 10 37.40 -0.18 1.86
C VAL A 10 36.11 -0.49 1.15
N LYS A 11 36.04 -1.65 0.54
CA LYS A 11 34.86 -2.03 -0.23
C LYS A 11 33.79 -2.65 0.66
N LYS A 12 33.58 -2.04 1.81
CA LYS A 12 32.60 -2.48 2.78
C LYS A 12 31.77 -1.29 3.21
N SER A 13 30.53 -1.53 3.55
CA SER A 13 29.65 -0.48 4.00
C SER A 13 29.92 -0.15 5.47
N ASP A 14 30.80 0.81 5.69
CA ASP A 14 31.20 1.17 7.05
C ASP A 14 30.61 2.52 7.44
N CYS A 15 29.60 2.48 8.31
CA CYS A 15 28.98 3.69 8.86
C CYS A 15 28.37 4.57 7.76
N GLY A 16 27.09 4.36 7.49
CA GLY A 16 26.42 5.15 6.48
C GLY A 16 25.05 5.63 6.92
N GLU A 17 24.42 6.40 6.07
CA GLU A 17 23.10 6.96 6.29
C GLU A 17 22.01 5.98 5.90
N TRP A 18 20.77 6.32 6.26
CA TRP A 18 19.63 5.51 5.94
C TRP A 18 19.61 5.05 4.49
N GLN A 19 19.62 3.75 4.33
CA GLN A 19 19.53 3.13 3.04
C GLN A 19 18.24 2.33 3.02
N TRP A 20 17.32 2.74 2.16
CA TRP A 20 16.02 2.14 2.11
C TRP A 20 15.87 1.16 0.98
N SER A 21 15.08 0.15 1.24
CA SER A 21 14.79 -0.90 0.29
C SER A 21 13.53 -0.54 -0.50
N VAL A 22 13.20 -1.35 -1.46
CA VAL A 22 12.08 -1.06 -2.34
C VAL A 22 10.83 -1.72 -1.82
N CYS A 23 9.70 -1.14 -2.17
CA CYS A 23 8.44 -1.62 -1.67
C CYS A 23 7.90 -2.75 -2.50
N VAL A 24 7.87 -3.93 -1.90
CA VAL A 24 7.28 -5.07 -2.53
C VAL A 24 5.94 -5.38 -1.86
N PRO A 25 4.82 -5.01 -2.52
CA PRO A 25 3.48 -5.18 -1.96
C PRO A 25 3.14 -6.63 -1.70
N THR A 26 3.91 -7.53 -2.31
CA THR A 26 3.76 -8.97 -2.15
C THR A 26 2.65 -9.46 -3.07
N SER A 27 1.90 -8.50 -3.54
CA SER A 27 0.79 -8.72 -4.38
C SER A 27 0.72 -7.60 -5.42
N GLY A 28 -0.47 -7.24 -5.77
CA GLY A 28 -0.68 -6.18 -6.71
C GLY A 28 -1.99 -5.52 -6.45
N ASP A 29 -2.98 -6.33 -6.18
CA ASP A 29 -4.29 -5.84 -5.91
C ASP A 29 -4.60 -5.88 -4.41
N CYS A 30 -3.86 -5.05 -3.67
CA CYS A 30 -4.02 -4.90 -2.22
C CYS A 30 -3.43 -6.09 -1.46
N GLY A 31 -2.10 -6.11 -1.36
CA GLY A 31 -1.43 -7.15 -0.63
C GLY A 31 -0.48 -6.57 0.39
N LEU A 32 -0.20 -7.32 1.42
CA LEU A 32 0.68 -6.85 2.47
C LEU A 32 2.14 -7.08 2.10
N GLY A 33 2.93 -6.02 2.13
CA GLY A 33 4.33 -6.10 1.73
C GLY A 33 5.20 -5.31 2.66
N THR A 34 6.51 -5.54 2.61
CA THR A 34 7.42 -4.90 3.55
C THR A 34 8.79 -4.57 2.92
N ARG A 35 9.47 -3.57 3.50
CA ARG A 35 10.80 -3.20 3.07
C ARG A 35 11.69 -2.98 4.29
N GLU A 36 12.99 -3.16 4.12
CA GLU A 36 13.95 -3.03 5.21
C GLU A 36 14.91 -1.87 4.98
N GLY A 37 15.10 -1.03 5.99
CA GLY A 37 16.02 0.08 5.87
C GLY A 37 17.10 0.01 6.93
N THR A 38 18.28 0.54 6.64
CA THR A 38 19.40 0.49 7.59
C THR A 38 20.09 1.83 7.70
N ARG A 39 20.75 2.07 8.84
CA ARG A 39 21.49 3.30 9.09
C ARG A 39 22.63 3.00 10.04
N THR A 40 23.62 3.85 10.08
CA THR A 40 24.68 3.71 11.04
C THR A 40 24.96 5.07 11.68
N GLY A 41 25.52 5.05 12.88
CA GLY A 41 25.83 6.28 13.56
C GLY A 41 27.32 6.52 13.56
N ALA A 42 27.81 7.22 14.56
CA ALA A 42 29.23 7.51 14.63
C ALA A 42 30.02 6.29 15.14
N GLU A 43 29.41 5.51 16.02
CA GLU A 43 30.07 4.35 16.63
C GLU A 43 29.96 3.10 15.75
N CYS A 44 29.33 3.25 14.59
CA CYS A 44 29.12 2.11 13.67
C CYS A 44 28.35 0.97 14.35
N LYS A 45 27.44 1.33 15.27
CA LYS A 45 26.64 0.36 16.01
C LYS A 45 25.65 -0.36 15.09
N GLN A 46 25.30 0.29 13.97
CA GLN A 46 24.39 -0.28 12.96
C GLN A 46 22.94 -0.31 13.45
N THR A 47 22.16 0.60 12.91
CA THR A 47 20.76 0.74 13.24
C THR A 47 19.93 0.20 12.08
N MET A 48 18.80 -0.41 12.39
CA MET A 48 17.94 -0.97 11.36
C MET A 48 16.49 -0.70 11.68
N LYS A 49 15.69 -0.53 10.64
CA LYS A 49 14.27 -0.29 10.78
C LYS A 49 13.54 -1.00 9.66
N THR A 50 12.45 -1.65 9.97
CA THR A 50 11.68 -2.34 8.98
C THR A 50 10.31 -1.71 8.91
N GLN A 51 9.81 -1.49 7.71
CA GLN A 51 8.54 -0.83 7.55
C GLN A 51 7.70 -1.50 6.48
N ARG A 52 6.41 -1.66 6.76
CA ARG A 52 5.50 -2.23 5.81
C ARG A 52 4.97 -1.14 4.91
N CYS A 53 5.00 -1.37 3.62
CA CYS A 53 4.58 -0.35 2.66
C CYS A 53 3.05 -0.37 2.53
N LYS A 54 2.49 0.71 2.03
CA LYS A 54 1.06 0.82 1.95
C LYS A 54 0.56 0.85 0.51
N ILE A 55 -0.49 0.09 0.27
CA ILE A 55 -1.12 0.03 -1.04
C ILE A 55 -2.50 0.67 -0.97
N PRO A 56 -2.77 1.64 -1.86
CA PRO A 56 -4.07 2.31 -1.93
C PRO A 56 -5.13 1.37 -2.47
N CYS A 57 -5.97 0.86 -1.58
CA CYS A 57 -7.00 -0.08 -1.96
C CYS A 57 -8.34 0.65 -2.08
N ASN A 58 -9.36 -0.09 -2.51
CA ASN A 58 -10.69 0.48 -2.69
C ASN A 58 -11.34 0.78 -1.35
N TRP A 59 -12.13 1.85 -1.32
CA TRP A 59 -12.80 2.25 -0.11
C TRP A 59 -14.11 1.50 0.06
N LYS A 60 -14.67 1.56 1.25
CA LYS A 60 -15.92 0.90 1.54
C LYS A 60 -16.88 1.88 2.20
N LYS A 61 -18.13 1.44 2.40
CA LYS A 61 -19.13 2.28 3.03
C LYS A 61 -18.68 2.71 4.42
N GLN A 62 -18.73 4.00 4.67
CA GLN A 62 -18.26 4.56 5.92
C GLN A 62 -19.36 5.36 6.59
N PHE A 63 -20.57 4.87 6.43
CA PHE A 63 -21.73 5.54 6.97
C PHE A 63 -21.78 5.42 8.48
N GLY A 64 -21.03 4.49 8.98
CA GLY A 64 -21.02 4.22 10.40
C GLY A 64 -21.85 3.00 10.74
N ALA A 65 -21.18 1.90 10.99
CA ALA A 65 -21.86 0.64 11.29
C ALA A 65 -22.58 0.70 12.64
N GLU A 66 -22.00 1.45 13.58
CA GLU A 66 -22.59 1.59 14.90
C GLU A 66 -23.65 2.70 14.92
N CYS A 67 -23.68 3.49 13.88
CA CYS A 67 -24.65 4.57 13.76
C CYS A 67 -25.97 4.02 13.24
N LYS A 68 -27.07 4.72 13.46
CA LYS A 68 -28.36 4.21 13.04
C LYS A 68 -29.11 5.21 12.22
N TYR A 69 -29.56 4.80 11.05
CA TYR A 69 -30.20 5.70 10.12
C TYR A 69 -31.57 5.21 9.72
N GLN A 70 -32.53 6.09 9.82
CA GLN A 70 -33.87 5.79 9.37
C GLN A 70 -34.19 6.65 8.18
N PHE A 71 -34.68 6.03 7.12
CA PHE A 71 -34.99 6.77 5.90
C PHE A 71 -36.45 7.17 5.88
N GLN A 72 -36.69 8.40 5.49
CA GLN A 72 -38.02 8.94 5.41
C GLN A 72 -38.43 9.09 3.96
N ALA A 73 -39.71 9.24 3.74
CA ALA A 73 -40.25 9.34 2.39
C ALA A 73 -41.19 10.52 2.29
N TRP A 74 -40.64 11.66 1.89
CA TRP A 74 -41.43 12.88 1.73
C TRP A 74 -41.93 13.00 0.30
N GLY A 75 -41.30 12.26 -0.60
CA GLY A 75 -41.67 12.29 -1.99
C GLY A 75 -41.02 11.16 -2.74
N GLU A 76 -41.81 10.20 -3.18
CA GLU A 76 -41.29 9.07 -3.87
C GLU A 76 -41.35 9.24 -5.37
N CYS A 77 -40.17 9.27 -5.97
CA CYS A 77 -40.00 9.35 -7.42
C CYS A 77 -40.61 10.61 -8.02
N ASP A 78 -39.75 11.52 -8.41
CA ASP A 78 -40.17 12.77 -9.02
C ASP A 78 -40.46 12.55 -10.49
N LEU A 79 -41.59 13.02 -10.93
CA LEU A 79 -42.05 12.81 -12.29
C LEU A 79 -41.26 13.64 -13.29
N ASN A 80 -40.83 14.80 -12.86
CA ASN A 80 -40.14 15.71 -13.75
C ASN A 80 -38.79 15.15 -14.11
N THR A 81 -38.12 14.62 -13.14
CA THR A 81 -36.77 14.15 -13.36
C THR A 81 -36.66 12.64 -13.42
N ALA A 82 -37.78 11.98 -13.23
CA ALA A 82 -37.86 10.52 -13.23
C ALA A 82 -36.91 9.86 -12.22
N LEU A 83 -36.64 10.52 -11.11
CA LEU A 83 -35.72 9.96 -10.13
C LEU A 83 -36.37 9.90 -8.78
N LYS A 84 -35.78 9.16 -7.88
CA LYS A 84 -36.35 8.99 -6.58
C LYS A 84 -35.37 9.47 -5.54
N THR A 85 -35.86 10.18 -4.56
CA THR A 85 -35.02 10.73 -3.53
C THR A 85 -35.44 10.19 -2.16
N ARG A 86 -34.46 9.97 -1.30
CA ARG A 86 -34.70 9.48 0.04
C ARG A 86 -33.79 10.19 1.03
N THR A 87 -34.33 10.50 2.19
CA THR A 87 -33.56 11.19 3.21
C THR A 87 -33.48 10.34 4.48
N GLY A 88 -32.37 10.42 5.18
CA GLY A 88 -32.20 9.67 6.39
C GLY A 88 -31.39 10.44 7.41
N SER A 89 -31.55 10.09 8.67
CA SER A 89 -30.83 10.75 9.75
C SER A 89 -30.49 9.78 10.86
N LEU A 90 -29.37 10.03 11.55
CA LEU A 90 -28.97 9.19 12.67
C LEU A 90 -29.93 9.40 13.86
N LYS A 91 -30.42 8.32 14.40
CA LYS A 91 -31.36 8.40 15.52
C LYS A 91 -30.62 8.34 16.86
N ARG A 92 -29.53 7.59 16.88
CA ARG A 92 -28.69 7.48 18.07
C ARG A 92 -27.24 7.39 17.63
N ALA A 93 -26.35 7.98 18.41
CA ALA A 93 -24.93 8.01 18.06
C ALA A 93 -24.07 7.67 19.26
N LEU A 94 -22.97 7.00 19.01
CA LEU A 94 -22.04 6.64 20.07
C LEU A 94 -20.98 7.73 20.22
N HIS A 95 -20.12 7.59 21.22
CA HIS A 95 -19.05 8.57 21.44
C HIS A 95 -17.80 8.20 20.66
N ASN A 96 -17.74 6.96 20.23
CA ASN A 96 -16.59 6.47 19.47
C ASN A 96 -16.93 6.41 17.98
N ALA A 97 -17.83 7.27 17.58
CA ALA A 97 -18.31 7.26 16.20
C ALA A 97 -19.04 8.55 15.86
N GLU A 98 -18.50 9.27 14.89
CA GLU A 98 -19.14 10.47 14.39
C GLU A 98 -20.20 10.05 13.37
N CYS A 99 -21.44 10.22 13.72
CA CYS A 99 -22.52 9.76 12.86
C CYS A 99 -23.02 10.86 11.93
N GLN A 100 -23.76 10.45 10.93
CA GLN A 100 -24.33 11.37 9.97
C GLN A 100 -25.65 11.90 10.45
N LYS A 101 -25.75 13.20 10.51
CA LYS A 101 -26.94 13.85 10.97
C LYS A 101 -28.02 13.78 9.93
N THR A 102 -27.62 13.78 8.67
CA THR A 102 -28.58 13.63 7.60
C THR A 102 -27.90 13.16 6.33
N VAL A 103 -28.65 12.41 5.56
CA VAL A 103 -28.22 11.92 4.28
C VAL A 103 -29.35 11.94 3.27
N THR A 104 -29.02 12.33 2.08
CA THR A 104 -29.96 12.38 1.01
C THR A 104 -29.39 11.65 -0.18
N ILE A 105 -30.17 10.78 -0.78
CA ILE A 105 -29.72 9.98 -1.90
C ILE A 105 -30.77 9.96 -2.99
N SER A 106 -30.32 9.93 -4.22
CA SER A 106 -31.23 9.88 -5.34
C SER A 106 -30.95 8.66 -6.22
N LYS A 107 -32.01 7.98 -6.60
CA LYS A 107 -31.92 6.79 -7.42
C LYS A 107 -32.79 6.93 -8.65
N PRO A 108 -32.26 6.64 -9.83
CA PRO A 108 -33.01 6.73 -11.08
C PRO A 108 -34.20 5.76 -11.12
N CYS A 109 -35.40 6.30 -11.34
CA CYS A 109 -36.61 5.46 -11.44
C CYS A 109 -36.59 4.70 -12.76
N GLY A 110 -35.78 5.19 -13.68
CA GLY A 110 -35.63 4.56 -14.97
C GLY A 110 -34.21 4.71 -15.46
N LYS A 111 -33.83 3.87 -16.41
CA LYS A 111 -32.48 3.88 -16.97
C LYS A 111 -31.45 3.50 -15.91
N LEU A 112 -31.29 2.23 -15.73
CA LEU A 112 -30.36 1.69 -14.74
C LEU A 112 -28.94 1.70 -15.27
N THR A 113 -28.20 2.72 -14.92
CA THR A 113 -26.85 2.86 -15.37
C THR A 113 -25.86 2.28 -14.35
N LYS A 114 -24.67 1.87 -14.85
CA LYS A 114 -23.57 1.31 -14.04
C LYS A 114 -24.07 0.33 -12.94
N PRO A 115 -24.44 -0.90 -13.35
CA PRO A 115 -24.94 -1.92 -12.41
C PRO A 115 -23.85 -2.42 -11.47
N LYS A 116 -24.25 -2.74 -10.25
CA LYS A 116 -23.33 -3.27 -9.25
C LYS A 116 -22.86 -4.69 -9.60
N PRO A 117 -23.77 -5.63 -9.97
CA PRO A 117 -23.39 -6.99 -10.28
C PRO A 117 -22.82 -7.11 -11.69
N GLN A 118 -21.51 -6.92 -11.78
CA GLN A 118 -20.85 -7.01 -13.07
C GLN A 118 -20.40 -8.43 -13.35
N ALA A 119 -20.75 -9.34 -12.43
CA ALA A 119 -20.41 -10.77 -12.54
C ALA A 119 -18.91 -11.01 -12.45
N GLU A 120 -18.48 -11.68 -11.40
CA GLU A 120 -17.08 -11.98 -11.22
C GLU A 120 -16.67 -13.12 -12.14
N SER A 121 -16.34 -12.78 -13.38
CA SER A 121 -15.91 -13.75 -14.36
C SER A 121 -14.45 -14.10 -14.15
N LYS A 122 -13.81 -13.38 -13.24
CA LYS A 122 -12.41 -13.62 -12.92
C LYS A 122 -12.26 -15.02 -12.37
N LYS A 123 -11.44 -15.81 -13.04
CA LYS A 123 -11.22 -17.20 -12.67
C LYS A 123 -10.56 -17.31 -11.32
N LYS A 124 -9.80 -16.27 -10.95
CA LYS A 124 -9.12 -16.20 -9.67
C LYS A 124 -8.08 -17.32 -9.58
N LYS A 125 -7.29 -17.47 -10.65
CA LYS A 125 -6.26 -18.50 -10.74
C LYS A 125 -6.88 -19.90 -10.65
N LYS A 126 -7.91 -20.11 -11.47
CA LYS A 126 -8.63 -21.39 -11.54
C LYS A 126 -9.38 -21.68 -10.24
N GLU A 127 -9.86 -22.91 -10.12
CA GLU A 127 -10.59 -23.36 -8.94
C GLU A 127 -9.71 -23.30 -7.69
N GLY A 128 -10.33 -23.08 -6.55
CA GLY A 128 -9.58 -23.00 -5.31
C GLY A 128 -9.41 -24.36 -4.68
N LYS A 129 -10.50 -24.99 -4.33
CA LYS A 129 -10.46 -26.30 -3.71
C LYS A 129 -11.37 -27.28 -4.44
N LYS A 130 -11.01 -28.54 -4.37
CA LYS A 130 -11.79 -29.58 -4.97
C LYS A 130 -12.44 -30.41 -3.87
N GLN A 131 -13.62 -29.98 -3.47
CA GLN A 131 -14.30 -30.61 -2.36
C GLN A 131 -15.66 -31.14 -2.76
N GLU A 132 -15.91 -32.43 -2.41
CA GLU A 132 -17.21 -33.14 -2.60
C GLU A 132 -17.82 -33.01 -4.00
N LYS A 133 -17.02 -32.57 -4.96
CA LYS A 133 -17.47 -32.38 -6.35
C LYS A 133 -18.58 -31.33 -6.43
N MET A 134 -19.08 -31.10 -7.63
CA MET A 134 -20.16 -30.16 -7.83
C MET A 134 -21.49 -30.87 -7.73
N LEU A 135 -22.13 -30.73 -6.60
CA LEU A 135 -23.41 -31.37 -6.36
C LEU A 135 -24.55 -30.40 -6.62
N ASP A 136 -25.76 -30.83 -6.37
CA ASP A 136 -26.92 -29.98 -6.54
C ASP A 136 -27.55 -29.69 -5.20
N GLY A 1 14.90 21.37 10.72
CA GLY A 1 13.56 21.84 10.29
C GLY A 1 13.35 21.64 8.81
N LYS A 2 12.15 21.97 8.34
CA LYS A 2 11.81 21.78 6.93
C LYS A 2 12.16 23.00 6.09
N LYS A 3 12.80 23.99 6.71
CA LYS A 3 13.19 25.21 6.02
C LYS A 3 14.23 24.94 4.94
N GLU A 4 15.03 23.88 5.14
CA GLU A 4 16.12 23.52 4.23
C GLU A 4 17.15 24.67 4.14
N LYS A 5 18.11 24.52 3.22
CA LYS A 5 19.11 25.55 2.93
C LYS A 5 19.79 26.08 4.20
N PRO A 6 20.76 25.34 4.73
CA PRO A 6 21.50 25.75 5.92
C PRO A 6 22.78 26.48 5.51
N GLU A 7 23.83 26.21 6.23
CA GLU A 7 25.12 26.84 5.96
C GLU A 7 26.05 25.82 5.35
N LYS A 8 25.46 25.01 4.48
CA LYS A 8 26.17 23.91 3.83
C LYS A 8 26.82 23.00 4.86
N LYS A 9 26.25 23.00 6.04
CA LYS A 9 26.74 22.22 7.14
C LYS A 9 26.62 20.74 6.86
N VAL A 10 27.73 20.06 7.00
CA VAL A 10 27.77 18.64 6.83
C VAL A 10 27.59 17.97 8.18
N LYS A 11 27.31 16.71 8.17
CA LYS A 11 27.13 15.96 9.39
C LYS A 11 28.48 15.50 9.91
N LYS A 12 28.53 15.10 11.15
CA LYS A 12 29.77 14.64 11.75
C LYS A 12 30.13 13.27 11.20
N SER A 13 31.25 12.73 11.66
CA SER A 13 31.75 11.44 11.18
C SER A 13 30.71 10.33 11.23
N ASP A 14 30.04 10.12 10.11
CA ASP A 14 29.05 9.08 9.97
C ASP A 14 29.54 8.08 8.93
N CYS A 15 29.40 6.81 9.24
CA CYS A 15 29.90 5.77 8.35
C CYS A 15 28.77 5.00 7.69
N GLY A 16 27.58 5.59 7.66
CA GLY A 16 26.45 4.92 7.04
C GLY A 16 25.20 5.76 7.09
N GLU A 17 24.54 5.89 5.96
CA GLU A 17 23.31 6.61 5.89
C GLU A 17 22.18 5.65 5.71
N TRP A 18 20.97 6.11 5.94
CA TRP A 18 19.81 5.34 5.67
C TRP A 18 19.77 4.90 4.22
N GLN A 19 19.67 3.60 4.03
CA GLN A 19 19.58 3.03 2.71
C GLN A 19 18.23 2.36 2.60
N TRP A 20 17.38 2.85 1.73
CA TRP A 20 16.03 2.35 1.62
C TRP A 20 15.83 1.46 0.42
N SER A 21 15.03 0.44 0.61
CA SER A 21 14.68 -0.50 -0.42
C SER A 21 13.27 -0.20 -0.91
N VAL A 22 12.85 -0.86 -1.97
CA VAL A 22 11.54 -0.61 -2.56
C VAL A 22 10.52 -1.60 -2.02
N CYS A 23 9.25 -1.20 -2.04
CA CYS A 23 8.17 -2.03 -1.53
C CYS A 23 8.15 -3.40 -2.21
N VAL A 24 8.42 -4.43 -1.44
CA VAL A 24 8.41 -5.78 -1.95
C VAL A 24 7.22 -6.55 -1.38
N PRO A 25 6.34 -7.06 -2.26
CA PRO A 25 5.13 -7.76 -1.85
C PRO A 25 5.39 -9.11 -1.18
N THR A 26 4.76 -9.30 -0.03
CA THR A 26 4.84 -10.54 0.71
C THR A 26 3.93 -11.56 0.07
N SER A 27 2.94 -11.07 -0.67
CA SER A 27 1.99 -11.92 -1.33
C SER A 27 1.30 -11.17 -2.47
N GLY A 28 1.51 -11.65 -3.70
CA GLY A 28 0.91 -11.05 -4.89
C GLY A 28 -0.61 -11.07 -4.85
N ASP A 29 -1.17 -12.10 -4.24
CA ASP A 29 -2.63 -12.24 -4.13
C ASP A 29 -3.18 -11.31 -3.06
N CYS A 30 -2.84 -10.04 -3.16
CA CYS A 30 -3.31 -9.02 -2.23
C CYS A 30 -2.72 -9.28 -0.84
N GLY A 31 -1.49 -8.86 -0.64
CA GLY A 31 -0.84 -9.10 0.61
C GLY A 31 0.16 -8.05 0.99
N LEU A 32 0.41 -7.99 2.29
CA LEU A 32 1.35 -7.05 2.90
C LEU A 32 2.70 -7.05 2.21
N GLY A 33 3.44 -6.00 2.38
CA GLY A 33 4.72 -5.85 1.75
C GLY A 33 5.71 -5.33 2.76
N THR A 34 6.96 -5.19 2.39
CA THR A 34 7.94 -4.71 3.34
C THR A 34 8.94 -3.74 2.71
N ARG A 35 9.52 -2.91 3.56
CA ARG A 35 10.57 -2.00 3.21
C ARG A 35 11.65 -2.04 4.27
N GLU A 36 12.88 -2.04 3.86
CA GLU A 36 13.98 -2.14 4.80
C GLU A 36 14.96 -0.99 4.64
N GLY A 37 15.31 -0.37 5.75
CA GLY A 37 16.26 0.70 5.75
C GLY A 37 17.26 0.48 6.86
N THR A 38 18.52 0.71 6.59
CA THR A 38 19.56 0.48 7.59
C THR A 38 20.50 1.65 7.69
N ARG A 39 21.11 1.83 8.86
CA ARG A 39 22.05 2.91 9.09
C ARG A 39 23.02 2.53 10.21
N THR A 40 24.15 3.20 10.29
CA THR A 40 25.09 2.97 11.35
C THR A 40 25.27 4.24 12.18
N GLY A 41 25.80 4.10 13.38
CA GLY A 41 26.00 5.25 14.23
C GLY A 41 27.26 6.00 13.88
N ALA A 42 27.62 7.00 14.70
CA ALA A 42 28.80 7.81 14.44
C ALA A 42 30.08 6.99 14.65
N GLU A 43 30.05 6.07 15.60
CA GLU A 43 31.16 5.17 15.85
C GLU A 43 30.90 3.85 15.15
N CYS A 44 29.99 3.90 14.20
CA CYS A 44 29.55 2.74 13.42
C CYS A 44 28.76 1.77 14.30
N LYS A 45 27.67 2.27 14.85
CA LYS A 45 26.76 1.48 15.66
C LYS A 45 25.90 0.61 14.72
N GLN A 46 24.65 0.37 15.09
CA GLN A 46 23.80 -0.45 14.30
C GLN A 46 22.36 0.00 14.48
N THR A 47 21.75 0.47 13.41
CA THR A 47 20.37 0.93 13.46
C THR A 47 19.61 0.35 12.27
N MET A 48 18.55 -0.37 12.54
CA MET A 48 17.77 -1.00 11.49
C MET A 48 16.30 -0.69 11.62
N LYS A 49 15.67 -0.35 10.51
CA LYS A 49 14.26 -0.05 10.48
C LYS A 49 13.59 -0.78 9.33
N THR A 50 12.51 -1.47 9.61
CA THR A 50 11.76 -2.14 8.60
C THR A 50 10.30 -1.79 8.76
N GLN A 51 9.65 -1.40 7.69
CA GLN A 51 8.26 -0.98 7.76
C GLN A 51 7.43 -1.78 6.82
N ARG A 52 6.23 -2.10 7.25
CA ARG A 52 5.37 -2.92 6.46
C ARG A 52 4.57 -2.11 5.47
N CYS A 53 4.93 -2.31 4.23
CA CYS A 53 4.27 -1.73 3.09
C CYS A 53 2.87 -2.34 2.93
N LYS A 54 1.94 -1.55 2.44
CA LYS A 54 0.60 -2.01 2.28
C LYS A 54 0.23 -2.06 0.81
N ILE A 55 -0.52 -3.06 0.44
CA ILE A 55 -0.95 -3.23 -0.92
C ILE A 55 -2.37 -2.67 -1.08
N PRO A 56 -2.58 -1.83 -2.12
CA PRO A 56 -3.88 -1.23 -2.40
C PRO A 56 -5.00 -2.27 -2.45
N CYS A 57 -4.79 -3.30 -3.27
CA CYS A 57 -5.75 -4.39 -3.42
C CYS A 57 -7.00 -3.92 -4.18
N ASN A 58 -7.92 -4.83 -4.44
CA ASN A 58 -9.14 -4.50 -5.17
C ASN A 58 -10.21 -3.95 -4.25
N TRP A 59 -10.89 -2.90 -4.74
CA TRP A 59 -11.95 -2.22 -4.00
C TRP A 59 -11.54 -1.92 -2.57
N LYS A 60 -10.55 -1.07 -2.41
CA LYS A 60 -10.01 -0.75 -1.11
C LYS A 60 -10.72 0.44 -0.49
N LYS A 61 -10.90 0.37 0.81
CA LYS A 61 -11.43 1.49 1.57
C LYS A 61 -10.28 2.11 2.30
N GLN A 62 -10.22 3.42 2.28
CA GLN A 62 -9.12 4.11 2.87
C GLN A 62 -9.56 5.50 3.31
N PHE A 63 -10.86 5.69 3.38
CA PHE A 63 -11.40 6.96 3.75
C PHE A 63 -11.79 6.96 5.21
N GLY A 64 -10.88 7.40 6.05
CA GLY A 64 -11.13 7.44 7.48
C GLY A 64 -11.88 8.69 7.90
N ALA A 65 -11.93 9.69 7.01
CA ALA A 65 -12.63 10.96 7.27
C ALA A 65 -11.99 11.72 8.44
N GLU A 66 -10.79 11.32 8.82
CA GLU A 66 -10.08 11.94 9.94
C GLU A 66 -9.33 13.19 9.46
N CYS A 67 -9.38 13.40 8.15
CA CYS A 67 -8.74 14.54 7.52
C CYS A 67 -9.71 15.10 6.48
N LYS A 68 -9.22 15.89 5.52
CA LYS A 68 -10.08 16.44 4.48
C LYS A 68 -9.52 16.12 3.12
N TYR A 69 -10.40 15.73 2.22
CA TYR A 69 -10.00 15.37 0.87
C TYR A 69 -10.71 16.19 -0.18
N GLN A 70 -10.05 16.40 -1.28
CA GLN A 70 -10.60 17.08 -2.42
C GLN A 70 -10.44 16.17 -3.63
N PHE A 71 -11.55 15.90 -4.31
CA PHE A 71 -11.54 14.97 -5.43
C PHE A 71 -11.36 15.69 -6.76
N GLN A 72 -10.45 15.18 -7.56
CA GLN A 72 -10.17 15.73 -8.86
C GLN A 72 -10.91 14.95 -9.92
N ALA A 73 -11.01 15.52 -11.08
CA ALA A 73 -11.70 14.91 -12.19
C ALA A 73 -10.81 14.86 -13.41
N TRP A 74 -9.91 13.89 -13.43
CA TRP A 74 -8.96 13.75 -14.51
C TRP A 74 -9.61 13.01 -15.67
N GLY A 75 -10.60 12.20 -15.37
CA GLY A 75 -11.27 11.43 -16.39
C GLY A 75 -12.74 11.30 -16.09
N GLU A 76 -13.51 11.05 -17.14
CA GLU A 76 -14.93 10.89 -17.03
C GLU A 76 -15.28 9.42 -16.93
N CYS A 77 -16.37 9.12 -16.20
CA CYS A 77 -16.90 7.74 -16.05
C CYS A 77 -16.62 6.89 -17.29
N ASP A 78 -16.21 5.66 -17.08
CA ASP A 78 -15.86 4.79 -18.17
C ASP A 78 -17.10 4.26 -18.82
N LEU A 79 -17.20 4.53 -20.09
CA LEU A 79 -18.39 4.22 -20.86
C LEU A 79 -18.57 2.74 -21.07
N ASN A 80 -17.46 2.05 -21.20
CA ASN A 80 -17.50 0.63 -21.41
C ASN A 80 -17.94 -0.11 -20.18
N THR A 81 -17.51 0.36 -19.04
CA THR A 81 -17.74 -0.40 -17.81
C THR A 81 -18.85 0.20 -16.96
N ALA A 82 -19.32 1.38 -17.35
CA ALA A 82 -20.32 2.12 -16.59
C ALA A 82 -19.81 2.39 -15.18
N LEU A 83 -18.51 2.60 -15.06
CA LEU A 83 -17.88 2.84 -13.76
C LEU A 83 -17.07 4.09 -13.79
N LYS A 84 -16.99 4.76 -12.67
CA LYS A 84 -16.28 5.99 -12.59
C LYS A 84 -15.25 5.93 -11.50
N THR A 85 -14.08 6.44 -11.78
CA THR A 85 -13.01 6.50 -10.81
C THR A 85 -12.62 7.95 -10.59
N ARG A 86 -12.28 8.28 -9.36
CA ARG A 86 -11.90 9.63 -9.01
C ARG A 86 -10.66 9.58 -8.15
N THR A 87 -9.77 10.52 -8.38
CA THR A 87 -8.55 10.59 -7.61
C THR A 87 -8.61 11.81 -6.71
N GLY A 88 -8.05 11.69 -5.53
CA GLY A 88 -8.09 12.79 -4.61
C GLY A 88 -6.76 12.97 -3.92
N SER A 89 -6.61 14.08 -3.26
CA SER A 89 -5.38 14.39 -2.57
C SER A 89 -5.67 14.94 -1.20
N LEU A 90 -4.82 14.59 -0.26
CA LEU A 90 -4.96 15.06 1.07
C LEU A 90 -4.61 16.55 1.08
N LYS A 91 -5.54 17.37 1.54
CA LYS A 91 -5.34 18.81 1.55
C LYS A 91 -4.86 19.28 2.91
N ARG A 92 -5.39 18.67 3.94
CA ARG A 92 -5.01 19.01 5.29
C ARG A 92 -5.27 17.84 6.22
N ALA A 93 -4.31 17.56 7.07
CA ALA A 93 -4.43 16.50 8.03
C ALA A 93 -4.15 17.06 9.39
N LEU A 94 -4.83 16.57 10.39
CA LEU A 94 -4.62 17.05 11.74
C LEU A 94 -3.50 16.32 12.43
N HIS A 95 -3.18 16.78 13.60
CA HIS A 95 -2.09 16.20 14.38
C HIS A 95 -2.49 14.85 14.96
N ASN A 96 -3.78 14.65 15.18
CA ASN A 96 -4.27 13.41 15.74
C ASN A 96 -4.92 12.59 14.64
N ALA A 97 -4.36 12.66 13.45
CA ALA A 97 -4.88 11.95 12.30
C ALA A 97 -3.78 11.68 11.29
N GLU A 98 -3.74 10.46 10.79
CA GLU A 98 -2.78 10.08 9.77
C GLU A 98 -3.50 9.82 8.46
N CYS A 99 -3.13 10.53 7.43
CA CYS A 99 -3.77 10.37 6.15
C CYS A 99 -2.77 10.41 5.01
N GLN A 100 -3.01 9.56 4.03
CA GLN A 100 -2.21 9.49 2.81
C GLN A 100 -2.42 10.74 1.95
N LYS A 101 -1.42 11.06 1.14
CA LYS A 101 -1.43 12.26 0.33
C LYS A 101 -2.38 12.13 -0.85
N THR A 102 -2.64 10.91 -1.30
CA THR A 102 -3.54 10.72 -2.41
C THR A 102 -4.41 9.50 -2.22
N VAL A 103 -5.60 9.57 -2.79
CA VAL A 103 -6.57 8.48 -2.73
C VAL A 103 -7.26 8.28 -4.05
N THR A 104 -7.63 7.06 -4.30
CA THR A 104 -8.33 6.71 -5.50
C THR A 104 -9.59 5.91 -5.14
N ILE A 105 -10.70 6.22 -5.78
CA ILE A 105 -11.94 5.54 -5.51
C ILE A 105 -12.71 5.30 -6.79
N SER A 106 -13.34 4.15 -6.88
CA SER A 106 -14.13 3.81 -8.02
C SER A 106 -15.57 3.54 -7.59
N LYS A 107 -16.51 4.08 -8.32
CA LYS A 107 -17.91 3.92 -8.01
C LYS A 107 -18.70 3.58 -9.25
N PRO A 108 -19.59 2.58 -9.16
CA PRO A 108 -20.47 2.23 -10.26
C PRO A 108 -21.33 3.41 -10.70
N CYS A 109 -21.36 3.67 -11.99
CA CYS A 109 -22.14 4.78 -12.53
C CYS A 109 -23.60 4.40 -12.71
N GLY A 110 -24.40 5.39 -13.07
CA GLY A 110 -25.81 5.21 -13.25
C GLY A 110 -26.49 6.54 -13.38
N LYS A 111 -27.72 6.63 -12.93
CA LYS A 111 -28.42 7.90 -12.97
C LYS A 111 -28.14 8.72 -11.73
N LEU A 112 -26.96 9.32 -11.74
CA LEU A 112 -26.49 10.14 -10.62
C LEU A 112 -25.94 11.46 -11.15
N THR A 113 -25.74 12.40 -10.25
CA THR A 113 -25.18 13.69 -10.60
C THR A 113 -23.65 13.60 -10.67
N LYS A 114 -23.01 14.72 -10.94
CA LYS A 114 -21.57 14.74 -11.04
C LYS A 114 -20.96 15.59 -9.92
N PRO A 115 -20.73 14.99 -8.75
CA PRO A 115 -20.15 15.70 -7.60
C PRO A 115 -18.74 16.18 -7.84
N LYS A 116 -18.51 17.40 -7.42
CA LYS A 116 -17.21 18.02 -7.47
C LYS A 116 -17.09 19.12 -6.40
N PRO A 117 -17.38 18.78 -5.11
CA PRO A 117 -17.32 19.74 -3.99
C PRO A 117 -15.96 20.41 -3.85
N GLN A 118 -15.88 21.67 -4.31
CA GLN A 118 -14.68 22.50 -4.23
C GLN A 118 -13.54 22.02 -5.12
N ALA A 119 -13.03 22.92 -5.92
CA ALA A 119 -11.92 22.65 -6.79
C ALA A 119 -10.92 23.80 -6.73
N GLU A 120 -9.72 23.51 -6.24
CA GLU A 120 -8.70 24.53 -6.09
C GLU A 120 -8.22 25.03 -7.45
N SER A 121 -8.60 26.24 -7.79
CA SER A 121 -8.23 26.82 -9.06
C SER A 121 -7.00 27.71 -8.93
N LYS A 122 -6.77 28.22 -7.72
CA LYS A 122 -5.63 29.09 -7.48
C LYS A 122 -4.42 28.29 -7.01
N LYS A 123 -4.68 27.18 -6.35
CA LYS A 123 -3.62 26.31 -5.90
C LYS A 123 -3.22 25.35 -7.00
N LYS A 124 -2.29 25.78 -7.83
CA LYS A 124 -1.82 24.98 -8.93
C LYS A 124 -0.77 24.00 -8.45
N LYS A 125 0.14 24.51 -7.60
CA LYS A 125 1.24 23.74 -7.05
C LYS A 125 2.19 23.22 -8.14
N LYS A 126 1.77 22.13 -8.81
CA LYS A 126 2.57 21.46 -9.81
C LYS A 126 3.84 20.89 -9.20
N GLU A 127 4.82 21.77 -9.01
CA GLU A 127 6.10 21.44 -8.37
C GLU A 127 6.93 20.46 -9.19
N GLY A 128 8.18 20.31 -8.79
CA GLY A 128 9.09 19.41 -9.42
C GLY A 128 10.32 19.24 -8.55
N LYS A 129 11.36 20.01 -8.86
CA LYS A 129 12.60 20.02 -8.09
C LYS A 129 13.14 18.62 -7.85
N LYS A 130 13.77 18.05 -8.86
CA LYS A 130 14.37 16.75 -8.72
C LYS A 130 15.59 16.84 -7.81
N GLN A 131 15.33 16.70 -6.52
CA GLN A 131 16.36 16.79 -5.49
C GLN A 131 17.47 15.81 -5.75
N GLU A 132 17.14 14.53 -5.70
CA GLU A 132 18.09 13.48 -5.96
C GLU A 132 17.38 12.21 -6.40
N LYS A 133 17.85 11.63 -7.47
CA LYS A 133 17.31 10.40 -7.98
C LYS A 133 18.38 9.65 -8.75
N MET A 134 19.33 9.11 -8.01
CA MET A 134 20.45 8.40 -8.62
C MET A 134 20.07 6.98 -9.02
N LEU A 135 20.37 6.66 -10.25
CA LEU A 135 20.12 5.33 -10.80
C LEU A 135 21.30 4.95 -11.68
N ASP A 136 22.16 4.11 -11.15
CA ASP A 136 23.38 3.72 -11.84
C ASP A 136 23.10 2.74 -12.96
N GLY A 1 23.86 17.40 5.88
CA GLY A 1 23.73 18.59 5.04
C GLY A 1 25.08 19.15 4.65
N LYS A 2 25.10 20.37 4.17
CA LYS A 2 26.34 21.01 3.77
C LYS A 2 26.66 22.19 4.67
N LYS A 3 27.74 22.87 4.39
CA LYS A 3 28.19 23.98 5.25
C LYS A 3 28.93 25.03 4.42
N GLU A 4 28.72 25.00 3.10
CA GLU A 4 29.50 25.84 2.16
C GLU A 4 30.91 25.30 2.07
N LYS A 5 31.42 25.13 0.85
CA LYS A 5 32.74 24.56 0.63
C LYS A 5 32.77 23.12 1.16
N PRO A 6 32.26 22.17 0.35
CA PRO A 6 32.19 20.76 0.73
C PRO A 6 33.53 20.08 0.70
N GLU A 7 33.85 19.57 -0.45
CA GLU A 7 35.10 18.85 -0.71
C GLU A 7 35.20 17.64 0.19
N LYS A 8 34.35 16.68 -0.07
CA LYS A 8 34.28 15.46 0.69
C LYS A 8 33.98 14.28 -0.22
N LYS A 9 34.91 13.35 -0.27
CA LYS A 9 34.73 12.17 -1.08
C LYS A 9 33.90 11.15 -0.34
N VAL A 10 32.91 10.64 -1.00
CA VAL A 10 32.03 9.64 -0.42
C VAL A 10 32.06 8.36 -1.22
N LYS A 11 32.01 7.25 -0.53
CA LYS A 11 32.07 5.94 -1.15
C LYS A 11 30.91 5.09 -0.68
N LYS A 12 30.51 4.15 -1.51
CA LYS A 12 29.47 3.22 -1.15
C LYS A 12 30.08 2.03 -0.45
N SER A 13 29.97 2.03 0.85
CA SER A 13 30.55 0.99 1.68
C SER A 13 29.73 0.82 2.94
N ASP A 14 30.34 0.24 3.96
CA ASP A 14 29.68 0.04 5.23
C ASP A 14 29.63 1.36 5.99
N CYS A 15 28.81 1.41 7.03
CA CYS A 15 28.59 2.64 7.81
C CYS A 15 28.10 3.78 6.91
N GLY A 16 26.79 3.85 6.74
CA GLY A 16 26.22 4.87 5.87
C GLY A 16 24.87 5.35 6.33
N GLU A 17 24.32 6.29 5.60
CA GLU A 17 23.02 6.85 5.89
C GLU A 17 21.91 5.91 5.50
N TRP A 18 20.70 6.24 5.93
CA TRP A 18 19.53 5.46 5.63
C TRP A 18 19.44 5.10 4.16
N GLN A 19 19.45 3.82 3.91
CA GLN A 19 19.25 3.30 2.58
C GLN A 19 18.03 2.40 2.60
N TRP A 20 17.02 2.81 1.88
CA TRP A 20 15.77 2.09 1.87
C TRP A 20 15.59 1.22 0.66
N SER A 21 14.92 0.12 0.87
CA SER A 21 14.63 -0.83 -0.16
C SER A 21 13.25 -0.53 -0.73
N VAL A 22 12.89 -1.20 -1.80
CA VAL A 22 11.63 -0.96 -2.46
C VAL A 22 10.57 -1.89 -1.90
N CYS A 23 9.33 -1.47 -2.00
CA CYS A 23 8.21 -2.25 -1.47
C CYS A 23 7.94 -3.42 -2.36
N VAL A 24 8.13 -4.61 -1.82
CA VAL A 24 7.90 -5.82 -2.56
C VAL A 24 6.68 -6.51 -1.97
N PRO A 25 5.62 -6.68 -2.76
CA PRO A 25 4.39 -7.32 -2.30
C PRO A 25 4.64 -8.71 -1.73
N THR A 26 3.90 -9.03 -0.71
CA THR A 26 4.01 -10.32 -0.06
C THR A 26 3.06 -11.34 -0.70
N SER A 27 2.02 -10.83 -1.33
CA SER A 27 1.06 -11.68 -2.00
C SER A 27 0.73 -11.13 -3.37
N GLY A 28 -0.04 -11.88 -4.15
CA GLY A 28 -0.38 -11.50 -5.50
C GLY A 28 -1.28 -10.29 -5.58
N ASP A 29 -0.70 -9.13 -5.32
CA ASP A 29 -1.39 -7.83 -5.46
C ASP A 29 -2.48 -7.68 -4.39
N CYS A 30 -2.31 -8.39 -3.29
CA CYS A 30 -3.29 -8.33 -2.21
C CYS A 30 -2.65 -8.59 -0.85
N GLY A 31 -1.35 -8.61 -0.82
CA GLY A 31 -0.66 -8.86 0.42
C GLY A 31 0.34 -7.79 0.72
N LEU A 32 0.24 -7.20 1.91
CA LEU A 32 1.12 -6.12 2.34
C LEU A 32 2.57 -6.50 2.18
N GLY A 33 3.43 -5.52 1.98
CA GLY A 33 4.80 -5.81 1.69
C GLY A 33 5.69 -5.17 2.72
N THR A 34 6.98 -5.25 2.54
CA THR A 34 7.89 -4.66 3.52
C THR A 34 9.05 -3.92 2.85
N ARG A 35 9.59 -2.94 3.56
CA ARG A 35 10.74 -2.19 3.12
C ARG A 35 11.80 -2.25 4.20
N GLU A 36 13.03 -2.43 3.80
CA GLU A 36 14.12 -2.57 4.74
C GLU A 36 15.09 -1.39 4.60
N GLY A 37 15.45 -0.78 5.72
CA GLY A 37 16.37 0.34 5.70
C GLY A 37 17.39 0.23 6.82
N THR A 38 18.62 0.60 6.55
CA THR A 38 19.68 0.53 7.54
C THR A 38 20.34 1.89 7.72
N ARG A 39 20.91 2.12 8.90
CA ARG A 39 21.58 3.37 9.20
C ARG A 39 22.78 3.08 10.10
N THR A 40 23.72 3.99 10.16
CA THR A 40 24.86 3.80 11.00
C THR A 40 24.93 4.82 12.10
N GLY A 41 25.70 4.48 13.08
CA GLY A 41 25.99 5.34 14.19
C GLY A 41 27.47 5.39 14.39
N ALA A 42 27.93 5.85 15.54
CA ALA A 42 29.35 5.92 15.79
C ALA A 42 29.97 4.53 15.90
N GLU A 43 29.18 3.54 16.28
CA GLU A 43 29.71 2.20 16.43
C GLU A 43 29.39 1.34 15.22
N CYS A 44 28.52 1.85 14.36
CA CYS A 44 28.14 1.16 13.12
C CYS A 44 27.32 -0.13 13.38
N LYS A 45 26.47 -0.48 12.40
CA LYS A 45 25.67 -1.71 12.41
C LYS A 45 24.65 -1.76 13.57
N GLN A 46 24.47 -0.65 14.26
CA GLN A 46 23.56 -0.62 15.41
C GLN A 46 22.24 0.06 15.06
N THR A 47 21.92 0.19 13.79
CA THR A 47 20.66 0.81 13.39
C THR A 47 20.06 0.13 12.16
N MET A 48 18.98 -0.55 12.37
CA MET A 48 18.23 -1.22 11.32
C MET A 48 16.75 -1.19 11.62
N LYS A 49 15.94 -0.86 10.63
CA LYS A 49 14.49 -0.82 10.82
C LYS A 49 13.77 -1.31 9.58
N THR A 50 12.69 -2.03 9.80
CA THR A 50 11.87 -2.54 8.73
C THR A 50 10.46 -1.94 8.83
N GLN A 51 9.91 -1.53 7.72
CA GLN A 51 8.61 -0.90 7.70
C GLN A 51 7.70 -1.58 6.68
N ARG A 52 6.44 -1.74 7.01
CA ARG A 52 5.48 -2.33 6.11
C ARG A 52 4.90 -1.25 5.21
N CYS A 53 4.73 -1.58 3.95
CA CYS A 53 4.16 -0.64 3.00
C CYS A 53 2.68 -0.94 2.78
N LYS A 54 2.08 -0.30 1.80
CA LYS A 54 0.66 -0.47 1.53
C LYS A 54 0.44 -1.15 0.19
N ILE A 55 -0.51 -2.08 0.14
CA ILE A 55 -0.82 -2.81 -1.08
C ILE A 55 -2.32 -2.71 -1.37
N PRO A 56 -2.69 -1.99 -2.45
CA PRO A 56 -4.08 -1.87 -2.87
C PRO A 56 -4.62 -3.19 -3.42
N CYS A 57 -5.71 -3.68 -2.83
CA CYS A 57 -6.30 -4.93 -3.26
C CYS A 57 -7.77 -4.74 -3.61
N ASN A 58 -8.29 -5.64 -4.44
CA ASN A 58 -9.70 -5.63 -4.82
C ASN A 58 -10.58 -5.96 -3.62
N TRP A 59 -11.77 -5.36 -3.58
CA TRP A 59 -12.70 -5.55 -2.48
C TRP A 59 -13.10 -7.02 -2.31
N LYS A 60 -13.46 -7.37 -1.09
CA LYS A 60 -13.82 -8.75 -0.76
C LYS A 60 -15.33 -8.99 -0.90
N LYS A 61 -15.80 -10.08 -0.32
CA LYS A 61 -17.21 -10.45 -0.41
C LYS A 61 -18.02 -9.74 0.67
N GLN A 62 -19.24 -9.33 0.32
CA GLN A 62 -20.12 -8.66 1.24
C GLN A 62 -21.53 -9.09 0.95
N PHE A 63 -22.03 -10.01 1.74
CA PHE A 63 -23.36 -10.52 1.49
C PHE A 63 -24.32 -10.06 2.58
N GLY A 64 -23.94 -9.02 3.28
CA GLY A 64 -24.75 -8.49 4.35
C GLY A 64 -23.90 -8.08 5.53
N ALA A 65 -24.51 -7.43 6.51
CA ALA A 65 -23.79 -7.00 7.71
C ALA A 65 -23.96 -8.02 8.83
N GLU A 66 -25.21 -8.28 9.19
CA GLU A 66 -25.51 -9.26 10.22
C GLU A 66 -25.67 -10.66 9.62
N CYS A 67 -25.91 -10.70 8.33
CA CYS A 67 -26.00 -11.96 7.62
C CYS A 67 -24.60 -12.47 7.32
N LYS A 68 -24.25 -13.61 7.87
CA LYS A 68 -22.96 -14.17 7.66
C LYS A 68 -23.09 -15.46 6.87
N TYR A 69 -22.32 -15.57 5.82
CA TYR A 69 -22.39 -16.72 4.94
C TYR A 69 -21.19 -17.62 5.14
N GLN A 70 -21.38 -18.89 4.86
CA GLN A 70 -20.29 -19.84 4.90
C GLN A 70 -19.89 -20.14 3.46
N PHE A 71 -18.67 -19.80 3.11
CA PHE A 71 -18.20 -19.96 1.74
C PHE A 71 -17.46 -21.27 1.53
N GLN A 72 -18.01 -22.07 0.65
CA GLN A 72 -17.42 -23.34 0.27
C GLN A 72 -17.15 -23.37 -1.21
N ALA A 73 -16.33 -24.27 -1.65
CA ALA A 73 -15.97 -24.33 -3.04
C ALA A 73 -16.95 -25.18 -3.81
N TRP A 74 -17.24 -24.75 -5.02
CA TRP A 74 -18.16 -25.47 -5.88
C TRP A 74 -17.35 -26.33 -6.84
N GLY A 75 -16.04 -26.15 -6.77
CA GLY A 75 -15.14 -26.89 -7.59
C GLY A 75 -13.91 -26.11 -7.92
N GLU A 76 -13.13 -26.63 -8.81
CA GLU A 76 -11.91 -26.03 -9.28
C GLU A 76 -12.19 -25.26 -10.55
N CYS A 77 -11.44 -24.16 -10.76
CA CYS A 77 -11.56 -23.32 -11.99
C CYS A 77 -12.15 -24.09 -13.16
N ASP A 78 -13.20 -23.56 -13.73
CA ASP A 78 -13.88 -24.20 -14.83
C ASP A 78 -13.13 -23.93 -16.09
N LEU A 79 -12.69 -24.97 -16.71
CA LEU A 79 -11.84 -24.88 -17.89
C LEU A 79 -12.58 -24.36 -19.09
N ASN A 80 -13.86 -24.60 -19.13
CA ASN A 80 -14.66 -24.17 -20.23
C ASN A 80 -14.81 -22.67 -20.20
N THR A 81 -14.93 -22.12 -19.01
CA THR A 81 -15.19 -20.69 -18.88
C THR A 81 -13.96 -19.91 -18.44
N ALA A 82 -12.92 -20.63 -18.05
CA ALA A 82 -11.70 -20.06 -17.50
C ALA A 82 -11.99 -19.23 -16.24
N LEU A 83 -13.08 -19.59 -15.56
CA LEU A 83 -13.54 -18.88 -14.38
C LEU A 83 -13.74 -19.86 -13.25
N LYS A 84 -13.79 -19.37 -12.05
CA LYS A 84 -13.93 -20.22 -10.91
C LYS A 84 -15.20 -19.91 -10.19
N THR A 85 -15.81 -20.91 -9.58
CA THR A 85 -17.10 -20.76 -8.93
C THR A 85 -16.98 -21.09 -7.43
N ARG A 86 -17.69 -20.33 -6.61
CA ARG A 86 -17.66 -20.48 -5.17
C ARG A 86 -19.10 -20.43 -4.66
N THR A 87 -19.45 -21.25 -3.69
CA THR A 87 -20.81 -21.27 -3.17
C THR A 87 -20.84 -20.88 -1.70
N GLY A 88 -21.87 -20.18 -1.29
CA GLY A 88 -21.97 -19.78 0.09
C GLY A 88 -23.36 -19.99 0.63
N SER A 89 -23.44 -20.24 1.91
CA SER A 89 -24.72 -20.44 2.56
C SER A 89 -24.89 -19.54 3.77
N LEU A 90 -26.05 -18.93 3.87
CA LEU A 90 -26.36 -18.04 4.94
C LEU A 90 -26.63 -18.84 6.22
N LYS A 91 -25.94 -18.47 7.29
CA LYS A 91 -26.05 -19.19 8.56
C LYS A 91 -27.20 -18.63 9.38
N ARG A 92 -27.22 -17.32 9.54
CA ARG A 92 -28.25 -16.64 10.31
C ARG A 92 -28.57 -15.30 9.66
N ALA A 93 -29.84 -14.94 9.67
CA ALA A 93 -30.30 -13.69 9.11
C ALA A 93 -31.26 -13.04 10.07
N LEU A 94 -31.18 -11.75 10.23
CA LEU A 94 -32.07 -11.05 11.12
C LEU A 94 -33.34 -10.62 10.40
N HIS A 95 -34.27 -10.04 11.13
CA HIS A 95 -35.56 -9.65 10.55
C HIS A 95 -35.48 -8.29 9.86
N ASN A 96 -34.29 -7.70 9.87
CA ASN A 96 -34.07 -6.40 9.24
C ASN A 96 -33.39 -6.58 7.89
N ALA A 97 -33.42 -7.79 7.41
CA ALA A 97 -32.76 -8.15 6.16
C ALA A 97 -33.06 -9.58 5.77
N GLU A 98 -33.61 -9.76 4.59
CA GLU A 98 -33.89 -11.08 4.12
C GLU A 98 -32.72 -11.60 3.29
N CYS A 99 -32.02 -12.56 3.83
CA CYS A 99 -30.87 -13.09 3.18
C CYS A 99 -31.12 -14.50 2.67
N GLN A 100 -30.74 -14.74 1.43
CA GLN A 100 -30.92 -16.02 0.78
C GLN A 100 -30.05 -17.10 1.43
N LYS A 101 -30.51 -18.33 1.37
CA LYS A 101 -29.86 -19.42 2.08
C LYS A 101 -28.59 -19.85 1.39
N THR A 102 -28.52 -19.70 0.07
CA THR A 102 -27.33 -20.07 -0.64
C THR A 102 -27.05 -19.16 -1.84
N VAL A 103 -25.78 -19.01 -2.13
CA VAL A 103 -25.31 -18.20 -3.23
C VAL A 103 -24.24 -18.90 -4.01
N THR A 104 -24.22 -18.64 -5.28
CA THR A 104 -23.24 -19.17 -6.15
C THR A 104 -22.63 -18.03 -6.95
N ILE A 105 -21.33 -17.92 -6.95
CA ILE A 105 -20.67 -16.80 -7.60
C ILE A 105 -19.48 -17.29 -8.40
N SER A 106 -19.19 -16.60 -9.47
CA SER A 106 -18.08 -16.96 -10.33
C SER A 106 -17.21 -15.74 -10.62
N LYS A 107 -15.90 -15.94 -10.55
CA LYS A 107 -14.93 -14.90 -10.83
C LYS A 107 -13.85 -15.44 -11.74
N PRO A 108 -13.27 -14.58 -12.60
CA PRO A 108 -12.22 -14.99 -13.54
C PRO A 108 -11.00 -15.55 -12.85
N CYS A 109 -10.53 -16.69 -13.34
CA CYS A 109 -9.30 -17.29 -12.81
C CYS A 109 -8.09 -16.53 -13.31
N GLY A 110 -8.30 -15.75 -14.36
CA GLY A 110 -7.27 -14.92 -14.91
C GLY A 110 -7.72 -13.49 -14.96
N LYS A 111 -7.40 -12.79 -16.05
CA LYS A 111 -7.83 -11.40 -16.24
C LYS A 111 -7.16 -10.46 -15.22
N LEU A 112 -7.40 -9.17 -15.35
CA LEU A 112 -6.87 -8.13 -14.45
C LEU A 112 -5.37 -7.94 -14.65
N THR A 113 -4.84 -6.87 -14.08
CA THR A 113 -3.43 -6.59 -14.17
C THR A 113 -2.65 -7.45 -13.20
N LYS A 114 -1.81 -8.31 -13.75
CA LYS A 114 -1.00 -9.22 -12.94
C LYS A 114 0.47 -9.26 -13.42
N PRO A 115 0.73 -9.43 -14.76
CA PRO A 115 2.10 -9.38 -15.30
C PRO A 115 2.70 -7.97 -15.22
N LYS A 116 3.40 -7.59 -16.28
CA LYS A 116 4.08 -6.32 -16.35
C LYS A 116 5.15 -6.23 -15.26
N PRO A 117 6.18 -7.12 -15.34
CA PRO A 117 7.32 -7.11 -14.42
C PRO A 117 7.82 -5.71 -14.15
N GLN A 118 7.75 -5.29 -12.89
CA GLN A 118 8.14 -3.96 -12.51
C GLN A 118 9.62 -3.87 -12.20
N ALA A 119 10.40 -3.52 -13.21
CA ALA A 119 11.81 -3.33 -13.03
C ALA A 119 12.12 -1.87 -12.76
N GLU A 120 11.88 -1.46 -11.53
CA GLU A 120 12.08 -0.07 -11.14
C GLU A 120 13.49 0.18 -10.62
N SER A 121 14.42 -0.63 -11.06
CA SER A 121 15.81 -0.49 -10.67
C SER A 121 16.43 0.75 -11.29
N LYS A 122 15.84 1.19 -12.42
CA LYS A 122 16.29 2.37 -13.18
C LYS A 122 17.61 2.10 -13.89
N LYS A 123 18.67 1.93 -13.11
CA LYS A 123 20.00 1.64 -13.65
C LYS A 123 20.70 0.63 -12.76
N LYS A 124 21.60 -0.11 -13.34
CA LYS A 124 22.40 -1.08 -12.61
C LYS A 124 23.64 -0.38 -12.09
N LYS A 125 24.15 0.53 -12.89
CA LYS A 125 25.29 1.34 -12.54
C LYS A 125 24.91 2.81 -12.61
N LYS A 126 24.60 3.41 -11.48
CA LYS A 126 24.21 4.81 -11.42
C LYS A 126 25.37 5.71 -11.82
N GLU A 127 26.52 5.45 -11.23
CA GLU A 127 27.71 6.20 -11.49
C GLU A 127 28.93 5.31 -11.30
N GLY A 128 30.11 5.90 -11.29
CA GLY A 128 31.31 5.13 -11.12
C GLY A 128 32.41 5.58 -12.04
N LYS A 129 32.95 6.75 -11.76
CA LYS A 129 34.04 7.30 -12.53
C LYS A 129 35.35 7.12 -11.80
N LYS A 130 36.40 6.81 -12.53
CA LYS A 130 37.70 6.59 -11.95
C LYS A 130 38.42 7.91 -11.70
N GLN A 131 37.82 8.76 -10.86
CA GLN A 131 38.37 10.07 -10.50
C GLN A 131 38.48 10.99 -11.72
N GLU A 132 39.00 12.17 -11.51
CA GLU A 132 39.25 13.11 -12.57
C GLU A 132 40.74 13.22 -12.81
N LYS A 133 41.11 13.74 -13.96
CA LYS A 133 42.50 13.87 -14.30
C LYS A 133 43.06 15.19 -13.82
N MET A 134 44.36 15.24 -13.64
CA MET A 134 45.03 16.45 -13.22
C MET A 134 45.38 17.29 -14.41
N LEU A 135 45.08 18.57 -14.32
CA LEU A 135 45.32 19.49 -15.41
C LEU A 135 46.75 19.99 -15.41
N ASP A 136 47.21 20.46 -16.55
CA ASP A 136 48.56 20.96 -16.70
C ASP A 136 48.66 22.40 -16.25
N GLY A 1 35.67 3.02 -28.62
CA GLY A 1 35.70 2.77 -27.16
C GLY A 1 36.13 3.99 -26.40
N LYS A 2 35.50 4.22 -25.26
CA LYS A 2 35.81 5.37 -24.43
C LYS A 2 35.34 5.14 -23.00
N LYS A 3 35.58 6.11 -22.14
CA LYS A 3 35.16 6.02 -20.75
C LYS A 3 33.75 6.56 -20.58
N GLU A 4 32.77 5.71 -20.80
CA GLU A 4 31.39 6.12 -20.69
C GLU A 4 30.81 5.68 -19.35
N LYS A 5 29.73 6.34 -18.95
CA LYS A 5 29.07 6.08 -17.69
C LYS A 5 28.45 4.67 -17.64
N PRO A 6 28.77 3.90 -16.57
CA PRO A 6 28.19 2.56 -16.34
C PRO A 6 26.70 2.56 -16.16
N GLU A 7 26.28 1.56 -15.44
CA GLU A 7 24.87 1.33 -15.15
C GLU A 7 24.54 1.69 -13.70
N LYS A 8 24.87 2.91 -13.35
CA LYS A 8 24.67 3.44 -11.99
C LYS A 8 25.23 2.50 -10.92
N LYS A 9 26.50 2.65 -10.62
CA LYS A 9 27.15 1.80 -9.65
C LYS A 9 27.60 2.59 -8.43
N VAL A 10 28.06 1.88 -7.42
CA VAL A 10 28.51 2.48 -6.18
C VAL A 10 29.56 1.60 -5.52
N LYS A 11 30.37 2.18 -4.68
CA LYS A 11 31.40 1.46 -3.96
C LYS A 11 30.91 1.12 -2.55
N LYS A 12 31.55 0.13 -1.92
CA LYS A 12 31.19 -0.30 -0.60
C LYS A 12 31.32 0.84 0.41
N SER A 13 30.19 1.30 0.89
CA SER A 13 30.16 2.39 1.85
C SER A 13 29.73 1.87 3.22
N ASP A 14 30.61 2.04 4.20
CA ASP A 14 30.31 1.60 5.57
C ASP A 14 30.05 2.80 6.45
N CYS A 15 29.24 2.61 7.49
CA CYS A 15 28.85 3.67 8.41
C CYS A 15 28.24 4.85 7.65
N GLY A 16 26.97 4.72 7.33
CA GLY A 16 26.33 5.72 6.50
C GLY A 16 24.87 5.98 6.87
N GLU A 17 24.28 6.88 6.11
CA GLU A 17 22.90 7.30 6.29
C GLU A 17 21.93 6.25 5.85
N TRP A 18 20.67 6.46 6.21
CA TRP A 18 19.58 5.59 5.85
C TRP A 18 19.57 5.27 4.36
N GLN A 19 19.58 3.99 4.06
CA GLN A 19 19.49 3.52 2.71
C GLN A 19 18.19 2.75 2.57
N TRP A 20 17.36 3.16 1.64
CA TRP A 20 16.06 2.56 1.48
C TRP A 20 16.02 1.61 0.30
N SER A 21 15.48 0.43 0.54
CA SER A 21 15.33 -0.57 -0.48
C SER A 21 13.92 -0.49 -1.09
N VAL A 22 13.70 -1.20 -2.17
CA VAL A 22 12.40 -1.17 -2.79
C VAL A 22 11.46 -2.21 -2.17
N CYS A 23 10.29 -1.71 -1.84
CA CYS A 23 9.26 -2.45 -1.16
C CYS A 23 8.45 -3.34 -2.07
N VAL A 24 8.23 -4.55 -1.62
CA VAL A 24 7.34 -5.46 -2.29
C VAL A 24 6.02 -5.43 -1.53
N PRO A 25 5.02 -4.68 -2.05
CA PRO A 25 3.75 -4.46 -1.35
C PRO A 25 2.83 -5.67 -1.38
N THR A 26 3.30 -6.75 -1.99
CA THR A 26 2.54 -7.99 -2.09
C THR A 26 1.51 -7.91 -3.23
N SER A 27 0.90 -6.73 -3.36
CA SER A 27 -0.06 -6.44 -4.43
C SER A 27 -1.41 -7.11 -4.18
N GLY A 28 -2.35 -6.90 -5.09
CA GLY A 28 -3.67 -7.46 -4.96
C GLY A 28 -4.68 -6.46 -4.45
N ASP A 29 -4.24 -5.19 -4.37
CA ASP A 29 -5.09 -4.06 -3.90
C ASP A 29 -5.48 -4.24 -2.44
N CYS A 30 -4.85 -5.21 -1.78
CA CYS A 30 -5.16 -5.55 -0.40
C CYS A 30 -3.99 -6.31 0.21
N GLY A 31 -2.79 -6.00 -0.25
CA GLY A 31 -1.65 -6.75 0.18
C GLY A 31 -0.73 -5.96 1.09
N LEU A 32 -0.22 -6.64 2.10
CA LEU A 32 0.73 -6.03 3.02
C LEU A 32 2.14 -6.49 2.64
N GLY A 33 3.04 -5.54 2.45
CA GLY A 33 4.40 -5.88 2.06
C GLY A 33 5.39 -5.25 3.01
N THR A 34 6.69 -5.33 2.72
CA THR A 34 7.67 -4.76 3.64
C THR A 34 8.79 -4.00 2.91
N ARG A 35 9.35 -3.04 3.62
CA ARG A 35 10.47 -2.24 3.15
C ARG A 35 11.53 -2.20 4.23
N GLU A 36 12.78 -2.33 3.85
CA GLU A 36 13.87 -2.34 4.80
C GLU A 36 14.78 -1.14 4.60
N GLY A 37 15.06 -0.44 5.68
CA GLY A 37 15.96 0.67 5.63
C GLY A 37 17.02 0.51 6.68
N THR A 38 18.27 0.75 6.33
CA THR A 38 19.36 0.54 7.25
C THR A 38 20.23 1.78 7.34
N ARG A 39 20.80 1.99 8.50
CA ARG A 39 21.69 3.09 8.74
C ARG A 39 22.78 2.58 9.66
N THR A 40 23.87 3.30 9.73
CA THR A 40 24.92 2.96 10.64
C THR A 40 25.53 4.23 11.18
N GLY A 41 25.94 4.19 12.43
CA GLY A 41 26.51 5.37 13.04
C GLY A 41 28.01 5.31 13.10
N ALA A 42 28.58 6.09 13.99
CA ALA A 42 30.02 6.13 14.15
C ALA A 42 30.54 4.80 14.68
N GLU A 43 29.71 4.14 15.49
CA GLU A 43 30.03 2.84 16.06
C GLU A 43 29.59 1.72 15.14
N CYS A 44 29.03 2.08 13.97
CA CYS A 44 28.45 1.10 13.03
C CYS A 44 27.73 -0.07 13.73
N LYS A 45 26.73 0.25 14.55
CA LYS A 45 25.99 -0.77 15.27
C LYS A 45 24.48 -0.60 15.05
N GLN A 46 23.79 -1.73 14.96
CA GLN A 46 22.34 -1.81 14.72
C GLN A 46 21.81 -0.72 13.76
N THR A 47 21.06 0.25 14.32
CA THR A 47 20.46 1.36 13.55
C THR A 47 19.76 0.91 12.27
N MET A 48 18.98 -0.14 12.39
CA MET A 48 18.25 -0.70 11.27
C MET A 48 16.77 -0.79 11.61
N LYS A 49 15.92 -0.44 10.67
CA LYS A 49 14.48 -0.45 10.87
C LYS A 49 13.77 -1.06 9.69
N THR A 50 12.73 -1.78 9.95
CA THR A 50 11.94 -2.41 8.93
C THR A 50 10.54 -1.84 8.96
N GLN A 51 9.99 -1.58 7.79
CA GLN A 51 8.67 -0.99 7.69
C GLN A 51 7.76 -1.90 6.89
N ARG A 52 6.48 -1.83 7.16
CA ARG A 52 5.52 -2.59 6.41
C ARG A 52 4.74 -1.67 5.52
N CYS A 53 4.68 -1.96 4.25
CA CYS A 53 3.95 -1.12 3.34
C CYS A 53 2.52 -1.63 3.34
N LYS A 54 1.57 -0.78 3.61
CA LYS A 54 0.21 -1.21 3.75
C LYS A 54 -0.68 -0.72 2.63
N ILE A 55 -1.54 -1.60 2.16
CA ILE A 55 -2.50 -1.28 1.14
C ILE A 55 -3.89 -1.36 1.76
N PRO A 56 -4.53 -0.21 2.01
CA PRO A 56 -5.87 -0.18 2.59
C PRO A 56 -6.90 -0.81 1.65
N CYS A 57 -7.25 -2.04 1.93
CA CYS A 57 -8.19 -2.79 1.11
C CYS A 57 -9.61 -2.27 1.30
N ASN A 58 -9.90 -1.84 2.50
CA ASN A 58 -11.22 -1.33 2.83
C ASN A 58 -11.45 0.01 2.18
N TRP A 59 -12.69 0.26 1.77
CA TRP A 59 -13.06 1.55 1.21
C TRP A 59 -12.72 2.66 2.17
N LYS A 60 -11.83 3.52 1.74
CA LYS A 60 -11.34 4.58 2.56
C LYS A 60 -12.31 5.71 2.64
N LYS A 61 -12.32 6.56 1.62
CA LYS A 61 -13.22 7.70 1.53
C LYS A 61 -13.09 8.60 2.77
N GLN A 62 -11.94 8.56 3.39
CA GLN A 62 -11.69 9.32 4.60
C GLN A 62 -10.37 10.03 4.48
N PHE A 63 -10.02 10.39 3.25
CA PHE A 63 -8.78 11.07 2.97
C PHE A 63 -8.78 12.46 3.59
N GLY A 64 -8.17 12.57 4.75
CA GLY A 64 -8.11 13.83 5.45
C GLY A 64 -9.47 14.31 5.93
N ALA A 65 -10.42 13.39 6.00
CA ALA A 65 -11.78 13.70 6.42
C ALA A 65 -11.89 13.65 7.94
N GLU A 66 -10.90 13.08 8.56
CA GLU A 66 -10.88 12.97 10.01
C GLU A 66 -10.22 14.20 10.62
N CYS A 67 -9.72 15.06 9.74
CA CYS A 67 -9.11 16.32 10.14
C CYS A 67 -9.36 17.37 9.05
N LYS A 68 -8.30 17.89 8.44
CA LYS A 68 -8.47 18.89 7.38
C LYS A 68 -7.60 18.55 6.19
N TYR A 69 -8.20 18.46 5.03
CA TYR A 69 -7.48 18.06 3.83
C TYR A 69 -7.74 19.00 2.66
N GLN A 70 -6.78 19.07 1.78
CA GLN A 70 -6.86 19.90 0.59
C GLN A 70 -7.18 19.01 -0.62
N PHE A 71 -8.31 19.28 -1.24
CA PHE A 71 -8.81 18.47 -2.36
C PHE A 71 -8.49 19.07 -3.73
N GLN A 72 -7.67 18.37 -4.48
CA GLN A 72 -7.33 18.74 -5.81
C GLN A 72 -7.67 17.58 -6.77
N ALA A 73 -8.27 17.92 -7.93
CA ALA A 73 -8.67 16.91 -8.93
C ALA A 73 -9.61 15.88 -8.33
N TRP A 74 -10.47 16.32 -7.44
CA TRP A 74 -11.39 15.45 -6.75
C TRP A 74 -12.66 15.28 -7.58
N GLY A 75 -12.91 16.26 -8.42
CA GLY A 75 -14.11 16.31 -9.21
C GLY A 75 -14.25 15.26 -10.31
N GLU A 76 -13.74 15.55 -11.49
CA GLU A 76 -14.00 14.73 -12.65
C GLU A 76 -12.77 14.08 -13.28
N CYS A 77 -12.98 12.86 -13.76
CA CYS A 77 -11.99 12.08 -14.50
C CYS A 77 -11.75 12.70 -15.88
N ASP A 78 -10.61 12.40 -16.50
CA ASP A 78 -10.31 12.97 -17.82
C ASP A 78 -10.74 12.03 -18.93
N LEU A 79 -11.67 12.48 -19.70
CA LEU A 79 -12.22 11.69 -20.78
C LEU A 79 -11.25 11.52 -21.93
N ASN A 80 -10.40 12.51 -22.15
CA ASN A 80 -9.47 12.46 -23.26
C ASN A 80 -8.47 11.37 -23.07
N THR A 81 -8.11 11.12 -21.83
CA THR A 81 -7.09 10.12 -21.54
C THR A 81 -7.70 8.88 -20.93
N ALA A 82 -8.98 8.95 -20.60
CA ALA A 82 -9.68 7.88 -19.91
C ALA A 82 -9.01 7.61 -18.58
N LEU A 83 -8.56 8.67 -17.93
CA LEU A 83 -7.83 8.53 -16.69
C LEU A 83 -8.36 9.40 -15.60
N LYS A 84 -8.23 8.94 -14.40
CA LYS A 84 -8.69 9.67 -13.27
C LYS A 84 -7.59 9.81 -12.26
N THR A 85 -7.46 10.99 -11.74
CA THR A 85 -6.45 11.23 -10.75
C THR A 85 -6.99 12.11 -9.65
N ARG A 86 -6.54 11.87 -8.45
CA ARG A 86 -6.95 12.65 -7.29
C ARG A 86 -5.74 12.97 -6.44
N THR A 87 -5.61 14.23 -6.09
CA THR A 87 -4.49 14.68 -5.29
C THR A 87 -4.98 15.30 -4.00
N GLY A 88 -4.24 15.09 -2.92
CA GLY A 88 -4.63 15.62 -1.65
C GLY A 88 -3.46 15.93 -0.76
N SER A 89 -3.64 16.91 0.11
CA SER A 89 -2.61 17.27 1.07
C SER A 89 -3.21 17.72 2.39
N LEU A 90 -2.53 17.38 3.47
CA LEU A 90 -2.91 17.80 4.79
C LEU A 90 -2.62 19.29 4.94
N LYS A 91 -3.63 20.07 5.26
CA LYS A 91 -3.46 21.50 5.40
C LYS A 91 -3.46 21.95 6.86
N ARG A 92 -3.86 21.04 7.75
CA ARG A 92 -3.92 21.33 9.19
C ARG A 92 -3.70 20.06 9.97
N ALA A 93 -2.86 20.14 10.98
CA ALA A 93 -2.55 18.98 11.79
C ALA A 93 -3.11 19.16 13.19
N LEU A 94 -3.77 18.13 13.67
CA LEU A 94 -4.37 18.18 14.99
C LEU A 94 -3.42 17.59 16.02
N HIS A 95 -3.53 18.03 17.26
CA HIS A 95 -2.64 17.56 18.32
C HIS A 95 -3.05 16.15 18.78
N ASN A 96 -4.21 15.69 18.36
CA ASN A 96 -4.69 14.36 18.74
C ASN A 96 -5.02 13.53 17.51
N ALA A 97 -4.47 13.92 16.39
CA ALA A 97 -4.73 13.24 15.13
C ALA A 97 -3.62 13.46 14.13
N GLU A 98 -2.90 12.40 13.83
CA GLU A 98 -1.84 12.46 12.84
C GLU A 98 -2.41 12.09 11.48
N CYS A 99 -2.49 13.07 10.60
CA CYS A 99 -3.07 12.82 9.32
C CYS A 99 -2.05 12.62 8.22
N GLN A 100 -2.52 12.05 7.14
CA GLN A 100 -1.72 11.86 5.95
C GLN A 100 -1.38 13.21 5.36
N LYS A 101 -0.11 13.41 5.06
CA LYS A 101 0.38 14.69 4.60
C LYS A 101 0.03 14.92 3.15
N THR A 102 0.23 13.92 2.34
CA THR A 102 -0.12 14.05 0.95
C THR A 102 -0.49 12.70 0.33
N VAL A 103 -1.31 12.77 -0.71
CA VAL A 103 -1.76 11.59 -1.42
C VAL A 103 -1.89 11.87 -2.90
N THR A 104 -1.42 10.94 -3.66
CA THR A 104 -1.54 10.98 -5.08
C THR A 104 -2.08 9.65 -5.55
N ILE A 105 -3.17 9.66 -6.28
CA ILE A 105 -3.75 8.43 -6.75
C ILE A 105 -4.28 8.58 -8.16
N SER A 106 -4.00 7.58 -8.96
CA SER A 106 -4.45 7.55 -10.32
C SER A 106 -5.20 6.24 -10.58
N LYS A 107 -6.37 6.35 -11.17
CA LYS A 107 -7.20 5.20 -11.45
C LYS A 107 -7.73 5.29 -12.88
N PRO A 108 -7.19 4.46 -13.79
CA PRO A 108 -7.62 4.44 -15.19
C PRO A 108 -9.13 4.27 -15.32
N CYS A 109 -9.76 5.20 -16.02
CA CYS A 109 -11.20 5.17 -16.23
C CYS A 109 -11.56 4.28 -17.42
N GLY A 110 -12.84 4.20 -17.72
CA GLY A 110 -13.28 3.44 -18.86
C GLY A 110 -13.72 4.34 -19.98
N LYS A 111 -14.04 3.75 -21.12
CA LYS A 111 -14.48 4.52 -22.28
C LYS A 111 -15.96 4.32 -22.52
N LEU A 112 -16.52 5.14 -23.38
CA LEU A 112 -17.93 5.06 -23.70
C LEU A 112 -18.18 4.00 -24.76
N THR A 113 -19.24 3.23 -24.58
CA THR A 113 -19.61 2.22 -25.52
C THR A 113 -20.28 2.85 -26.74
N LYS A 114 -19.75 2.52 -27.92
CA LYS A 114 -20.24 3.07 -29.19
C LYS A 114 -20.07 4.60 -29.22
N PRO A 115 -18.82 5.08 -29.38
CA PRO A 115 -18.51 6.52 -29.42
C PRO A 115 -19.36 7.28 -30.42
N LYS A 116 -19.23 6.89 -31.69
CA LYS A 116 -19.96 7.50 -32.82
C LYS A 116 -20.06 9.05 -32.72
N PRO A 117 -18.91 9.77 -32.59
CA PRO A 117 -18.89 11.23 -32.53
C PRO A 117 -19.57 11.85 -33.73
N GLN A 118 -20.38 12.86 -33.48
CA GLN A 118 -21.09 13.54 -34.53
C GLN A 118 -20.13 14.38 -35.36
N ALA A 119 -19.30 15.15 -34.68
CA ALA A 119 -18.33 16.01 -35.33
C ALA A 119 -17.28 16.49 -34.33
N GLU A 120 -16.04 16.52 -34.77
CA GLU A 120 -14.95 16.97 -33.93
C GLU A 120 -13.95 17.80 -34.73
N SER A 121 -13.53 18.91 -34.15
CA SER A 121 -12.58 19.78 -34.79
C SER A 121 -11.42 20.06 -33.86
N LYS A 122 -10.28 19.47 -34.14
CA LYS A 122 -9.10 19.68 -33.35
C LYS A 122 -7.93 20.08 -34.25
N LYS A 123 -7.84 21.36 -34.53
CA LYS A 123 -6.79 21.90 -35.38
C LYS A 123 -5.88 22.83 -34.57
N LYS A 124 -4.58 22.70 -34.77
CA LYS A 124 -3.60 23.53 -34.09
C LYS A 124 -2.24 23.42 -34.75
N LYS A 125 -1.44 24.43 -34.58
CA LYS A 125 -0.09 24.45 -35.11
C LYS A 125 0.88 24.87 -34.01
N LYS A 126 1.37 23.88 -33.27
CA LYS A 126 2.29 24.10 -32.15
C LYS A 126 1.68 25.02 -31.09
N GLU A 127 2.50 25.48 -30.18
CA GLU A 127 2.08 26.35 -29.11
C GLU A 127 3.27 27.10 -28.56
N GLY A 128 3.02 28.02 -27.65
CA GLY A 128 4.10 28.78 -27.07
C GLY A 128 3.88 30.25 -27.20
N LYS A 129 4.83 30.93 -27.82
CA LYS A 129 4.76 32.36 -27.99
C LYS A 129 4.71 32.74 -29.46
N LYS A 130 4.01 33.82 -29.75
CA LYS A 130 3.88 34.32 -31.09
C LYS A 130 3.53 35.80 -31.05
N GLN A 131 4.09 36.57 -31.98
CA GLN A 131 3.85 38.03 -32.08
C GLN A 131 4.57 38.79 -30.96
N GLU A 132 4.49 38.26 -29.74
CA GLU A 132 5.18 38.84 -28.60
C GLU A 132 6.67 38.60 -28.72
N LYS A 133 7.45 39.68 -28.55
CA LYS A 133 8.90 39.65 -28.69
C LYS A 133 9.31 39.42 -30.15
N MET A 134 10.45 40.00 -30.54
CA MET A 134 10.95 39.92 -31.92
C MET A 134 10.01 40.63 -32.88
N LEU A 135 9.18 41.48 -32.33
CA LEU A 135 8.23 42.24 -33.10
C LEU A 135 8.85 43.54 -33.57
N ASP A 136 8.77 43.78 -34.85
CA ASP A 136 9.35 44.98 -35.43
C ASP A 136 8.31 46.09 -35.47
N GLY A 1 14.84 -9.35 -9.60
CA GLY A 1 16.07 -8.54 -9.40
C GLY A 1 16.81 -8.92 -8.14
N LYS A 2 17.33 -10.15 -8.09
CA LYS A 2 18.04 -10.67 -6.92
C LYS A 2 17.16 -10.57 -5.67
N LYS A 3 16.18 -11.42 -5.59
CA LYS A 3 15.22 -11.41 -4.49
C LYS A 3 15.28 -12.71 -3.68
N GLU A 4 14.32 -12.86 -2.76
CA GLU A 4 14.20 -14.03 -1.89
C GLU A 4 15.28 -14.06 -0.82
N LYS A 5 16.54 -14.07 -1.25
CA LYS A 5 17.71 -14.10 -0.34
C LYS A 5 17.77 -15.41 0.43
N PRO A 6 18.53 -16.40 -0.07
CA PRO A 6 18.67 -17.70 0.57
C PRO A 6 19.74 -17.64 1.67
N GLU A 7 20.60 -18.61 1.67
CA GLU A 7 21.65 -18.70 2.67
C GLU A 7 22.88 -17.93 2.23
N LYS A 8 22.90 -16.64 2.53
CA LYS A 8 24.01 -15.79 2.18
C LYS A 8 23.80 -14.39 2.74
N LYS A 9 24.66 -13.97 3.64
CA LYS A 9 24.57 -12.66 4.22
C LYS A 9 25.42 -11.67 3.46
N VAL A 10 24.94 -10.46 3.36
CA VAL A 10 25.67 -9.41 2.69
C VAL A 10 25.25 -8.06 3.22
N LYS A 11 26.22 -7.20 3.38
CA LYS A 11 26.00 -5.88 3.89
C LYS A 11 26.04 -4.87 2.75
N LYS A 12 25.00 -4.05 2.65
CA LYS A 12 24.92 -3.03 1.62
C LYS A 12 26.08 -2.05 1.77
N SER A 13 26.08 -1.34 2.87
CA SER A 13 27.15 -0.40 3.18
C SER A 13 27.26 -0.24 4.70
N ASP A 14 28.33 -0.78 5.27
CA ASP A 14 28.54 -0.69 6.71
C ASP A 14 29.05 0.69 7.10
N CYS A 15 28.47 1.24 8.16
CA CYS A 15 28.80 2.56 8.65
C CYS A 15 28.47 3.62 7.59
N GLY A 16 27.17 3.80 7.40
CA GLY A 16 26.67 4.70 6.38
C GLY A 16 25.26 5.21 6.67
N GLU A 17 24.77 6.06 5.80
CA GLU A 17 23.46 6.66 5.94
C GLU A 17 22.36 5.69 5.62
N TRP A 18 21.13 6.09 5.95
CA TRP A 18 19.97 5.30 5.70
C TRP A 18 19.93 4.75 4.29
N GLN A 19 19.92 3.44 4.21
CA GLN A 19 19.84 2.73 2.96
C GLN A 19 18.47 2.10 2.88
N TRP A 20 17.69 2.53 1.92
CA TRP A 20 16.32 2.10 1.80
C TRP A 20 16.11 1.11 0.67
N SER A 21 15.22 0.19 0.92
CA SER A 21 14.84 -0.84 -0.02
C SER A 21 13.62 -0.35 -0.81
N VAL A 22 13.20 -1.13 -1.79
CA VAL A 22 12.11 -0.70 -2.62
C VAL A 22 10.81 -1.26 -2.07
N CYS A 23 9.81 -0.39 -1.91
CA CYS A 23 8.52 -0.78 -1.38
C CYS A 23 7.83 -1.82 -2.24
N VAL A 24 7.99 -3.07 -1.85
CA VAL A 24 7.34 -4.16 -2.52
C VAL A 24 6.14 -4.60 -1.68
N PRO A 25 4.93 -4.18 -2.07
CA PRO A 25 3.71 -4.53 -1.34
C PRO A 25 3.36 -5.99 -1.55
N THR A 26 3.90 -6.55 -2.63
CA THR A 26 3.76 -7.96 -3.03
C THR A 26 2.83 -8.07 -4.24
N SER A 27 1.85 -7.17 -4.30
CA SER A 27 0.92 -7.07 -5.43
C SER A 27 -0.14 -8.17 -5.41
N GLY A 28 -0.78 -8.37 -6.56
CA GLY A 28 -1.87 -9.30 -6.66
C GLY A 28 -3.17 -8.59 -6.68
N ASP A 29 -3.73 -8.45 -5.54
CA ASP A 29 -4.97 -7.74 -5.34
C ASP A 29 -5.02 -7.38 -3.87
N CYS A 30 -3.99 -6.63 -3.49
CA CYS A 30 -3.75 -6.21 -2.10
C CYS A 30 -3.05 -7.31 -1.34
N GLY A 31 -1.74 -7.17 -1.26
CA GLY A 31 -0.93 -8.15 -0.60
C GLY A 31 -0.05 -7.51 0.43
N LEU A 32 0.39 -8.28 1.40
CA LEU A 32 1.25 -7.74 2.44
C LEU A 32 2.69 -7.70 1.93
N GLY A 33 3.33 -6.56 2.13
CA GLY A 33 4.68 -6.37 1.63
C GLY A 33 5.52 -5.62 2.63
N THR A 34 6.81 -5.48 2.36
CA THR A 34 7.71 -4.88 3.33
C THR A 34 8.80 -4.00 2.71
N ARG A 35 9.37 -3.13 3.53
CA ARG A 35 10.47 -2.27 3.13
C ARG A 35 11.50 -2.24 4.28
N GLU A 36 12.77 -2.31 3.93
CA GLU A 36 13.85 -2.32 4.93
C GLU A 36 14.72 -1.09 4.78
N GLY A 37 15.00 -0.42 5.90
CA GLY A 37 15.89 0.71 5.87
C GLY A 37 16.90 0.60 7.00
N THR A 38 18.18 0.72 6.68
CA THR A 38 19.22 0.56 7.69
C THR A 38 20.21 1.72 7.64
N ARG A 39 20.75 2.10 8.79
CA ARG A 39 21.72 3.18 8.88
C ARG A 39 22.75 2.84 9.95
N THR A 40 23.92 3.41 9.84
CA THR A 40 24.94 3.21 10.81
C THR A 40 25.82 4.45 10.91
N GLY A 41 26.27 4.77 12.10
CA GLY A 41 27.16 5.88 12.26
C GLY A 41 28.58 5.45 12.04
N ALA A 42 29.53 6.34 12.28
CA ALA A 42 30.93 6.00 12.13
C ALA A 42 31.29 4.84 13.06
N GLU A 43 30.60 4.78 14.19
CA GLU A 43 30.80 3.71 15.15
C GLU A 43 29.90 2.51 14.86
N CYS A 44 29.18 2.54 13.73
CA CYS A 44 28.21 1.49 13.40
C CYS A 44 27.29 1.13 14.59
N LYS A 45 26.29 1.99 14.79
CA LYS A 45 25.33 1.85 15.90
C LYS A 45 24.22 0.84 15.55
N GLN A 46 24.34 0.24 14.36
CA GLN A 46 23.37 -0.73 13.83
C GLN A 46 21.94 -0.23 13.96
N THR A 47 21.69 0.92 13.38
CA THR A 47 20.37 1.51 13.42
C THR A 47 19.55 1.04 12.23
N MET A 48 18.67 0.12 12.47
CA MET A 48 17.88 -0.47 11.40
C MET A 48 16.43 -0.61 11.78
N LYS A 49 15.56 -0.45 10.81
CA LYS A 49 14.14 -0.57 11.02
C LYS A 49 13.48 -1.23 9.82
N THR A 50 12.50 -2.03 10.09
CA THR A 50 11.75 -2.69 9.06
C THR A 50 10.31 -2.20 9.10
N GLN A 51 9.74 -1.97 7.94
CA GLN A 51 8.42 -1.40 7.85
C GLN A 51 7.56 -2.16 6.84
N ARG A 52 6.28 -2.23 7.14
CA ARG A 52 5.32 -2.85 6.24
C ARG A 52 4.87 -1.80 5.23
N CYS A 53 4.78 -2.17 3.98
CA CYS A 53 4.41 -1.20 2.97
C CYS A 53 2.89 -1.21 2.83
N LYS A 54 2.30 -0.12 2.39
CA LYS A 54 0.87 -0.04 2.30
C LYS A 54 0.41 0.04 0.86
N ILE A 55 -0.66 -0.69 0.57
CA ILE A 55 -1.22 -0.75 -0.77
C ILE A 55 -2.66 -0.21 -0.76
N PRO A 56 -2.90 0.93 -1.42
CA PRO A 56 -4.24 1.54 -1.49
C PRO A 56 -5.26 0.62 -2.16
N CYS A 57 -6.14 0.06 -1.36
CA CYS A 57 -7.15 -0.85 -1.85
C CYS A 57 -8.46 -0.12 -2.11
N ASN A 58 -9.46 -0.86 -2.59
CA ASN A 58 -10.77 -0.31 -2.89
C ASN A 58 -11.51 0.04 -1.59
N TRP A 59 -12.33 1.08 -1.65
CA TRP A 59 -13.10 1.53 -0.50
C TRP A 59 -14.08 0.46 -0.04
N LYS A 60 -14.61 0.62 1.15
CA LYS A 60 -15.55 -0.33 1.71
C LYS A 60 -16.78 0.39 2.25
N LYS A 61 -17.72 -0.39 2.75
CA LYS A 61 -18.94 0.16 3.34
C LYS A 61 -18.74 0.32 4.83
N GLN A 62 -17.58 -0.10 5.29
CA GLN A 62 -17.19 0.03 6.68
C GLN A 62 -15.75 0.49 6.69
N PHE A 63 -15.56 1.76 6.91
CA PHE A 63 -14.24 2.35 6.83
C PHE A 63 -13.44 2.15 8.12
N GLY A 64 -13.43 0.93 8.60
CA GLY A 64 -12.70 0.61 9.80
C GLY A 64 -13.37 -0.49 10.59
N ALA A 65 -12.76 -0.88 11.70
CA ALA A 65 -13.33 -1.90 12.55
C ALA A 65 -13.77 -1.32 13.88
N GLU A 66 -12.81 -0.79 14.63
CA GLU A 66 -13.09 -0.19 15.92
C GLU A 66 -13.14 1.31 15.81
N CYS A 67 -12.81 1.82 14.64
CA CYS A 67 -12.87 3.23 14.36
C CYS A 67 -14.34 3.62 14.16
N LYS A 68 -14.65 4.89 14.14
CA LYS A 68 -16.05 5.32 14.00
C LYS A 68 -16.21 6.26 12.83
N TYR A 69 -17.11 5.93 11.93
CA TYR A 69 -17.34 6.73 10.76
C TYR A 69 -18.79 7.14 10.65
N GLN A 70 -19.04 8.24 10.00
CA GLN A 70 -20.38 8.75 9.84
C GLN A 70 -20.91 8.41 8.46
N PHE A 71 -22.17 8.04 8.39
CA PHE A 71 -22.84 7.69 7.15
C PHE A 71 -23.59 8.90 6.63
N GLN A 72 -23.56 9.12 5.34
CA GLN A 72 -24.26 10.24 4.76
C GLN A 72 -25.75 9.93 4.67
N ALA A 73 -26.54 10.96 4.46
CA ALA A 73 -27.99 10.83 4.42
C ALA A 73 -28.53 11.81 3.39
N TRP A 74 -27.69 12.06 2.40
CA TRP A 74 -27.96 13.04 1.37
C TRP A 74 -28.74 12.44 0.21
N GLY A 75 -28.82 11.12 0.15
CA GLY A 75 -29.45 10.49 -0.98
C GLY A 75 -28.45 9.82 -1.87
N GLU A 76 -28.66 8.56 -2.16
CA GLU A 76 -27.74 7.81 -2.97
C GLU A 76 -28.29 7.59 -4.36
N CYS A 77 -27.44 7.82 -5.35
CA CYS A 77 -27.78 7.63 -6.76
C CYS A 77 -28.80 8.65 -7.24
N ASP A 78 -28.32 9.62 -7.97
CA ASP A 78 -29.17 10.63 -8.54
C ASP A 78 -29.66 10.12 -9.88
N LEU A 79 -30.93 9.85 -9.95
CA LEU A 79 -31.51 9.26 -11.15
C LEU A 79 -31.51 10.24 -12.30
N ASN A 80 -31.61 11.51 -12.00
CA ASN A 80 -31.61 12.54 -13.02
C ASN A 80 -30.26 12.63 -13.69
N THR A 81 -29.22 12.32 -12.95
CA THR A 81 -27.87 12.43 -13.51
C THR A 81 -27.30 11.06 -13.85
N ALA A 82 -28.03 10.03 -13.45
CA ALA A 82 -27.63 8.63 -13.63
C ALA A 82 -26.30 8.38 -12.92
N LEU A 83 -26.08 9.09 -11.84
CA LEU A 83 -24.82 9.01 -11.11
C LEU A 83 -25.03 8.79 -9.65
N LYS A 84 -24.00 8.33 -8.99
CA LYS A 84 -24.06 8.04 -7.59
C LYS A 84 -22.90 8.69 -6.88
N THR A 85 -23.17 9.22 -5.71
CA THR A 85 -22.14 9.84 -4.91
C THR A 85 -22.30 9.45 -3.46
N ARG A 86 -21.18 9.32 -2.79
CA ARG A 86 -21.15 8.97 -1.39
C ARG A 86 -20.07 9.75 -0.68
N THR A 87 -20.44 10.39 0.40
CA THR A 87 -19.48 11.12 1.18
C THR A 87 -19.47 10.63 2.62
N GLY A 88 -18.32 10.66 3.24
CA GLY A 88 -18.21 10.19 4.60
C GLY A 88 -17.13 10.92 5.35
N SER A 89 -17.30 11.00 6.65
CA SER A 89 -16.32 11.67 7.48
C SER A 89 -16.08 10.92 8.77
N LEU A 90 -14.85 11.02 9.27
CA LEU A 90 -14.45 10.42 10.49
C LEU A 90 -14.92 11.27 11.66
N LYS A 91 -15.64 10.66 12.60
CA LYS A 91 -16.17 11.41 13.73
C LYS A 91 -15.17 11.49 14.88
N ARG A 92 -14.36 10.46 15.08
CA ARG A 92 -13.36 10.46 16.14
C ARG A 92 -12.30 9.41 15.85
N ALA A 93 -11.05 9.74 16.13
CA ALA A 93 -9.95 8.83 15.90
C ALA A 93 -9.46 8.26 17.22
N LEU A 94 -8.89 7.07 17.18
CA LEU A 94 -8.40 6.43 18.40
C LEU A 94 -6.95 6.79 18.64
N HIS A 95 -6.44 6.32 19.76
CA HIS A 95 -5.05 6.61 20.14
C HIS A 95 -4.07 5.81 19.29
N ASN A 96 -4.50 4.65 18.81
CA ASN A 96 -3.65 3.81 17.98
C ASN A 96 -4.40 3.40 16.73
N ALA A 97 -5.08 4.36 16.14
CA ALA A 97 -5.84 4.12 14.93
C ALA A 97 -5.95 5.38 14.11
N GLU A 98 -5.09 5.50 13.13
CA GLU A 98 -5.11 6.64 12.24
C GLU A 98 -6.19 6.41 11.21
N CYS A 99 -7.25 7.18 11.29
CA CYS A 99 -8.36 7.01 10.38
C CYS A 99 -8.47 8.18 9.41
N GLN A 100 -9.04 7.87 8.26
CA GLN A 100 -9.28 8.87 7.22
C GLN A 100 -10.36 9.85 7.69
N LYS A 101 -10.10 11.14 7.52
CA LYS A 101 -10.98 12.18 8.01
C LYS A 101 -12.22 12.29 7.14
N THR A 102 -12.04 12.23 5.84
CA THR A 102 -13.19 12.23 4.97
C THR A 102 -12.91 11.58 3.63
N VAL A 103 -13.92 10.93 3.11
CA VAL A 103 -13.85 10.32 1.80
C VAL A 103 -15.07 10.66 0.97
N THR A 104 -14.83 10.93 -0.26
CA THR A 104 -15.87 11.21 -1.20
C THR A 104 -15.66 10.35 -2.44
N ILE A 105 -16.70 9.64 -2.84
CA ILE A 105 -16.62 8.73 -3.97
C ILE A 105 -17.84 8.86 -4.86
N SER A 106 -17.61 8.89 -6.16
CA SER A 106 -18.69 8.97 -7.10
C SER A 106 -18.58 7.82 -8.12
N LYS A 107 -19.70 7.18 -8.40
CA LYS A 107 -19.75 6.09 -9.34
C LYS A 107 -20.96 6.23 -10.25
N PRO A 108 -20.75 6.10 -11.58
CA PRO A 108 -21.87 6.12 -12.52
C PRO A 108 -22.92 5.08 -12.10
N CYS A 109 -24.17 5.54 -11.96
CA CYS A 109 -25.24 4.69 -11.41
C CYS A 109 -26.15 4.10 -12.47
N GLY A 110 -26.58 4.93 -13.42
CA GLY A 110 -27.52 4.48 -14.43
C GLY A 110 -26.98 3.37 -15.30
N LYS A 111 -25.73 3.49 -15.68
CA LYS A 111 -25.12 2.50 -16.54
C LYS A 111 -23.92 1.88 -15.85
N LEU A 112 -23.80 0.59 -15.93
CA LEU A 112 -22.70 -0.13 -15.33
C LEU A 112 -21.45 0.03 -16.15
N THR A 113 -20.50 0.77 -15.63
CA THR A 113 -19.24 0.97 -16.28
C THR A 113 -18.24 -0.07 -15.84
N LYS A 114 -17.84 -0.92 -16.75
CA LYS A 114 -16.89 -1.99 -16.45
C LYS A 114 -15.69 -1.93 -17.39
N PRO A 115 -14.72 -1.07 -17.08
CA PRO A 115 -13.50 -0.91 -17.88
C PRO A 115 -12.62 -2.16 -17.90
N LYS A 116 -11.68 -2.18 -18.83
CA LYS A 116 -10.69 -3.23 -18.90
C LYS A 116 -9.31 -2.62 -19.20
N PRO A 117 -8.78 -1.79 -18.28
CA PRO A 117 -7.45 -1.20 -18.43
C PRO A 117 -6.35 -2.27 -18.53
N GLN A 118 -5.90 -2.52 -19.74
CA GLN A 118 -4.81 -3.46 -19.97
C GLN A 118 -3.51 -2.78 -19.56
N ALA A 119 -3.36 -1.55 -20.03
CA ALA A 119 -2.21 -0.70 -19.72
C ALA A 119 -0.89 -1.35 -20.11
N GLU A 120 0.18 -0.72 -19.71
CA GLU A 120 1.51 -1.22 -19.94
C GLU A 120 2.21 -1.38 -18.61
N SER A 121 3.34 -2.05 -18.61
CA SER A 121 4.08 -2.22 -17.39
C SER A 121 4.83 -0.93 -17.05
N LYS A 122 4.20 -0.10 -16.25
CA LYS A 122 4.76 1.17 -15.85
C LYS A 122 5.53 1.01 -14.55
N LYS A 123 6.84 1.01 -14.65
CA LYS A 123 7.68 0.86 -13.48
C LYS A 123 8.47 2.14 -13.22
N LYS A 124 8.88 2.33 -11.99
CA LYS A 124 9.66 3.49 -11.62
C LYS A 124 11.14 3.25 -11.89
N LYS A 125 11.56 2.01 -11.73
CA LYS A 125 12.94 1.62 -11.99
C LYS A 125 13.27 1.85 -13.46
N LYS A 126 14.44 2.40 -13.72
CA LYS A 126 14.86 2.69 -15.09
C LYS A 126 15.53 1.47 -15.72
N GLU A 127 16.00 1.62 -16.94
CA GLU A 127 16.71 0.55 -17.61
C GLU A 127 18.17 0.59 -17.21
N GLY A 128 18.49 -0.06 -16.11
CA GLY A 128 19.84 -0.07 -15.62
C GLY A 128 20.19 -1.36 -14.95
N LYS A 129 20.91 -2.21 -15.64
CA LYS A 129 21.34 -3.47 -15.10
C LYS A 129 22.71 -3.81 -15.66
N LYS A 130 23.54 -4.47 -14.84
CA LYS A 130 24.93 -4.77 -15.21
C LYS A 130 25.71 -3.48 -15.42
N GLN A 131 26.92 -3.60 -15.95
CA GLN A 131 27.77 -2.44 -16.25
C GLN A 131 28.02 -1.59 -15.01
N GLU A 132 28.76 -2.16 -14.08
CA GLU A 132 29.09 -1.47 -12.84
C GLU A 132 30.58 -1.13 -12.81
N LYS A 133 30.88 0.12 -12.52
CA LYS A 133 32.25 0.62 -12.48
C LYS A 133 32.93 0.48 -13.84
N MET A 134 32.69 1.44 -14.70
CA MET A 134 33.23 1.43 -16.05
C MET A 134 34.64 1.97 -16.06
N LEU A 135 35.55 1.23 -16.71
CA LEU A 135 36.96 1.61 -16.83
C LEU A 135 37.62 1.69 -15.45
N ASP A 136 37.08 0.93 -14.51
CA ASP A 136 37.60 0.89 -13.15
C ASP A 136 38.79 -0.04 -13.07
#